data_2BNK
# 
_entry.id   2BNK 
# 
_audit_conform.dict_name       mmcif_pdbx.dic 
_audit_conform.dict_version    5.391 
_audit_conform.dict_location   http://mmcif.pdb.org/dictionaries/ascii/mmcif_pdbx.dic 
# 
loop_
_database_2.database_id 
_database_2.database_code 
_database_2.pdbx_database_accession 
_database_2.pdbx_DOI 
PDB   2BNK         pdb_00002bnk 10.2210/pdb2bnk/pdb 
PDBE  EBI-22789    ?            ?                   
WWPDB D_1290022789 ?            ?                   
# 
loop_
_pdbx_audit_revision_history.ordinal 
_pdbx_audit_revision_history.data_content_type 
_pdbx_audit_revision_history.major_revision 
_pdbx_audit_revision_history.minor_revision 
_pdbx_audit_revision_history.revision_date 
1 'Structure model' 1 0 2005-04-05 
2 'Structure model' 1 1 2011-05-08 
3 'Structure model' 1 2 2011-07-13 
4 'Structure model' 1 3 2024-05-08 
# 
_pdbx_audit_revision_details.ordinal             1 
_pdbx_audit_revision_details.revision_ordinal    1 
_pdbx_audit_revision_details.data_content_type   'Structure model' 
_pdbx_audit_revision_details.provider            repository 
_pdbx_audit_revision_details.type                'Initial release' 
_pdbx_audit_revision_details.description         ? 
_pdbx_audit_revision_details.details             ? 
# 
loop_
_pdbx_audit_revision_group.ordinal 
_pdbx_audit_revision_group.revision_ordinal 
_pdbx_audit_revision_group.data_content_type 
_pdbx_audit_revision_group.group 
1 2 'Structure model' 'Version format compliance' 
2 3 'Structure model' 'Version format compliance' 
3 4 'Structure model' 'Data collection'           
4 4 'Structure model' 'Database references'       
# 
loop_
_pdbx_audit_revision_category.ordinal 
_pdbx_audit_revision_category.revision_ordinal 
_pdbx_audit_revision_category.data_content_type 
_pdbx_audit_revision_category.category 
1 4 'Structure model' chem_comp_atom 
2 4 'Structure model' chem_comp_bond 
3 4 'Structure model' database_2     
# 
loop_
_pdbx_audit_revision_item.ordinal 
_pdbx_audit_revision_item.revision_ordinal 
_pdbx_audit_revision_item.data_content_type 
_pdbx_audit_revision_item.item 
1 4 'Structure model' '_database_2.pdbx_DOI'                
2 4 'Structure model' '_database_2.pdbx_database_accession' 
# 
_pdbx_database_status.status_code                     REL 
_pdbx_database_status.entry_id                        2BNK 
_pdbx_database_status.deposit_site                    PDBE 
_pdbx_database_status.process_site                    PDBE 
_pdbx_database_status.SG_entry                        . 
_pdbx_database_status.recvd_initial_deposition_date   2005-03-28 
_pdbx_database_status.pdb_format_compatible           Y 
_pdbx_database_status.status_code_sf                  ? 
_pdbx_database_status.status_code_mr                  ? 
_pdbx_database_status.status_code_cs                  ? 
_pdbx_database_status.methods_development_category    ? 
_pdbx_database_status.status_code_nmr_data            ? 
# 
loop_
_audit_author.name 
_audit_author.pdbx_ordinal 
'Albert, A.'          1 
'Asensio, J.L.'       2 
'Munoz-Espin, D.'     3 
'Gonzalez, C.'        4 
'Hermoso, J.A.'       5 
'Villar, L.'          6 
'Jimenez-Barbero, J.' 7 
'Salas, M.'           8 
'Meijer, W.J.J.'      9 
# 
_citation.id                        primary 
_citation.title                     
'Structure of the Functional Domain of {Varphi}29 Replication Organizer: Insights Into Oligomerization and DNA Binding.' 
_citation.journal_abbrev            J.Biol.Chem. 
_citation.journal_volume            280 
_citation.page_first                20730 
_citation.page_last                 ? 
_citation.year                      2005 
_citation.journal_id_ASTM           JBCHA3 
_citation.country                   US 
_citation.journal_id_ISSN           0021-9258 
_citation.journal_id_CSD            0071 
_citation.book_publisher            ? 
_citation.pdbx_database_id_PubMed   15772069 
_citation.pdbx_database_id_DOI      10.1074/JBC.M501687200 
# 
loop_
_citation_author.citation_id 
_citation_author.name 
_citation_author.ordinal 
_citation_author.identifier_ORCID 
primary 'Asensio, J.L.'       1 ? 
primary 'Albert, A.'          2 ? 
primary 'Munoz-Espin, D.'     3 ? 
primary 'Gonzalez, C.'        4 ? 
primary 'Hermoso, J.A.'       5 ? 
primary 'Villar, L.'          6 ? 
primary 'Jimenez-Barbero, J.' 7 ? 
primary 'Salas, M.'           8 ? 
primary 'Meijer, W.J.J.'      9 ? 
# 
loop_
_entity.id 
_entity.type 
_entity.src_method 
_entity.pdbx_description 
_entity.formula_weight 
_entity.pdbx_number_of_molecules 
_entity.pdbx_ec 
_entity.pdbx_mutation 
_entity.pdbx_fragment 
_entity.details 
1 polymer man 'EARLY PROTEIN GP16.7' 7937.970 2  ? ? 'RESIDUES 64-130' 'DSDNA AND SSDNA BINDING PROTEIN' 
2 water   nat water                  18.015   27 ? ? ?                 ?                                 
# 
_entity_poly.entity_id                      1 
_entity_poly.type                           'polypeptide(L)' 
_entity_poly.nstd_linkage                   no 
_entity_poly.nstd_monomer                   no 
_entity_poly.pdbx_seq_one_letter_code       KTVNLSACEVAVLDLYEQSNIRIPSDIIEDLVNQRLQSEQEVLNYIETQRTYWKLENQKKLYRGSLK 
_entity_poly.pdbx_seq_one_letter_code_can   KTVNLSACEVAVLDLYEQSNIRIPSDIIEDLVNQRLQSEQEVLNYIETQRTYWKLENQKKLYRGSLK 
_entity_poly.pdbx_strand_id                 A,B 
_entity_poly.pdbx_target_identifier         ? 
# 
_pdbx_entity_nonpoly.entity_id   2 
_pdbx_entity_nonpoly.name        water 
_pdbx_entity_nonpoly.comp_id     HOH 
# 
loop_
_entity_poly_seq.entity_id 
_entity_poly_seq.num 
_entity_poly_seq.mon_id 
_entity_poly_seq.hetero 
1 1  LYS n 
1 2  THR n 
1 3  VAL n 
1 4  ASN n 
1 5  LEU n 
1 6  SER n 
1 7  ALA n 
1 8  CYS n 
1 9  GLU n 
1 10 VAL n 
1 11 ALA n 
1 12 VAL n 
1 13 LEU n 
1 14 ASP n 
1 15 LEU n 
1 16 TYR n 
1 17 GLU n 
1 18 GLN n 
1 19 SER n 
1 20 ASN n 
1 21 ILE n 
1 22 ARG n 
1 23 ILE n 
1 24 PRO n 
1 25 SER n 
1 26 ASP n 
1 27 ILE n 
1 28 ILE n 
1 29 GLU n 
1 30 ASP n 
1 31 LEU n 
1 32 VAL n 
1 33 ASN n 
1 34 GLN n 
1 35 ARG n 
1 36 LEU n 
1 37 GLN n 
1 38 SER n 
1 39 GLU n 
1 40 GLN n 
1 41 GLU n 
1 42 VAL n 
1 43 LEU n 
1 44 ASN n 
1 45 TYR n 
1 46 ILE n 
1 47 GLU n 
1 48 THR n 
1 49 GLN n 
1 50 ARG n 
1 51 THR n 
1 52 TYR n 
1 53 TRP n 
1 54 LYS n 
1 55 LEU n 
1 56 GLU n 
1 57 ASN n 
1 58 GLN n 
1 59 LYS n 
1 60 LYS n 
1 61 LEU n 
1 62 TYR n 
1 63 ARG n 
1 64 GLY n 
1 65 SER n 
1 66 LEU n 
1 67 LYS n 
# 
_entity_src_gen.entity_id                          1 
_entity_src_gen.pdbx_src_id                        1 
_entity_src_gen.pdbx_alt_source_flag               sample 
_entity_src_gen.pdbx_seq_type                      ? 
_entity_src_gen.pdbx_beg_seq_num                   ? 
_entity_src_gen.pdbx_end_seq_num                   ? 
_entity_src_gen.gene_src_common_name               ? 
_entity_src_gen.gene_src_genus                     ? 
_entity_src_gen.pdbx_gene_src_gene                 ? 
_entity_src_gen.gene_src_species                   ? 
_entity_src_gen.gene_src_strain                    ? 
_entity_src_gen.gene_src_tissue                    ? 
_entity_src_gen.gene_src_tissue_fraction           ? 
_entity_src_gen.gene_src_details                   ? 
_entity_src_gen.pdbx_gene_src_fragment             ? 
_entity_src_gen.pdbx_gene_src_scientific_name      'BACILLUS PHAGE PHI29' 
_entity_src_gen.pdbx_gene_src_ncbi_taxonomy_id     10756 
_entity_src_gen.pdbx_gene_src_variant              ? 
_entity_src_gen.pdbx_gene_src_cell_line            ? 
_entity_src_gen.pdbx_gene_src_atcc                 ? 
_entity_src_gen.pdbx_gene_src_organ                ? 
_entity_src_gen.pdbx_gene_src_organelle            ? 
_entity_src_gen.pdbx_gene_src_cell                 ? 
_entity_src_gen.pdbx_gene_src_cellular_location    ? 
_entity_src_gen.host_org_common_name               ? 
_entity_src_gen.pdbx_host_org_scientific_name      'ESCHERICHIA COLI' 
_entity_src_gen.pdbx_host_org_ncbi_taxonomy_id     562 
_entity_src_gen.host_org_genus                     ? 
_entity_src_gen.pdbx_host_org_gene                 ? 
_entity_src_gen.pdbx_host_org_organ                ? 
_entity_src_gen.host_org_species                   ? 
_entity_src_gen.pdbx_host_org_tissue               ? 
_entity_src_gen.pdbx_host_org_tissue_fraction      ? 
_entity_src_gen.pdbx_host_org_strain               ? 
_entity_src_gen.pdbx_host_org_variant              ? 
_entity_src_gen.pdbx_host_org_cell_line            ? 
_entity_src_gen.pdbx_host_org_atcc                 ? 
_entity_src_gen.pdbx_host_org_culture_collection   ? 
_entity_src_gen.pdbx_host_org_cell                 ? 
_entity_src_gen.pdbx_host_org_organelle            ? 
_entity_src_gen.pdbx_host_org_cellular_location    ? 
_entity_src_gen.pdbx_host_org_vector_type          ? 
_entity_src_gen.pdbx_host_org_vector               ? 
_entity_src_gen.host_org_details                   ? 
_entity_src_gen.expression_system_id               ? 
_entity_src_gen.plasmid_name                       ? 
_entity_src_gen.plasmid_details                    ? 
_entity_src_gen.pdbx_description                   ? 
# 
loop_
_chem_comp.id 
_chem_comp.type 
_chem_comp.mon_nstd_flag 
_chem_comp.name 
_chem_comp.pdbx_synonyms 
_chem_comp.formula 
_chem_comp.formula_weight 
ALA 'L-peptide linking' y ALANINE         ? 'C3 H7 N O2'     89.093  
ARG 'L-peptide linking' y ARGININE        ? 'C6 H15 N4 O2 1' 175.209 
ASN 'L-peptide linking' y ASPARAGINE      ? 'C4 H8 N2 O3'    132.118 
ASP 'L-peptide linking' y 'ASPARTIC ACID' ? 'C4 H7 N O4'     133.103 
CYS 'L-peptide linking' y CYSTEINE        ? 'C3 H7 N O2 S'   121.158 
GLN 'L-peptide linking' y GLUTAMINE       ? 'C5 H10 N2 O3'   146.144 
GLU 'L-peptide linking' y 'GLUTAMIC ACID' ? 'C5 H9 N O4'     147.129 
GLY 'peptide linking'   y GLYCINE         ? 'C2 H5 N O2'     75.067  
HOH non-polymer         . WATER           ? 'H2 O'           18.015  
ILE 'L-peptide linking' y ISOLEUCINE      ? 'C6 H13 N O2'    131.173 
LEU 'L-peptide linking' y LEUCINE         ? 'C6 H13 N O2'    131.173 
LYS 'L-peptide linking' y LYSINE          ? 'C6 H15 N2 O2 1' 147.195 
PRO 'L-peptide linking' y PROLINE         ? 'C5 H9 N O2'     115.130 
SER 'L-peptide linking' y SERINE          ? 'C3 H7 N O3'     105.093 
THR 'L-peptide linking' y THREONINE       ? 'C4 H9 N O3'     119.119 
TRP 'L-peptide linking' y TRYPTOPHAN      ? 'C11 H12 N2 O2'  204.225 
TYR 'L-peptide linking' y TYROSINE        ? 'C9 H11 N O3'    181.189 
VAL 'L-peptide linking' y VALINE          ? 'C5 H11 N O2'    117.146 
# 
loop_
_pdbx_poly_seq_scheme.asym_id 
_pdbx_poly_seq_scheme.entity_id 
_pdbx_poly_seq_scheme.seq_id 
_pdbx_poly_seq_scheme.mon_id 
_pdbx_poly_seq_scheme.ndb_seq_num 
_pdbx_poly_seq_scheme.pdb_seq_num 
_pdbx_poly_seq_scheme.auth_seq_num 
_pdbx_poly_seq_scheme.pdb_mon_id 
_pdbx_poly_seq_scheme.auth_mon_id 
_pdbx_poly_seq_scheme.pdb_strand_id 
_pdbx_poly_seq_scheme.pdb_ins_code 
_pdbx_poly_seq_scheme.hetero 
A 1 1  LYS 1  63  ?   ?   ?   A . n 
A 1 2  THR 2  64  ?   ?   ?   A . n 
A 1 3  VAL 3  65  65  VAL VAL A . n 
A 1 4  ASN 4  66  66  ASN ASN A . n 
A 1 5  LEU 5  67  67  LEU LEU A . n 
A 1 6  SER 6  68  68  SER SER A . n 
A 1 7  ALA 7  69  69  ALA ALA A . n 
A 1 8  CYS 8  70  70  CYS CYS A . n 
A 1 9  GLU 9  71  71  GLU GLU A . n 
A 1 10 VAL 10 72  72  VAL VAL A . n 
A 1 11 ALA 11 73  73  ALA ALA A . n 
A 1 12 VAL 12 74  74  VAL VAL A . n 
A 1 13 LEU 13 75  75  LEU LEU A . n 
A 1 14 ASP 14 76  76  ASP ASP A . n 
A 1 15 LEU 15 77  77  LEU LEU A . n 
A 1 16 TYR 16 78  78  TYR TYR A . n 
A 1 17 GLU 17 79  79  GLU GLU A . n 
A 1 18 GLN 18 80  80  GLN GLN A . n 
A 1 19 SER 19 81  81  SER SER A . n 
A 1 20 ASN 20 82  82  ASN ASN A . n 
A 1 21 ILE 21 83  83  ILE ILE A . n 
A 1 22 ARG 22 84  84  ARG ARG A . n 
A 1 23 ILE 23 85  85  ILE ILE A . n 
A 1 24 PRO 24 86  86  PRO PRO A . n 
A 1 25 SER 25 87  87  SER SER A . n 
A 1 26 ASP 26 88  88  ASP ASP A . n 
A 1 27 ILE 27 89  89  ILE ILE A . n 
A 1 28 ILE 28 90  90  ILE ILE A . n 
A 1 29 GLU 29 91  91  GLU GLU A . n 
A 1 30 ASP 30 92  92  ASP ASP A . n 
A 1 31 LEU 31 93  93  LEU LEU A . n 
A 1 32 VAL 32 94  94  VAL VAL A . n 
A 1 33 ASN 33 95  95  ASN ASN A . n 
A 1 34 GLN 34 96  96  GLN GLN A . n 
A 1 35 ARG 35 97  97  ARG ARG A . n 
A 1 36 LEU 36 98  98  LEU LEU A . n 
A 1 37 GLN 37 99  99  GLN GLN A . n 
A 1 38 SER 38 100 100 SER SER A . n 
A 1 39 GLU 39 101 101 GLU GLU A . n 
A 1 40 GLN 40 102 102 GLN GLN A . n 
A 1 41 GLU 41 103 103 GLU GLU A . n 
A 1 42 VAL 42 104 104 VAL VAL A . n 
A 1 43 LEU 43 105 105 LEU LEU A . n 
A 1 44 ASN 44 106 106 ASN ASN A . n 
A 1 45 TYR 45 107 107 TYR TYR A . n 
A 1 46 ILE 46 108 108 ILE ILE A . n 
A 1 47 GLU 47 109 109 GLU GLU A . n 
A 1 48 THR 48 110 110 THR THR A . n 
A 1 49 GLN 49 111 111 GLN GLN A . n 
A 1 50 ARG 50 112 112 ARG ARG A . n 
A 1 51 THR 51 113 113 THR THR A . n 
A 1 52 TYR 52 114 114 TYR TYR A . n 
A 1 53 TRP 53 115 115 TRP TRP A . n 
A 1 54 LYS 54 116 116 LYS LYS A . n 
A 1 55 LEU 55 117 117 LEU LEU A . n 
A 1 56 GLU 56 118 118 GLU GLU A . n 
A 1 57 ASN 57 119 119 ASN ASN A . n 
A 1 58 GLN 58 120 120 GLN GLN A . n 
A 1 59 LYS 59 121 121 LYS LYS A . n 
A 1 60 LYS 60 122 122 LYS LYS A . n 
A 1 61 LEU 61 123 123 LEU LEU A . n 
A 1 62 TYR 62 124 124 TYR TYR A . n 
A 1 63 ARG 63 125 125 ARG ARG A . n 
A 1 64 GLY 64 126 126 GLY GLY A . n 
A 1 65 SER 65 127 127 SER SER A . n 
A 1 66 LEU 66 128 128 LEU LEU A . n 
A 1 67 LYS 67 129 ?   ?   ?   A . n 
B 1 1  LYS 1  63  ?   ?   ?   B . n 
B 1 2  THR 2  64  ?   ?   ?   B . n 
B 1 3  VAL 3  65  65  VAL VAL B . n 
B 1 4  ASN 4  66  66  ASN ASN B . n 
B 1 5  LEU 5  67  67  LEU LEU B . n 
B 1 6  SER 6  68  68  SER SER B . n 
B 1 7  ALA 7  69  69  ALA ALA B . n 
B 1 8  CYS 8  70  70  CYS CYS B . n 
B 1 9  GLU 9  71  71  GLU GLU B . n 
B 1 10 VAL 10 72  72  VAL VAL B . n 
B 1 11 ALA 11 73  73  ALA ALA B . n 
B 1 12 VAL 12 74  74  VAL VAL B . n 
B 1 13 LEU 13 75  75  LEU LEU B . n 
B 1 14 ASP 14 76  76  ASP ASP B . n 
B 1 15 LEU 15 77  77  LEU LEU B . n 
B 1 16 TYR 16 78  78  TYR TYR B . n 
B 1 17 GLU 17 79  79  GLU GLU B . n 
B 1 18 GLN 18 80  80  GLN GLN B . n 
B 1 19 SER 19 81  81  SER SER B . n 
B 1 20 ASN 20 82  82  ASN ASN B . n 
B 1 21 ILE 21 83  83  ILE ILE B . n 
B 1 22 ARG 22 84  84  ARG ARG B . n 
B 1 23 ILE 23 85  85  ILE ILE B . n 
B 1 24 PRO 24 86  86  PRO PRO B . n 
B 1 25 SER 25 87  87  SER SER B . n 
B 1 26 ASP 26 88  88  ASP ASP B . n 
B 1 27 ILE 27 89  89  ILE ILE B . n 
B 1 28 ILE 28 90  90  ILE ILE B . n 
B 1 29 GLU 29 91  91  GLU GLU B . n 
B 1 30 ASP 30 92  92  ASP ASP B . n 
B 1 31 LEU 31 93  93  LEU LEU B . n 
B 1 32 VAL 32 94  94  VAL VAL B . n 
B 1 33 ASN 33 95  95  ASN ASN B . n 
B 1 34 GLN 34 96  96  GLN GLN B . n 
B 1 35 ARG 35 97  97  ARG ARG B . n 
B 1 36 LEU 36 98  98  LEU LEU B . n 
B 1 37 GLN 37 99  99  GLN GLN B . n 
B 1 38 SER 38 100 100 SER SER B . n 
B 1 39 GLU 39 101 101 GLU GLU B . n 
B 1 40 GLN 40 102 102 GLN GLN B . n 
B 1 41 GLU 41 103 103 GLU GLU B . n 
B 1 42 VAL 42 104 104 VAL VAL B . n 
B 1 43 LEU 43 105 105 LEU LEU B . n 
B 1 44 ASN 44 106 106 ASN ASN B . n 
B 1 45 TYR 45 107 107 TYR TYR B . n 
B 1 46 ILE 46 108 108 ILE ILE B . n 
B 1 47 GLU 47 109 109 GLU GLU B . n 
B 1 48 THR 48 110 110 THR THR B . n 
B 1 49 GLN 49 111 111 GLN GLN B . n 
B 1 50 ARG 50 112 112 ARG ARG B . n 
B 1 51 THR 51 113 113 THR THR B . n 
B 1 52 TYR 52 114 114 TYR TYR B . n 
B 1 53 TRP 53 115 115 TRP TRP B . n 
B 1 54 LYS 54 116 116 LYS LYS B . n 
B 1 55 LEU 55 117 117 LEU LEU B . n 
B 1 56 GLU 56 118 118 GLU GLU B . n 
B 1 57 ASN 57 119 119 ASN ASN B . n 
B 1 58 GLN 58 120 120 GLN GLN B . n 
B 1 59 LYS 59 121 121 LYS LYS B . n 
B 1 60 LYS 60 122 122 LYS LYS B . n 
B 1 61 LEU 61 123 123 LEU LEU B . n 
B 1 62 TYR 62 124 124 TYR TYR B . n 
B 1 63 ARG 63 125 125 ARG ARG B . n 
B 1 64 GLY 64 126 126 GLY GLY B . n 
B 1 65 SER 65 127 127 SER SER B . n 
B 1 66 LEU 66 128 128 LEU LEU B . n 
B 1 67 LYS 67 129 ?   ?   ?   B . n 
# 
loop_
_pdbx_nonpoly_scheme.asym_id 
_pdbx_nonpoly_scheme.entity_id 
_pdbx_nonpoly_scheme.mon_id 
_pdbx_nonpoly_scheme.ndb_seq_num 
_pdbx_nonpoly_scheme.pdb_seq_num 
_pdbx_nonpoly_scheme.auth_seq_num 
_pdbx_nonpoly_scheme.pdb_mon_id 
_pdbx_nonpoly_scheme.auth_mon_id 
_pdbx_nonpoly_scheme.pdb_strand_id 
_pdbx_nonpoly_scheme.pdb_ins_code 
C 2 HOH 1  2001 2001 HOH HOH A . 
C 2 HOH 2  2002 2002 HOH HOH A . 
C 2 HOH 3  2003 2003 HOH HOH A . 
C 2 HOH 4  2004 2004 HOH HOH A . 
C 2 HOH 5  2005 2005 HOH HOH A . 
C 2 HOH 6  2006 2006 HOH HOH A . 
C 2 HOH 7  2007 2007 HOH HOH A . 
C 2 HOH 8  2008 2008 HOH HOH A . 
C 2 HOH 9  2009 2009 HOH HOH A . 
C 2 HOH 10 2010 2010 HOH HOH A . 
C 2 HOH 11 2011 2011 HOH HOH A . 
C 2 HOH 12 2012 2012 HOH HOH A . 
C 2 HOH 13 2013 2013 HOH HOH A . 
D 2 HOH 1  2001 2001 HOH HOH B . 
D 2 HOH 2  2002 2002 HOH HOH B . 
D 2 HOH 3  2003 2003 HOH HOH B . 
D 2 HOH 4  2004 2004 HOH HOH B . 
D 2 HOH 5  2005 2005 HOH HOH B . 
D 2 HOH 6  2006 2006 HOH HOH B . 
D 2 HOH 7  2007 2007 HOH HOH B . 
D 2 HOH 8  2008 2008 HOH HOH B . 
D 2 HOH 9  2009 2009 HOH HOH B . 
D 2 HOH 10 2010 2010 HOH HOH B . 
D 2 HOH 11 2011 2011 HOH HOH B . 
D 2 HOH 12 2012 2012 HOH HOH B . 
D 2 HOH 13 2013 2013 HOH HOH B . 
D 2 HOH 14 2014 2014 HOH HOH B . 
# 
loop_
_software.name 
_software.classification 
_software.version 
_software.citation_id 
_software.pdbx_ordinal 
REFMAC refinement       5.1.24 ? 1 
MOSFLM 'data reduction' .      ? 2 
SCALA  'data scaling'   .      ? 3 
AMoRE  phasing          .      ? 4 
# 
_cell.entry_id           2BNK 
_cell.length_a           95.395 
_cell.length_b           95.395 
_cell.length_c           47.572 
_cell.angle_alpha        90.00 
_cell.angle_beta         90.00 
_cell.angle_gamma        120.00 
_cell.Z_PDB              12 
_cell.pdbx_unique_axis   ? 
# 
_symmetry.entry_id                         2BNK 
_symmetry.space_group_name_H-M             'P 61' 
_symmetry.pdbx_full_space_group_name_H-M   ? 
_symmetry.cell_setting                     ? 
_symmetry.Int_Tables_number                169 
# 
_exptl.entry_id          2BNK 
_exptl.method            'X-RAY DIFFRACTION' 
_exptl.crystals_number   ? 
# 
_exptl_crystal.id                    1 
_exptl_crystal.density_meas          ? 
_exptl_crystal.density_Matthews      3.94 
_exptl_crystal.density_percent_sol   68.75 
_exptl_crystal.description           ? 
# 
_diffrn.id                     1 
_diffrn.ambient_temp           100.0 
_diffrn.ambient_temp_details   ? 
_diffrn.crystal_id             1 
# 
_diffrn_radiation.diffrn_id                        1 
_diffrn_radiation.wavelength_id                    1 
_diffrn_radiation.pdbx_monochromatic_or_laue_m_l   M 
_diffrn_radiation.monochromator                    ? 
_diffrn_radiation.pdbx_diffrn_protocol             'SINGLE WAVELENGTH' 
_diffrn_radiation.pdbx_scattering_type             x-ray 
# 
_diffrn_radiation_wavelength.id           1 
_diffrn_radiation_wavelength.wavelength   0.9 
_diffrn_radiation_wavelength.wt           1.0 
# 
_diffrn_source.diffrn_id                   1 
_diffrn_source.source                      SYNCHROTRON 
_diffrn_source.type                        'ESRF BEAMLINE BM16' 
_diffrn_source.pdbx_synchrotron_site       ESRF 
_diffrn_source.pdbx_synchrotron_beamline   BM16 
_diffrn_source.pdbx_wavelength             0.9 
_diffrn_source.pdbx_wavelength_list        ? 
# 
_reflns.pdbx_diffrn_id               1 
_reflns.pdbx_ordinal                 1 
_reflns.entry_id                     2BNK 
_reflns.observed_criterion_sigma_I   2.000 
_reflns.observed_criterion_sigma_F   ? 
_reflns.d_resolution_low             20.000 
_reflns.d_resolution_high            2.900 
_reflns.number_obs                   5257 
_reflns.number_all                   ? 
_reflns.percent_possible_obs         99.1 
_reflns.pdbx_Rmerge_I_obs            0.05000 
_reflns.pdbx_Rsym_value              ? 
_reflns.pdbx_netI_over_sigmaI        12.3000 
_reflns.B_iso_Wilson_estimate        ? 
_reflns.pdbx_redundancy              7.200 
# 
_reflns_shell.pdbx_diffrn_id         1 
_reflns_shell.pdbx_ordinal           1 
_reflns_shell.d_res_high             2.90 
_reflns_shell.d_res_low              2.97 
_reflns_shell.percent_possible_all   99.8 
_reflns_shell.Rmerge_I_obs           0.17000 
_reflns_shell.pdbx_Rsym_value        ? 
_reflns_shell.meanI_over_sigI_obs    3.200 
_reflns_shell.pdbx_redundancy        5.20 
# 
_refine.pdbx_refine_id                           'X-RAY DIFFRACTION' 
_refine.entry_id                                 2BNK 
_refine.pdbx_diffrn_id                           1 
_refine.pdbx_TLS_residual_ADP_flag               ? 
_refine.ls_number_reflns_obs                     5257 
_refine.ls_number_reflns_all                     ? 
_refine.pdbx_ls_sigma_I                          ? 
_refine.pdbx_ls_sigma_F                          ? 
_refine.pdbx_data_cutoff_high_absF               ? 
_refine.pdbx_data_cutoff_low_absF                ? 
_refine.pdbx_data_cutoff_high_rms_absF           ? 
_refine.ls_d_res_low                             20.00 
_refine.ls_d_res_high                            2.90 
_refine.ls_percent_reflns_obs                    99.1 
_refine.ls_R_factor_obs                          0.271 
_refine.ls_R_factor_all                          ? 
_refine.ls_R_factor_R_work                       0.270 
_refine.ls_R_factor_R_free                       0.289 
_refine.ls_R_factor_R_free_error                 ? 
_refine.ls_R_factor_R_free_error_details         ? 
_refine.ls_percent_reflns_R_free                 5.100 
_refine.ls_number_reflns_R_free                  281 
_refine.ls_number_parameters                     ? 
_refine.ls_number_restraints                     ? 
_refine.occupancy_min                            ? 
_refine.occupancy_max                            ? 
_refine.correlation_coeff_Fo_to_Fc               0.914 
_refine.correlation_coeff_Fo_to_Fc_free          0.878 
_refine.B_iso_mean                               61.47 
_refine.aniso_B[1][1]                            0.88000 
_refine.aniso_B[2][2]                            0.88000 
_refine.aniso_B[3][3]                            -1.31000 
_refine.aniso_B[1][2]                            0.44000 
_refine.aniso_B[1][3]                            0.00000 
_refine.aniso_B[2][3]                            0.00000 
_refine.solvent_model_details                    'BABINET MODEL WITH MASK' 
_refine.solvent_model_param_ksol                 ? 
_refine.solvent_model_param_bsol                 ? 
_refine.pdbx_solvent_vdw_probe_radii             1.40 
_refine.pdbx_solvent_ion_probe_radii             0.80 
_refine.pdbx_solvent_shrinkage_radii             0.80 
_refine.pdbx_ls_cross_valid_method               THROUGHOUT 
_refine.details                                  'HYDROGENS HAVE BEEN ADDED IN THE RIDING POSITIONS.' 
_refine.pdbx_starting_model                      ? 
_refine.pdbx_method_to_determine_struct          'MOLECULAR REPLACEMENT' 
_refine.pdbx_isotropic_thermal_model             ? 
_refine.pdbx_stereochemistry_target_values       'MAXIMUM LIKELIHOOD' 
_refine.pdbx_stereochem_target_val_spec_case     ? 
_refine.pdbx_R_Free_selection_details            RANDOM 
_refine.pdbx_overall_ESU_R                       0.883 
_refine.pdbx_overall_ESU_R_Free                  0.390 
_refine.overall_SU_ML                            0.230 
_refine.pdbx_overall_phase_error                 ? 
_refine.overall_SU_B                             11.442 
_refine.overall_SU_R_Cruickshank_DPI             ? 
_refine.pdbx_overall_SU_R_free_Cruickshank_DPI   ? 
_refine.pdbx_overall_SU_R_Blow_DPI               ? 
_refine.pdbx_overall_SU_R_free_Blow_DPI          ? 
# 
_refine_hist.pdbx_refine_id                   'X-RAY DIFFRACTION' 
_refine_hist.cycle_id                         LAST 
_refine_hist.pdbx_number_atoms_protein        1064 
_refine_hist.pdbx_number_atoms_nucleic_acid   0 
_refine_hist.pdbx_number_atoms_ligand         0 
_refine_hist.number_atoms_solvent             27 
_refine_hist.number_atoms_total               1091 
_refine_hist.d_res_high                       2.90 
_refine_hist.d_res_low                        20.00 
# 
loop_
_refine_ls_restr.type 
_refine_ls_restr.dev_ideal 
_refine_ls_restr.dev_ideal_target 
_refine_ls_restr.weight 
_refine_ls_restr.number 
_refine_ls_restr.pdbx_refine_id 
_refine_ls_restr.pdbx_restraint_function 
r_bond_refined_d             0.014 0.021 ? 1076 'X-RAY DIFFRACTION' ? 
r_bond_other_d               ?     ?     ? ?    'X-RAY DIFFRACTION' ? 
r_angle_refined_deg          1.636 1.965 ? 1456 'X-RAY DIFFRACTION' ? 
r_angle_other_deg            ?     ?     ? ?    'X-RAY DIFFRACTION' ? 
r_dihedral_angle_1_deg       6.745 5.000 ? 126  'X-RAY DIFFRACTION' ? 
r_dihedral_angle_2_deg       ?     ?     ? ?    'X-RAY DIFFRACTION' ? 
r_dihedral_angle_3_deg       ?     ?     ? ?    'X-RAY DIFFRACTION' ? 
r_dihedral_angle_4_deg       ?     ?     ? ?    'X-RAY DIFFRACTION' ? 
r_chiral_restr               0.107 0.200 ? 168  'X-RAY DIFFRACTION' ? 
r_gen_planes_refined         0.005 0.020 ? 804  'X-RAY DIFFRACTION' ? 
r_gen_planes_other           ?     ?     ? ?    'X-RAY DIFFRACTION' ? 
r_nbd_refined                0.263 0.200 ? 484  'X-RAY DIFFRACTION' ? 
r_nbd_other                  ?     ?     ? ?    'X-RAY DIFFRACTION' ? 
r_nbtor_refined              ?     ?     ? ?    'X-RAY DIFFRACTION' ? 
r_nbtor_other                ?     ?     ? ?    'X-RAY DIFFRACTION' ? 
r_xyhbond_nbd_refined        0.164 0.200 ? 44   'X-RAY DIFFRACTION' ? 
r_xyhbond_nbd_other          ?     ?     ? ?    'X-RAY DIFFRACTION' ? 
r_metal_ion_refined          ?     ?     ? ?    'X-RAY DIFFRACTION' ? 
r_metal_ion_other            ?     ?     ? ?    'X-RAY DIFFRACTION' ? 
r_symmetry_vdw_refined       0.246 0.200 ? 19   'X-RAY DIFFRACTION' ? 
r_symmetry_vdw_other         ?     ?     ? ?    'X-RAY DIFFRACTION' ? 
r_symmetry_hbond_refined     0.145 0.200 ? 2    'X-RAY DIFFRACTION' ? 
r_symmetry_hbond_other       ?     ?     ? ?    'X-RAY DIFFRACTION' ? 
r_symmetry_metal_ion_refined ?     ?     ? ?    'X-RAY DIFFRACTION' ? 
r_symmetry_metal_ion_other   ?     ?     ? ?    'X-RAY DIFFRACTION' ? 
r_mcbond_it                  0.731 1.500 ? 638  'X-RAY DIFFRACTION' ? 
r_mcbond_other               ?     ?     ? ?    'X-RAY DIFFRACTION' ? 
r_mcangle_it                 1.373 2.000 ? 1038 'X-RAY DIFFRACTION' ? 
r_mcangle_other              ?     ?     ? ?    'X-RAY DIFFRACTION' ? 
r_scbond_it                  1.838 3.000 ? 438  'X-RAY DIFFRACTION' ? 
r_scbond_other               ?     ?     ? ?    'X-RAY DIFFRACTION' ? 
r_scangle_it                 3.124 4.500 ? 418  'X-RAY DIFFRACTION' ? 
r_scangle_other              ?     ?     ? ?    'X-RAY DIFFRACTION' ? 
r_long_range_B_refined       ?     ?     ? ?    'X-RAY DIFFRACTION' ? 
r_long_range_B_other         ?     ?     ? ?    'X-RAY DIFFRACTION' ? 
r_rigid_bond_restr           ?     ?     ? ?    'X-RAY DIFFRACTION' ? 
r_sphericity_free            ?     ?     ? ?    'X-RAY DIFFRACTION' ? 
r_sphericity_bonded          ?     ?     ? ?    'X-RAY DIFFRACTION' ? 
# 
_refine_ls_shell.pdbx_refine_id                   'X-RAY DIFFRACTION' 
_refine_ls_shell.pdbx_total_number_of_bins_used   20 
_refine_ls_shell.d_res_high                       2.90 
_refine_ls_shell.d_res_low                        2.97 
_refine_ls_shell.number_reflns_R_work             388 
_refine_ls_shell.R_factor_R_work                  0.2940 
_refine_ls_shell.percent_reflns_obs               ? 
_refine_ls_shell.R_factor_R_free                  0.3970 
_refine_ls_shell.R_factor_R_free_error            ? 
_refine_ls_shell.percent_reflns_R_free            ? 
_refine_ls_shell.number_reflns_R_free             19 
_refine_ls_shell.number_reflns_all                ? 
_refine_ls_shell.R_factor_all                     ? 
# 
_struct_ncs_oper.id             1 
_struct_ncs_oper.code           given 
_struct_ncs_oper.details        ? 
_struct_ncs_oper.matrix[1][1]   -0.61029951 
_struct_ncs_oper.matrix[1][2]   0.70809604 
_struct_ncs_oper.matrix[1][3]   -0.35516807 
_struct_ncs_oper.matrix[2][1]   0.70656021 
_struct_ncs_oper.matrix[2][2]   0.28382678 
_struct_ncs_oper.matrix[2][3]   -0.64824707 
_struct_ncs_oper.matrix[3][1]   -0.35821013 
_struct_ncs_oper.matrix[3][2]   -0.64656566 
_struct_ncs_oper.matrix[3][3]   -0.67352727 
_struct_ncs_oper.vector[1]      0.01294 
_struct_ncs_oper.vector[2]      0.02270 
_struct_ncs_oper.vector[3]      0.00224 
# 
_struct.entry_id                  2BNK 
_struct.title                     'The structure of phage phi29 replication organizer protein p16.7' 
_struct.pdbx_model_details        ? 
_struct.pdbx_CASP_flag            ? 
_struct.pdbx_model_type_details   ? 
# 
_struct_keywords.entry_id        2BNK 
_struct_keywords.pdbx_keywords   'DNA BINDING PROTEIN' 
_struct_keywords.text            'DNA-BINDING PROTEIN, DNA BINDING PROTEIN' 
# 
loop_
_struct_asym.id 
_struct_asym.pdbx_blank_PDB_chainid_flag 
_struct_asym.pdbx_modified 
_struct_asym.entity_id 
_struct_asym.details 
A N N 1 ? 
B N N 1 ? 
C N N 2 ? 
D N N 2 ? 
# 
_struct_ref.id                         1 
_struct_ref.db_name                    UNP 
_struct_ref.db_code                    VG167_BPPH2 
_struct_ref.entity_id                  1 
_struct_ref.pdbx_seq_one_letter_code   ? 
_struct_ref.pdbx_align_begin           ? 
_struct_ref.pdbx_db_accession          P16517 
_struct_ref.pdbx_db_isoform            ? 
# 
loop_
_struct_ref_seq.align_id 
_struct_ref_seq.ref_id 
_struct_ref_seq.pdbx_PDB_id_code 
_struct_ref_seq.pdbx_strand_id 
_struct_ref_seq.seq_align_beg 
_struct_ref_seq.pdbx_seq_align_beg_ins_code 
_struct_ref_seq.seq_align_end 
_struct_ref_seq.pdbx_seq_align_end_ins_code 
_struct_ref_seq.pdbx_db_accession 
_struct_ref_seq.db_align_beg 
_struct_ref_seq.pdbx_db_align_beg_ins_code 
_struct_ref_seq.db_align_end 
_struct_ref_seq.pdbx_db_align_end_ins_code 
_struct_ref_seq.pdbx_auth_seq_align_beg 
_struct_ref_seq.pdbx_auth_seq_align_end 
1 1 2BNK A 1 ? 67 ? P16517 64 ? 130 ? 63 129 
2 1 2BNK B 1 ? 67 ? P16517 64 ? 130 ? 63 129 
# 
_pdbx_struct_assembly.id                   1 
_pdbx_struct_assembly.details              author_and_software_defined_assembly 
_pdbx_struct_assembly.method_details       PQS 
_pdbx_struct_assembly.oligomeric_details   dimeric 
_pdbx_struct_assembly.oligomeric_count     2 
# 
_pdbx_struct_assembly_gen.assembly_id       1 
_pdbx_struct_assembly_gen.oper_expression   1 
_pdbx_struct_assembly_gen.asym_id_list      A,B,C,D 
# 
_pdbx_struct_oper_list.id                   1 
_pdbx_struct_oper_list.type                 'identity operation' 
_pdbx_struct_oper_list.name                 1_555 
_pdbx_struct_oper_list.symmetry_operation   x,y,z 
_pdbx_struct_oper_list.matrix[1][1]         1.0000000000 
_pdbx_struct_oper_list.matrix[1][2]         0.0000000000 
_pdbx_struct_oper_list.matrix[1][3]         0.0000000000 
_pdbx_struct_oper_list.vector[1]            0.0000000000 
_pdbx_struct_oper_list.matrix[2][1]         0.0000000000 
_pdbx_struct_oper_list.matrix[2][2]         1.0000000000 
_pdbx_struct_oper_list.matrix[2][3]         0.0000000000 
_pdbx_struct_oper_list.vector[2]            0.0000000000 
_pdbx_struct_oper_list.matrix[3][1]         0.0000000000 
_pdbx_struct_oper_list.matrix[3][2]         0.0000000000 
_pdbx_struct_oper_list.matrix[3][3]         1.0000000000 
_pdbx_struct_oper_list.vector[3]            0.0000000000 
# 
_struct_biol.id   1 
# 
loop_
_struct_conf.conf_type_id 
_struct_conf.id 
_struct_conf.pdbx_PDB_helix_id 
_struct_conf.beg_label_comp_id 
_struct_conf.beg_label_asym_id 
_struct_conf.beg_label_seq_id 
_struct_conf.pdbx_beg_PDB_ins_code 
_struct_conf.end_label_comp_id 
_struct_conf.end_label_asym_id 
_struct_conf.end_label_seq_id 
_struct_conf.pdbx_end_PDB_ins_code 
_struct_conf.beg_auth_comp_id 
_struct_conf.beg_auth_asym_id 
_struct_conf.beg_auth_seq_id 
_struct_conf.end_auth_comp_id 
_struct_conf.end_auth_asym_id 
_struct_conf.end_auth_seq_id 
_struct_conf.pdbx_PDB_helix_class 
_struct_conf.details 
_struct_conf.pdbx_PDB_helix_length 
HELX_P HELX_P1 1 CYS A 8  ? SER A 19 ? CYS A 70  SER A 81  1 ? 12 
HELX_P HELX_P2 2 PRO A 24 ? ASN A 33 ? PRO A 86  ASN A 95  1 ? 10 
HELX_P HELX_P3 3 GLU A 39 ? ASN A 57 ? GLU A 101 ASN A 119 1 ? 19 
HELX_P HELX_P4 4 CYS B 8  ? GLN B 18 ? CYS B 70  GLN B 80  1 ? 11 
HELX_P HELX_P5 5 PRO B 24 ? ASN B 33 ? PRO B 86  ASN B 95  1 ? 10 
HELX_P HELX_P6 6 GLU B 39 ? ASN B 57 ? GLU B 101 ASN B 119 1 ? 19 
# 
_struct_conf_type.id          HELX_P 
_struct_conf_type.criteria    ? 
_struct_conf_type.reference   ? 
# 
_pdbx_validate_rmsd_angle.id                         1 
_pdbx_validate_rmsd_angle.PDB_model_num              1 
_pdbx_validate_rmsd_angle.auth_atom_id_1             CB 
_pdbx_validate_rmsd_angle.auth_asym_id_1             A 
_pdbx_validate_rmsd_angle.auth_comp_id_1             ASP 
_pdbx_validate_rmsd_angle.auth_seq_id_1              76 
_pdbx_validate_rmsd_angle.PDB_ins_code_1             ? 
_pdbx_validate_rmsd_angle.label_alt_id_1             ? 
_pdbx_validate_rmsd_angle.auth_atom_id_2             CG 
_pdbx_validate_rmsd_angle.auth_asym_id_2             A 
_pdbx_validate_rmsd_angle.auth_comp_id_2             ASP 
_pdbx_validate_rmsd_angle.auth_seq_id_2              76 
_pdbx_validate_rmsd_angle.PDB_ins_code_2             ? 
_pdbx_validate_rmsd_angle.label_alt_id_2             ? 
_pdbx_validate_rmsd_angle.auth_atom_id_3             OD2 
_pdbx_validate_rmsd_angle.auth_asym_id_3             A 
_pdbx_validate_rmsd_angle.auth_comp_id_3             ASP 
_pdbx_validate_rmsd_angle.auth_seq_id_3              76 
_pdbx_validate_rmsd_angle.PDB_ins_code_3             ? 
_pdbx_validate_rmsd_angle.label_alt_id_3             ? 
_pdbx_validate_rmsd_angle.angle_value                123.90 
_pdbx_validate_rmsd_angle.angle_target_value         118.30 
_pdbx_validate_rmsd_angle.angle_deviation            5.60 
_pdbx_validate_rmsd_angle.angle_standard_deviation   0.90 
_pdbx_validate_rmsd_angle.linker_flag                N 
# 
loop_
_pdbx_validate_torsion.id 
_pdbx_validate_torsion.PDB_model_num 
_pdbx_validate_torsion.auth_comp_id 
_pdbx_validate_torsion.auth_asym_id 
_pdbx_validate_torsion.auth_seq_id 
_pdbx_validate_torsion.PDB_ins_code 
_pdbx_validate_torsion.label_alt_id 
_pdbx_validate_torsion.phi 
_pdbx_validate_torsion.psi 
1  1 SER A 68  ? ? -67.73  -167.43 
2  1 ASN A 82  ? ? 36.48   42.16   
3  1 SER A 100 ? ? -110.36 -135.43 
4  1 GLU A 101 ? ? -148.71 -45.70  
5  1 SER A 127 ? ? -129.30 -97.86  
6  1 SER B 68  ? ? -66.41  -169.45 
7  1 ASN B 82  ? ? 36.63   41.44   
8  1 SER B 100 ? ? -106.63 -140.63 
9  1 GLU B 101 ? ? -139.63 -46.60  
10 1 SER B 127 ? ? -131.84 -102.01 
# 
loop_
_pdbx_unobs_or_zero_occ_residues.id 
_pdbx_unobs_or_zero_occ_residues.PDB_model_num 
_pdbx_unobs_or_zero_occ_residues.polymer_flag 
_pdbx_unobs_or_zero_occ_residues.occupancy_flag 
_pdbx_unobs_or_zero_occ_residues.auth_asym_id 
_pdbx_unobs_or_zero_occ_residues.auth_comp_id 
_pdbx_unobs_or_zero_occ_residues.auth_seq_id 
_pdbx_unobs_or_zero_occ_residues.PDB_ins_code 
_pdbx_unobs_or_zero_occ_residues.label_asym_id 
_pdbx_unobs_or_zero_occ_residues.label_comp_id 
_pdbx_unobs_or_zero_occ_residues.label_seq_id 
1 1 Y 1 A LYS 63  ? A LYS 1  
2 1 Y 1 A THR 64  ? A THR 2  
3 1 Y 1 A LYS 129 ? A LYS 67 
4 1 Y 1 B LYS 63  ? B LYS 1  
5 1 Y 1 B THR 64  ? B THR 2  
6 1 Y 1 B LYS 129 ? B LYS 67 
# 
loop_
_chem_comp_atom.comp_id 
_chem_comp_atom.atom_id 
_chem_comp_atom.type_symbol 
_chem_comp_atom.pdbx_aromatic_flag 
_chem_comp_atom.pdbx_stereo_config 
_chem_comp_atom.pdbx_ordinal 
ALA N    N N N 1   
ALA CA   C N S 2   
ALA C    C N N 3   
ALA O    O N N 4   
ALA CB   C N N 5   
ALA OXT  O N N 6   
ALA H    H N N 7   
ALA H2   H N N 8   
ALA HA   H N N 9   
ALA HB1  H N N 10  
ALA HB2  H N N 11  
ALA HB3  H N N 12  
ALA HXT  H N N 13  
ARG N    N N N 14  
ARG CA   C N S 15  
ARG C    C N N 16  
ARG O    O N N 17  
ARG CB   C N N 18  
ARG CG   C N N 19  
ARG CD   C N N 20  
ARG NE   N N N 21  
ARG CZ   C N N 22  
ARG NH1  N N N 23  
ARG NH2  N N N 24  
ARG OXT  O N N 25  
ARG H    H N N 26  
ARG H2   H N N 27  
ARG HA   H N N 28  
ARG HB2  H N N 29  
ARG HB3  H N N 30  
ARG HG2  H N N 31  
ARG HG3  H N N 32  
ARG HD2  H N N 33  
ARG HD3  H N N 34  
ARG HE   H N N 35  
ARG HH11 H N N 36  
ARG HH12 H N N 37  
ARG HH21 H N N 38  
ARG HH22 H N N 39  
ARG HXT  H N N 40  
ASN N    N N N 41  
ASN CA   C N S 42  
ASN C    C N N 43  
ASN O    O N N 44  
ASN CB   C N N 45  
ASN CG   C N N 46  
ASN OD1  O N N 47  
ASN ND2  N N N 48  
ASN OXT  O N N 49  
ASN H    H N N 50  
ASN H2   H N N 51  
ASN HA   H N N 52  
ASN HB2  H N N 53  
ASN HB3  H N N 54  
ASN HD21 H N N 55  
ASN HD22 H N N 56  
ASN HXT  H N N 57  
ASP N    N N N 58  
ASP CA   C N S 59  
ASP C    C N N 60  
ASP O    O N N 61  
ASP CB   C N N 62  
ASP CG   C N N 63  
ASP OD1  O N N 64  
ASP OD2  O N N 65  
ASP OXT  O N N 66  
ASP H    H N N 67  
ASP H2   H N N 68  
ASP HA   H N N 69  
ASP HB2  H N N 70  
ASP HB3  H N N 71  
ASP HD2  H N N 72  
ASP HXT  H N N 73  
CYS N    N N N 74  
CYS CA   C N R 75  
CYS C    C N N 76  
CYS O    O N N 77  
CYS CB   C N N 78  
CYS SG   S N N 79  
CYS OXT  O N N 80  
CYS H    H N N 81  
CYS H2   H N N 82  
CYS HA   H N N 83  
CYS HB2  H N N 84  
CYS HB3  H N N 85  
CYS HG   H N N 86  
CYS HXT  H N N 87  
GLN N    N N N 88  
GLN CA   C N S 89  
GLN C    C N N 90  
GLN O    O N N 91  
GLN CB   C N N 92  
GLN CG   C N N 93  
GLN CD   C N N 94  
GLN OE1  O N N 95  
GLN NE2  N N N 96  
GLN OXT  O N N 97  
GLN H    H N N 98  
GLN H2   H N N 99  
GLN HA   H N N 100 
GLN HB2  H N N 101 
GLN HB3  H N N 102 
GLN HG2  H N N 103 
GLN HG3  H N N 104 
GLN HE21 H N N 105 
GLN HE22 H N N 106 
GLN HXT  H N N 107 
GLU N    N N N 108 
GLU CA   C N S 109 
GLU C    C N N 110 
GLU O    O N N 111 
GLU CB   C N N 112 
GLU CG   C N N 113 
GLU CD   C N N 114 
GLU OE1  O N N 115 
GLU OE2  O N N 116 
GLU OXT  O N N 117 
GLU H    H N N 118 
GLU H2   H N N 119 
GLU HA   H N N 120 
GLU HB2  H N N 121 
GLU HB3  H N N 122 
GLU HG2  H N N 123 
GLU HG3  H N N 124 
GLU HE2  H N N 125 
GLU HXT  H N N 126 
GLY N    N N N 127 
GLY CA   C N N 128 
GLY C    C N N 129 
GLY O    O N N 130 
GLY OXT  O N N 131 
GLY H    H N N 132 
GLY H2   H N N 133 
GLY HA2  H N N 134 
GLY HA3  H N N 135 
GLY HXT  H N N 136 
HOH O    O N N 137 
HOH H1   H N N 138 
HOH H2   H N N 139 
ILE N    N N N 140 
ILE CA   C N S 141 
ILE C    C N N 142 
ILE O    O N N 143 
ILE CB   C N S 144 
ILE CG1  C N N 145 
ILE CG2  C N N 146 
ILE CD1  C N N 147 
ILE OXT  O N N 148 
ILE H    H N N 149 
ILE H2   H N N 150 
ILE HA   H N N 151 
ILE HB   H N N 152 
ILE HG12 H N N 153 
ILE HG13 H N N 154 
ILE HG21 H N N 155 
ILE HG22 H N N 156 
ILE HG23 H N N 157 
ILE HD11 H N N 158 
ILE HD12 H N N 159 
ILE HD13 H N N 160 
ILE HXT  H N N 161 
LEU N    N N N 162 
LEU CA   C N S 163 
LEU C    C N N 164 
LEU O    O N N 165 
LEU CB   C N N 166 
LEU CG   C N N 167 
LEU CD1  C N N 168 
LEU CD2  C N N 169 
LEU OXT  O N N 170 
LEU H    H N N 171 
LEU H2   H N N 172 
LEU HA   H N N 173 
LEU HB2  H N N 174 
LEU HB3  H N N 175 
LEU HG   H N N 176 
LEU HD11 H N N 177 
LEU HD12 H N N 178 
LEU HD13 H N N 179 
LEU HD21 H N N 180 
LEU HD22 H N N 181 
LEU HD23 H N N 182 
LEU HXT  H N N 183 
LYS N    N N N 184 
LYS CA   C N S 185 
LYS C    C N N 186 
LYS O    O N N 187 
LYS CB   C N N 188 
LYS CG   C N N 189 
LYS CD   C N N 190 
LYS CE   C N N 191 
LYS NZ   N N N 192 
LYS OXT  O N N 193 
LYS H    H N N 194 
LYS H2   H N N 195 
LYS HA   H N N 196 
LYS HB2  H N N 197 
LYS HB3  H N N 198 
LYS HG2  H N N 199 
LYS HG3  H N N 200 
LYS HD2  H N N 201 
LYS HD3  H N N 202 
LYS HE2  H N N 203 
LYS HE3  H N N 204 
LYS HZ1  H N N 205 
LYS HZ2  H N N 206 
LYS HZ3  H N N 207 
LYS HXT  H N N 208 
PRO N    N N N 209 
PRO CA   C N S 210 
PRO C    C N N 211 
PRO O    O N N 212 
PRO CB   C N N 213 
PRO CG   C N N 214 
PRO CD   C N N 215 
PRO OXT  O N N 216 
PRO H    H N N 217 
PRO HA   H N N 218 
PRO HB2  H N N 219 
PRO HB3  H N N 220 
PRO HG2  H N N 221 
PRO HG3  H N N 222 
PRO HD2  H N N 223 
PRO HD3  H N N 224 
PRO HXT  H N N 225 
SER N    N N N 226 
SER CA   C N S 227 
SER C    C N N 228 
SER O    O N N 229 
SER CB   C N N 230 
SER OG   O N N 231 
SER OXT  O N N 232 
SER H    H N N 233 
SER H2   H N N 234 
SER HA   H N N 235 
SER HB2  H N N 236 
SER HB3  H N N 237 
SER HG   H N N 238 
SER HXT  H N N 239 
THR N    N N N 240 
THR CA   C N S 241 
THR C    C N N 242 
THR O    O N N 243 
THR CB   C N R 244 
THR OG1  O N N 245 
THR CG2  C N N 246 
THR OXT  O N N 247 
THR H    H N N 248 
THR H2   H N N 249 
THR HA   H N N 250 
THR HB   H N N 251 
THR HG1  H N N 252 
THR HG21 H N N 253 
THR HG22 H N N 254 
THR HG23 H N N 255 
THR HXT  H N N 256 
TRP N    N N N 257 
TRP CA   C N S 258 
TRP C    C N N 259 
TRP O    O N N 260 
TRP CB   C N N 261 
TRP CG   C Y N 262 
TRP CD1  C Y N 263 
TRP CD2  C Y N 264 
TRP NE1  N Y N 265 
TRP CE2  C Y N 266 
TRP CE3  C Y N 267 
TRP CZ2  C Y N 268 
TRP CZ3  C Y N 269 
TRP CH2  C Y N 270 
TRP OXT  O N N 271 
TRP H    H N N 272 
TRP H2   H N N 273 
TRP HA   H N N 274 
TRP HB2  H N N 275 
TRP HB3  H N N 276 
TRP HD1  H N N 277 
TRP HE1  H N N 278 
TRP HE3  H N N 279 
TRP HZ2  H N N 280 
TRP HZ3  H N N 281 
TRP HH2  H N N 282 
TRP HXT  H N N 283 
TYR N    N N N 284 
TYR CA   C N S 285 
TYR C    C N N 286 
TYR O    O N N 287 
TYR CB   C N N 288 
TYR CG   C Y N 289 
TYR CD1  C Y N 290 
TYR CD2  C Y N 291 
TYR CE1  C Y N 292 
TYR CE2  C Y N 293 
TYR CZ   C Y N 294 
TYR OH   O N N 295 
TYR OXT  O N N 296 
TYR H    H N N 297 
TYR H2   H N N 298 
TYR HA   H N N 299 
TYR HB2  H N N 300 
TYR HB3  H N N 301 
TYR HD1  H N N 302 
TYR HD2  H N N 303 
TYR HE1  H N N 304 
TYR HE2  H N N 305 
TYR HH   H N N 306 
TYR HXT  H N N 307 
VAL N    N N N 308 
VAL CA   C N S 309 
VAL C    C N N 310 
VAL O    O N N 311 
VAL CB   C N N 312 
VAL CG1  C N N 313 
VAL CG2  C N N 314 
VAL OXT  O N N 315 
VAL H    H N N 316 
VAL H2   H N N 317 
VAL HA   H N N 318 
VAL HB   H N N 319 
VAL HG11 H N N 320 
VAL HG12 H N N 321 
VAL HG13 H N N 322 
VAL HG21 H N N 323 
VAL HG22 H N N 324 
VAL HG23 H N N 325 
VAL HXT  H N N 326 
# 
loop_
_chem_comp_bond.comp_id 
_chem_comp_bond.atom_id_1 
_chem_comp_bond.atom_id_2 
_chem_comp_bond.value_order 
_chem_comp_bond.pdbx_aromatic_flag 
_chem_comp_bond.pdbx_stereo_config 
_chem_comp_bond.pdbx_ordinal 
ALA N   CA   sing N N 1   
ALA N   H    sing N N 2   
ALA N   H2   sing N N 3   
ALA CA  C    sing N N 4   
ALA CA  CB   sing N N 5   
ALA CA  HA   sing N N 6   
ALA C   O    doub N N 7   
ALA C   OXT  sing N N 8   
ALA CB  HB1  sing N N 9   
ALA CB  HB2  sing N N 10  
ALA CB  HB3  sing N N 11  
ALA OXT HXT  sing N N 12  
ARG N   CA   sing N N 13  
ARG N   H    sing N N 14  
ARG N   H2   sing N N 15  
ARG CA  C    sing N N 16  
ARG CA  CB   sing N N 17  
ARG CA  HA   sing N N 18  
ARG C   O    doub N N 19  
ARG C   OXT  sing N N 20  
ARG CB  CG   sing N N 21  
ARG CB  HB2  sing N N 22  
ARG CB  HB3  sing N N 23  
ARG CG  CD   sing N N 24  
ARG CG  HG2  sing N N 25  
ARG CG  HG3  sing N N 26  
ARG CD  NE   sing N N 27  
ARG CD  HD2  sing N N 28  
ARG CD  HD3  sing N N 29  
ARG NE  CZ   sing N N 30  
ARG NE  HE   sing N N 31  
ARG CZ  NH1  sing N N 32  
ARG CZ  NH2  doub N N 33  
ARG NH1 HH11 sing N N 34  
ARG NH1 HH12 sing N N 35  
ARG NH2 HH21 sing N N 36  
ARG NH2 HH22 sing N N 37  
ARG OXT HXT  sing N N 38  
ASN N   CA   sing N N 39  
ASN N   H    sing N N 40  
ASN N   H2   sing N N 41  
ASN CA  C    sing N N 42  
ASN CA  CB   sing N N 43  
ASN CA  HA   sing N N 44  
ASN C   O    doub N N 45  
ASN C   OXT  sing N N 46  
ASN CB  CG   sing N N 47  
ASN CB  HB2  sing N N 48  
ASN CB  HB3  sing N N 49  
ASN CG  OD1  doub N N 50  
ASN CG  ND2  sing N N 51  
ASN ND2 HD21 sing N N 52  
ASN ND2 HD22 sing N N 53  
ASN OXT HXT  sing N N 54  
ASP N   CA   sing N N 55  
ASP N   H    sing N N 56  
ASP N   H2   sing N N 57  
ASP CA  C    sing N N 58  
ASP CA  CB   sing N N 59  
ASP CA  HA   sing N N 60  
ASP C   O    doub N N 61  
ASP C   OXT  sing N N 62  
ASP CB  CG   sing N N 63  
ASP CB  HB2  sing N N 64  
ASP CB  HB3  sing N N 65  
ASP CG  OD1  doub N N 66  
ASP CG  OD2  sing N N 67  
ASP OD2 HD2  sing N N 68  
ASP OXT HXT  sing N N 69  
CYS N   CA   sing N N 70  
CYS N   H    sing N N 71  
CYS N   H2   sing N N 72  
CYS CA  C    sing N N 73  
CYS CA  CB   sing N N 74  
CYS CA  HA   sing N N 75  
CYS C   O    doub N N 76  
CYS C   OXT  sing N N 77  
CYS CB  SG   sing N N 78  
CYS CB  HB2  sing N N 79  
CYS CB  HB3  sing N N 80  
CYS SG  HG   sing N N 81  
CYS OXT HXT  sing N N 82  
GLN N   CA   sing N N 83  
GLN N   H    sing N N 84  
GLN N   H2   sing N N 85  
GLN CA  C    sing N N 86  
GLN CA  CB   sing N N 87  
GLN CA  HA   sing N N 88  
GLN C   O    doub N N 89  
GLN C   OXT  sing N N 90  
GLN CB  CG   sing N N 91  
GLN CB  HB2  sing N N 92  
GLN CB  HB3  sing N N 93  
GLN CG  CD   sing N N 94  
GLN CG  HG2  sing N N 95  
GLN CG  HG3  sing N N 96  
GLN CD  OE1  doub N N 97  
GLN CD  NE2  sing N N 98  
GLN NE2 HE21 sing N N 99  
GLN NE2 HE22 sing N N 100 
GLN OXT HXT  sing N N 101 
GLU N   CA   sing N N 102 
GLU N   H    sing N N 103 
GLU N   H2   sing N N 104 
GLU CA  C    sing N N 105 
GLU CA  CB   sing N N 106 
GLU CA  HA   sing N N 107 
GLU C   O    doub N N 108 
GLU C   OXT  sing N N 109 
GLU CB  CG   sing N N 110 
GLU CB  HB2  sing N N 111 
GLU CB  HB3  sing N N 112 
GLU CG  CD   sing N N 113 
GLU CG  HG2  sing N N 114 
GLU CG  HG3  sing N N 115 
GLU CD  OE1  doub N N 116 
GLU CD  OE2  sing N N 117 
GLU OE2 HE2  sing N N 118 
GLU OXT HXT  sing N N 119 
GLY N   CA   sing N N 120 
GLY N   H    sing N N 121 
GLY N   H2   sing N N 122 
GLY CA  C    sing N N 123 
GLY CA  HA2  sing N N 124 
GLY CA  HA3  sing N N 125 
GLY C   O    doub N N 126 
GLY C   OXT  sing N N 127 
GLY OXT HXT  sing N N 128 
HOH O   H1   sing N N 129 
HOH O   H2   sing N N 130 
ILE N   CA   sing N N 131 
ILE N   H    sing N N 132 
ILE N   H2   sing N N 133 
ILE CA  C    sing N N 134 
ILE CA  CB   sing N N 135 
ILE CA  HA   sing N N 136 
ILE C   O    doub N N 137 
ILE C   OXT  sing N N 138 
ILE CB  CG1  sing N N 139 
ILE CB  CG2  sing N N 140 
ILE CB  HB   sing N N 141 
ILE CG1 CD1  sing N N 142 
ILE CG1 HG12 sing N N 143 
ILE CG1 HG13 sing N N 144 
ILE CG2 HG21 sing N N 145 
ILE CG2 HG22 sing N N 146 
ILE CG2 HG23 sing N N 147 
ILE CD1 HD11 sing N N 148 
ILE CD1 HD12 sing N N 149 
ILE CD1 HD13 sing N N 150 
ILE OXT HXT  sing N N 151 
LEU N   CA   sing N N 152 
LEU N   H    sing N N 153 
LEU N   H2   sing N N 154 
LEU CA  C    sing N N 155 
LEU CA  CB   sing N N 156 
LEU CA  HA   sing N N 157 
LEU C   O    doub N N 158 
LEU C   OXT  sing N N 159 
LEU CB  CG   sing N N 160 
LEU CB  HB2  sing N N 161 
LEU CB  HB3  sing N N 162 
LEU CG  CD1  sing N N 163 
LEU CG  CD2  sing N N 164 
LEU CG  HG   sing N N 165 
LEU CD1 HD11 sing N N 166 
LEU CD1 HD12 sing N N 167 
LEU CD1 HD13 sing N N 168 
LEU CD2 HD21 sing N N 169 
LEU CD2 HD22 sing N N 170 
LEU CD2 HD23 sing N N 171 
LEU OXT HXT  sing N N 172 
LYS N   CA   sing N N 173 
LYS N   H    sing N N 174 
LYS N   H2   sing N N 175 
LYS CA  C    sing N N 176 
LYS CA  CB   sing N N 177 
LYS CA  HA   sing N N 178 
LYS C   O    doub N N 179 
LYS C   OXT  sing N N 180 
LYS CB  CG   sing N N 181 
LYS CB  HB2  sing N N 182 
LYS CB  HB3  sing N N 183 
LYS CG  CD   sing N N 184 
LYS CG  HG2  sing N N 185 
LYS CG  HG3  sing N N 186 
LYS CD  CE   sing N N 187 
LYS CD  HD2  sing N N 188 
LYS CD  HD3  sing N N 189 
LYS CE  NZ   sing N N 190 
LYS CE  HE2  sing N N 191 
LYS CE  HE3  sing N N 192 
LYS NZ  HZ1  sing N N 193 
LYS NZ  HZ2  sing N N 194 
LYS NZ  HZ3  sing N N 195 
LYS OXT HXT  sing N N 196 
PRO N   CA   sing N N 197 
PRO N   CD   sing N N 198 
PRO N   H    sing N N 199 
PRO CA  C    sing N N 200 
PRO CA  CB   sing N N 201 
PRO CA  HA   sing N N 202 
PRO C   O    doub N N 203 
PRO C   OXT  sing N N 204 
PRO CB  CG   sing N N 205 
PRO CB  HB2  sing N N 206 
PRO CB  HB3  sing N N 207 
PRO CG  CD   sing N N 208 
PRO CG  HG2  sing N N 209 
PRO CG  HG3  sing N N 210 
PRO CD  HD2  sing N N 211 
PRO CD  HD3  sing N N 212 
PRO OXT HXT  sing N N 213 
SER N   CA   sing N N 214 
SER N   H    sing N N 215 
SER N   H2   sing N N 216 
SER CA  C    sing N N 217 
SER CA  CB   sing N N 218 
SER CA  HA   sing N N 219 
SER C   O    doub N N 220 
SER C   OXT  sing N N 221 
SER CB  OG   sing N N 222 
SER CB  HB2  sing N N 223 
SER CB  HB3  sing N N 224 
SER OG  HG   sing N N 225 
SER OXT HXT  sing N N 226 
THR N   CA   sing N N 227 
THR N   H    sing N N 228 
THR N   H2   sing N N 229 
THR CA  C    sing N N 230 
THR CA  CB   sing N N 231 
THR CA  HA   sing N N 232 
THR C   O    doub N N 233 
THR C   OXT  sing N N 234 
THR CB  OG1  sing N N 235 
THR CB  CG2  sing N N 236 
THR CB  HB   sing N N 237 
THR OG1 HG1  sing N N 238 
THR CG2 HG21 sing N N 239 
THR CG2 HG22 sing N N 240 
THR CG2 HG23 sing N N 241 
THR OXT HXT  sing N N 242 
TRP N   CA   sing N N 243 
TRP N   H    sing N N 244 
TRP N   H2   sing N N 245 
TRP CA  C    sing N N 246 
TRP CA  CB   sing N N 247 
TRP CA  HA   sing N N 248 
TRP C   O    doub N N 249 
TRP C   OXT  sing N N 250 
TRP CB  CG   sing N N 251 
TRP CB  HB2  sing N N 252 
TRP CB  HB3  sing N N 253 
TRP CG  CD1  doub Y N 254 
TRP CG  CD2  sing Y N 255 
TRP CD1 NE1  sing Y N 256 
TRP CD1 HD1  sing N N 257 
TRP CD2 CE2  doub Y N 258 
TRP CD2 CE3  sing Y N 259 
TRP NE1 CE2  sing Y N 260 
TRP NE1 HE1  sing N N 261 
TRP CE2 CZ2  sing Y N 262 
TRP CE3 CZ3  doub Y N 263 
TRP CE3 HE3  sing N N 264 
TRP CZ2 CH2  doub Y N 265 
TRP CZ2 HZ2  sing N N 266 
TRP CZ3 CH2  sing Y N 267 
TRP CZ3 HZ3  sing N N 268 
TRP CH2 HH2  sing N N 269 
TRP OXT HXT  sing N N 270 
TYR N   CA   sing N N 271 
TYR N   H    sing N N 272 
TYR N   H2   sing N N 273 
TYR CA  C    sing N N 274 
TYR CA  CB   sing N N 275 
TYR CA  HA   sing N N 276 
TYR C   O    doub N N 277 
TYR C   OXT  sing N N 278 
TYR CB  CG   sing N N 279 
TYR CB  HB2  sing N N 280 
TYR CB  HB3  sing N N 281 
TYR CG  CD1  doub Y N 282 
TYR CG  CD2  sing Y N 283 
TYR CD1 CE1  sing Y N 284 
TYR CD1 HD1  sing N N 285 
TYR CD2 CE2  doub Y N 286 
TYR CD2 HD2  sing N N 287 
TYR CE1 CZ   doub Y N 288 
TYR CE1 HE1  sing N N 289 
TYR CE2 CZ   sing Y N 290 
TYR CE2 HE2  sing N N 291 
TYR CZ  OH   sing N N 292 
TYR OH  HH   sing N N 293 
TYR OXT HXT  sing N N 294 
VAL N   CA   sing N N 295 
VAL N   H    sing N N 296 
VAL N   H2   sing N N 297 
VAL CA  C    sing N N 298 
VAL CA  CB   sing N N 299 
VAL CA  HA   sing N N 300 
VAL C   O    doub N N 301 
VAL C   OXT  sing N N 302 
VAL CB  CG1  sing N N 303 
VAL CB  CG2  sing N N 304 
VAL CB  HB   sing N N 305 
VAL CG1 HG11 sing N N 306 
VAL CG1 HG12 sing N N 307 
VAL CG1 HG13 sing N N 308 
VAL CG2 HG21 sing N N 309 
VAL CG2 HG22 sing N N 310 
VAL CG2 HG23 sing N N 311 
VAL OXT HXT  sing N N 312 
# 
_atom_sites.entry_id                    2BNK 
_atom_sites.fract_transf_matrix[1][1]   0.00670652 
_atom_sites.fract_transf_matrix[1][2]   -0.00925868 
_atom_sites.fract_transf_matrix[1][3]   0.00397737 
_atom_sites.fract_transf_matrix[2][1]   -0.00535572 
_atom_sites.fract_transf_matrix[2][2]   -0.00968975 
_atom_sites.fract_transf_matrix[2][3]   0.00489202 
_atom_sites.fract_transf_matrix[3][1]   -0.00111893 
_atom_sites.fract_transf_matrix[3][2]   -0.00896432 
_atom_sites.fract_transf_matrix[3][3]   -0.01898082 
_atom_sites.fract_transf_vector[1]      0.538818 
_atom_sites.fract_transf_vector[2]      0.077631 
_atom_sites.fract_transf_vector[3]      0.250377 
# 
loop_
_atom_type.symbol 
C 
N 
O 
S 
# 
loop_
_atom_site.group_PDB 
_atom_site.id 
_atom_site.type_symbol 
_atom_site.label_atom_id 
_atom_site.label_alt_id 
_atom_site.label_comp_id 
_atom_site.label_asym_id 
_atom_site.label_entity_id 
_atom_site.label_seq_id 
_atom_site.pdbx_PDB_ins_code 
_atom_site.Cartn_x 
_atom_site.Cartn_y 
_atom_site.Cartn_z 
_atom_site.occupancy 
_atom_site.B_iso_or_equiv 
_atom_site.pdbx_formal_charge 
_atom_site.auth_seq_id 
_atom_site.auth_comp_id 
_atom_site.auth_asym_id 
_atom_site.auth_atom_id 
_atom_site.pdbx_PDB_model_num 
ATOM   1    N N   . VAL A 1 3  ? -13.956 -7.376  2.571   1.00 78.80 ? 65   VAL A N   1 
ATOM   2    C CA  . VAL A 1 3  ? -14.282 -7.427  4.037   1.00 78.70 ? 65   VAL A CA  1 
ATOM   3    C C   . VAL A 1 3  ? -15.806 -7.248  4.273   1.00 78.75 ? 65   VAL A C   1 
ATOM   4    O O   . VAL A 1 3  ? -16.633 -7.554  3.387   1.00 78.71 ? 65   VAL A O   1 
ATOM   5    C CB  . VAL A 1 3  ? -13.443 -6.369  4.867   1.00 78.96 ? 65   VAL A CB  1 
ATOM   6    C CG1 . VAL A 1 3  ? -13.458 -6.696  6.394   1.00 78.87 ? 65   VAL A CG1 1 
ATOM   7    C CG2 . VAL A 1 3  ? -11.994 -6.230  4.339   1.00 78.06 ? 65   VAL A CG2 1 
ATOM   8    N N   . ASN A 1 4  ? -16.172 -6.774  5.463   1.00 78.38 ? 66   ASN A N   1 
ATOM   9    C CA  . ASN A 1 4  ? -17.553 -6.387  5.714   1.00 78.03 ? 66   ASN A CA  1 
ATOM   10   C C   . ASN A 1 4  ? -17.677 -4.968  5.195   1.00 77.73 ? 66   ASN A C   1 
ATOM   11   O O   . ASN A 1 4  ? -17.483 -3.993  5.942   1.00 78.02 ? 66   ASN A O   1 
ATOM   12   C CB  . ASN A 1 4  ? -17.922 -6.457  7.199   1.00 78.05 ? 66   ASN A CB  1 
ATOM   13   C CG  . ASN A 1 4  ? -19.424 -6.269  7.441   1.00 79.10 ? 66   ASN A CG  1 
ATOM   14   O OD1 . ASN A 1 4  ? -19.974 -6.823  8.399   1.00 81.21 ? 66   ASN A OD1 1 
ATOM   15   N ND2 . ASN A 1 4  ? -20.087 -5.505  6.567   1.00 78.36 ? 66   ASN A ND2 1 
ATOM   16   N N   . LEU A 1 5  ? -18.004 -4.845  3.910   1.00 76.81 ? 67   LEU A N   1 
ATOM   17   C CA  . LEU A 1 5  ? -18.038 -3.532  3.290   1.00 75.90 ? 67   LEU A CA  1 
ATOM   18   C C   . LEU A 1 5  ? -19.405 -2.861  3.224   1.00 75.65 ? 67   LEU A C   1 
ATOM   19   O O   . LEU A 1 5  ? -20.459 -3.470  2.960   1.00 76.04 ? 67   LEU A O   1 
ATOM   20   C CB  . LEU A 1 5  ? -17.347 -3.543  1.918   1.00 75.55 ? 67   LEU A CB  1 
ATOM   21   C CG  . LEU A 1 5  ? -16.624 -2.246  1.538   1.00 74.01 ? 67   LEU A CG  1 
ATOM   22   C CD1 . LEU A 1 5  ? -15.427 -1.962  2.432   1.00 71.45 ? 67   LEU A CD1 1 
ATOM   23   C CD2 . LEU A 1 5  ? -16.194 -2.320  0.092   1.00 73.81 ? 67   LEU A CD2 1 
ATOM   24   N N   . SER A 1 6  ? -19.308 -1.576  3.474   1.00 74.90 ? 68   SER A N   1 
ATOM   25   C CA  . SER A 1 6  ? -20.388 -0.643  3.489   1.00 74.62 ? 68   SER A CA  1 
ATOM   26   C C   . SER A 1 6  ? -20.963 -0.441  2.102   1.00 74.42 ? 68   SER A C   1 
ATOM   27   O O   . SER A 1 6  ? -20.684 -1.215  1.185   1.00 75.16 ? 68   SER A O   1 
ATOM   28   C CB  . SER A 1 6  ? -19.868 0.666   4.067   1.00 74.59 ? 68   SER A CB  1 
ATOM   29   O OG  . SER A 1 6  ? -20.789 1.723   3.840   1.00 74.91 ? 68   SER A OG  1 
ATOM   30   N N   . ALA A 1 7  ? -21.790 0.592   1.968   1.00 73.93 ? 69   ALA A N   1 
ATOM   31   C CA  . ALA A 1 7  ? -22.658 0.743   0.808   1.00 73.71 ? 69   ALA A CA  1 
ATOM   32   C C   . ALA A 1 7  ? -22.278 1.888   -0.090  1.00 73.42 ? 69   ALA A C   1 
ATOM   33   O O   . ALA A 1 7  ? -22.438 1.779   -1.302  1.00 73.82 ? 69   ALA A O   1 
ATOM   34   C CB  . ALA A 1 7  ? -24.126 0.875   1.235   1.00 73.91 ? 69   ALA A CB  1 
ATOM   35   N N   . CYS A 1 8  ? -21.794 2.989   0.457   1.00 72.87 ? 70   CYS A N   1 
ATOM   36   C CA  . CYS A 1 8  ? -21.322 4.061   -0.420  1.00 73.11 ? 70   CYS A CA  1 
ATOM   37   C C   . CYS A 1 8  ? -19.819 3.964   -0.635  1.00 72.04 ? 70   CYS A C   1 
ATOM   38   O O   . CYS A 1 8  ? -19.320 4.239   -1.727  1.00 72.86 ? 70   CYS A O   1 
ATOM   39   C CB  . CYS A 1 8  ? -21.680 5.448   0.108   1.00 73.48 ? 70   CYS A CB  1 
ATOM   40   S SG  . CYS A 1 8  ? -22.006 5.471   1.872   1.00 77.10 ? 70   CYS A SG  1 
ATOM   41   N N   . GLU A 1 9  ? -19.102 3.571   0.415   1.00 70.54 ? 71   GLU A N   1 
ATOM   42   C CA  . GLU A 1 9  ? -17.725 3.125   0.276   1.00 68.93 ? 71   GLU A CA  1 
ATOM   43   C C   . GLU A 1 9  ? -17.587 2.340   -1.035  1.00 67.94 ? 71   GLU A C   1 
ATOM   44   O O   . GLU A 1 9  ? -16.821 2.717   -1.921  1.00 67.68 ? 71   GLU A O   1 
ATOM   45   C CB  . GLU A 1 9  ? -17.331 2.260   1.482   1.00 68.80 ? 71   GLU A CB  1 
ATOM   46   C CG  . GLU A 1 9  ? -17.243 3.048   2.776   1.00 69.40 ? 71   GLU A CG  1 
ATOM   47   C CD  . GLU A 1 9  ? -16.979 2.190   4.012   1.00 70.87 ? 71   GLU A CD  1 
ATOM   48   O OE1 . GLU A 1 9  ? -16.576 2.768   5.057   1.00 69.85 ? 71   GLU A OE1 1 
ATOM   49   O OE2 . GLU A 1 9  ? -17.174 0.950   3.941   1.00 69.83 ? 71   GLU A OE2 1 
ATOM   50   N N   . VAL A 1 10 ? -18.369 1.277   -1.169  1.00 66.81 ? 72   VAL A N   1 
ATOM   51   C CA  . VAL A 1 10 ? -18.377 0.434   -2.367  1.00 66.25 ? 72   VAL A CA  1 
ATOM   52   C C   . VAL A 1 10 ? -18.483 1.199   -3.706  1.00 66.33 ? 72   VAL A C   1 
ATOM   53   O O   . VAL A 1 10 ? -17.909 0.770   -4.720  1.00 67.28 ? 72   VAL A O   1 
ATOM   54   C CB  . VAL A 1 10 ? -19.517 -0.597  -2.302  1.00 66.25 ? 72   VAL A CB  1 
ATOM   55   C CG1 . VAL A 1 10 ? -19.886 -1.105  -3.715  1.00 65.33 ? 72   VAL A CG1 1 
ATOM   56   C CG2 . VAL A 1 10 ? -19.141 -1.741  -1.398  1.00 64.89 ? 72   VAL A CG2 1 
ATOM   57   N N   . ALA A 1 11 ? -19.216 2.311   -3.709  1.00 64.96 ? 73   ALA A N   1 
ATOM   58   C CA  . ALA A 1 11 ? -19.300 3.168   -4.876  1.00 64.18 ? 73   ALA A CA  1 
ATOM   59   C C   . ALA A 1 11 ? -18.009 3.990   -5.091  1.00 64.00 ? 73   ALA A C   1 
ATOM   60   O O   . ALA A 1 11 ? -17.588 4.190   -6.239  1.00 64.02 ? 73   ALA A O   1 
ATOM   61   C CB  . ALA A 1 11 ? -20.536 4.078   -4.783  1.00 64.17 ? 73   ALA A CB  1 
ATOM   62   N N   . VAL A 1 12 ? -17.378 4.472   -4.014  1.00 63.12 ? 74   VAL A N   1 
ATOM   63   C CA  . VAL A 1 12 ? -16.105 5.185   -4.186  1.00 62.67 ? 74   VAL A CA  1 
ATOM   64   C C   . VAL A 1 12 ? -15.032 4.198   -4.666  1.00 62.58 ? 74   VAL A C   1 
ATOM   65   O O   . VAL A 1 12 ? -14.294 4.485   -5.595  1.00 63.04 ? 74   VAL A O   1 
ATOM   66   C CB  . VAL A 1 12 ? -15.643 6.009   -2.928  1.00 62.75 ? 74   VAL A CB  1 
ATOM   67   C CG1 . VAL A 1 12 ? -14.235 6.595   -3.136  1.00 63.20 ? 74   VAL A CG1 1 
ATOM   68   C CG2 . VAL A 1 12 ? -16.602 7.165   -2.611  1.00 61.88 ? 74   VAL A CG2 1 
ATOM   69   N N   . LEU A 1 13 ? -14.974 3.014   -4.072  1.00 62.16 ? 75   LEU A N   1 
ATOM   70   C CA  . LEU A 1 13 ? -14.060 2.000   -4.564  1.00 61.86 ? 75   LEU A CA  1 
ATOM   71   C C   . LEU A 1 13 ? -14.286 1.684   -6.036  1.00 62.20 ? 75   LEU A C   1 
ATOM   72   O O   . LEU A 1 13 ? -13.328 1.394   -6.754  1.00 62.03 ? 75   LEU A O   1 
ATOM   73   C CB  . LEU A 1 13 ? -14.150 0.726   -3.731  1.00 61.33 ? 75   LEU A CB  1 
ATOM   74   C CG  . LEU A 1 13 ? -13.443 0.856   -2.389  1.00 60.74 ? 75   LEU A CG  1 
ATOM   75   C CD1 . LEU A 1 13 ? -13.309 -0.493  -1.759  1.00 61.33 ? 75   LEU A CD1 1 
ATOM   76   C CD2 . LEU A 1 13 ? -12.088 1.539   -2.495  1.00 59.92 ? 75   LEU A CD2 1 
ATOM   77   N N   . ASP A 1 14 ? -15.541 1.741   -6.481  1.00 62.37 ? 76   ASP A N   1 
ATOM   78   C CA  . ASP A 1 14 ? -15.852 1.445   -7.884  1.00 63.17 ? 76   ASP A CA  1 
ATOM   79   C C   . ASP A 1 14 ? -15.358 2.500   -8.873  1.00 62.48 ? 76   ASP A C   1 
ATOM   80   O O   . ASP A 1 14 ? -14.961 2.152   -9.983  1.00 62.07 ? 76   ASP A O   1 
ATOM   81   C CB  . ASP A 1 14 ? -17.337 1.126   -8.085  1.00 64.01 ? 76   ASP A CB  1 
ATOM   82   C CG  . ASP A 1 14 ? -17.675 -0.323  -7.735  1.00 65.81 ? 76   ASP A CG  1 
ATOM   83   O OD1 . ASP A 1 14 ? -18.881 -0.604  -7.565  1.00 66.66 ? 76   ASP A OD1 1 
ATOM   84   O OD2 . ASP A 1 14 ? -16.809 -1.241  -7.610  1.00 68.56 ? 76   ASP A OD2 1 
ATOM   85   N N   . LEU A 1 15 ? -15.351 3.765   -8.433  1.00 62.06 ? 77   LEU A N   1 
ATOM   86   C CA  . LEU A 1 15 ? -14.677 4.883   -9.116  1.00 61.71 ? 77   LEU A CA  1 
ATOM   87   C C   . LEU A 1 15 ? -13.152 4.706   -9.368  1.00 61.41 ? 77   LEU A C   1 
ATOM   88   O O   . LEU A 1 15 ? -12.661 4.973   -10.477 1.00 61.38 ? 77   LEU A O   1 
ATOM   89   C CB  . LEU A 1 15 ? -14.885 6.172   -8.318  1.00 61.74 ? 77   LEU A CB  1 
ATOM   90   C CG  . LEU A 1 15 ? -16.104 7.051   -8.574  1.00 62.05 ? 77   LEU A CG  1 
ATOM   91   C CD1 . LEU A 1 15 ? -16.009 8.302   -7.725  1.00 63.66 ? 77   LEU A CD1 1 
ATOM   92   C CD2 . LEU A 1 15 ? -16.229 7.434   -10.019 1.00 64.32 ? 77   LEU A CD2 1 
ATOM   93   N N   . TYR A 1 16 ? -12.417 4.310   -8.331  1.00 60.61 ? 78   TYR A N   1 
ATOM   94   C CA  . TYR A 1 16 ? -10.988 4.072   -8.441  1.00 60.59 ? 78   TYR A CA  1 
ATOM   95   C C   . TYR A 1 16 ? -10.788 2.929   -9.415  1.00 61.17 ? 78   TYR A C   1 
ATOM   96   O O   . TYR A 1 16 ? -9.874  2.954   -10.246 1.00 61.32 ? 78   TYR A O   1 
ATOM   97   C CB  . TYR A 1 16 ? -10.368 3.710   -7.075  1.00 60.05 ? 78   TYR A CB  1 
ATOM   98   C CG  . TYR A 1 16 ? -10.157 4.881   -6.157  1.00 58.33 ? 78   TYR A CG  1 
ATOM   99   C CD1 . TYR A 1 16 ? -9.006  5.676   -6.240  1.00 58.13 ? 78   TYR A CD1 1 
ATOM   100  C CD2 . TYR A 1 16 ? -11.104 5.205   -5.195  1.00 58.71 ? 78   TYR A CD2 1 
ATOM   101  C CE1 . TYR A 1 16 ? -8.800  6.772   -5.367  1.00 57.53 ? 78   TYR A CE1 1 
ATOM   102  C CE2 . TYR A 1 16 ? -10.922 6.303   -4.322  1.00 58.62 ? 78   TYR A CE2 1 
ATOM   103  C CZ  . TYR A 1 16 ? -9.770  7.076   -4.409  1.00 57.38 ? 78   TYR A CZ  1 
ATOM   104  O OH  . TYR A 1 16 ? -9.610  8.139   -3.550  1.00 54.84 ? 78   TYR A OH  1 
ATOM   105  N N   . GLU A 1 17 ? -11.664 1.935   -9.330  1.00 61.67 ? 79   GLU A N   1 
ATOM   106  C CA  . GLU A 1 17 ? -11.554 0.774   -10.209 1.00 62.68 ? 79   GLU A CA  1 
ATOM   107  C C   . GLU A 1 17 ? -11.765 1.202   -11.654 1.00 62.15 ? 79   GLU A C   1 
ATOM   108  O O   . GLU A 1 17 ? -11.134 0.674   -12.560 1.00 61.92 ? 79   GLU A O   1 
ATOM   109  C CB  . GLU A 1 17 ? -12.546 -0.315  -9.808  1.00 62.78 ? 79   GLU A CB  1 
ATOM   110  C CG  . GLU A 1 17 ? -12.131 -1.714  -10.212 1.00 64.67 ? 79   GLU A CG  1 
ATOM   111  C CD  . GLU A 1 17 ? -13.345 -2.599  -10.481 1.00 69.75 ? 79   GLU A CD  1 
ATOM   112  O OE1 . GLU A 1 17 ? -13.892 -3.194  -9.523  1.00 71.92 ? 79   GLU A OE1 1 
ATOM   113  O OE2 . GLU A 1 17 ? -13.777 -2.691  -11.652 1.00 71.97 ? 79   GLU A OE2 1 
ATOM   114  N N   . GLN A 1 18 ? -12.638 2.189   -11.825 1.00 62.07 ? 80   GLN A N   1 
ATOM   115  C CA  . GLN A 1 18 ? -12.931 2.830   -13.110 1.00 62.14 ? 80   GLN A CA  1 
ATOM   116  C C   . GLN A 1 18 ? -11.868 3.824   -13.605 1.00 61.23 ? 80   GLN A C   1 
ATOM   117  O O   . GLN A 1 18 ? -11.913 4.251   -14.758 1.00 60.89 ? 80   GLN A O   1 
ATOM   118  C CB  . GLN A 1 18 ? -14.257 3.570   -13.018 1.00 62.87 ? 80   GLN A CB  1 
ATOM   119  C CG  . GLN A 1 18 ? -15.483 2.767   -13.440 1.00 65.31 ? 80   GLN A CG  1 
ATOM   120  C CD  . GLN A 1 18 ? -16.747 3.571   -13.253 1.00 70.31 ? 80   GLN A CD  1 
ATOM   121  O OE1 . GLN A 1 18 ? -16.788 4.770   -13.586 1.00 72.08 ? 80   GLN A OE1 1 
ATOM   122  N NE2 . GLN A 1 18 ? -17.817 2.982   -12.699 1.00 72.53 ? 80   GLN A NE2 1 
ATOM   123  N N   . SER A 1 19 ? -10.926 4.198   -12.738 1.00 60.38 ? 81   SER A N   1 
ATOM   124  C CA  . SER A 1 19 ? -9.814  5.070   -13.135 1.00 59.14 ? 81   SER A CA  1 
ATOM   125  C C   . SER A 1 19 ? -8.495  4.317   -13.085 1.00 58.18 ? 81   SER A C   1 
ATOM   126  O O   . SER A 1 19 ? -7.418  4.912   -12.935 1.00 57.96 ? 81   SER A O   1 
ATOM   127  C CB  . SER A 1 19 ? -9.770  6.330   -12.282 1.00 58.78 ? 81   SER A CB  1 
ATOM   128  O OG  . SER A 1 19 ? -10.753 7.232   -12.760 1.00 60.36 ? 81   SER A OG  1 
ATOM   129  N N   . ASN A 1 20 ? -8.600  2.999   -13.239 1.00 56.70 ? 82   ASN A N   1 
ATOM   130  C CA  . ASN A 1 20 ? -7.483  2.082   -13.051 1.00 55.12 ? 82   ASN A CA  1 
ATOM   131  C C   . ASN A 1 20 ? -6.495  2.423   -11.930 1.00 54.36 ? 82   ASN A C   1 
ATOM   132  O O   . ASN A 1 20 ? -5.274  2.284   -12.098 1.00 54.85 ? 82   ASN A O   1 
ATOM   133  C CB  . ASN A 1 20 ? -6.789  1.827   -14.360 1.00 54.75 ? 82   ASN A CB  1 
ATOM   134  C CG  . ASN A 1 20 ? -7.546  0.861   -15.219 1.00 55.54 ? 82   ASN A CG  1 
ATOM   135  O OD1 . ASN A 1 20 ? -7.534  -0.344  -14.955 1.00 55.82 ? 82   ASN A OD1 1 
ATOM   136  N ND2 . ASN A 1 20 ? -8.205  1.370   -16.269 1.00 55.00 ? 82   ASN A ND2 1 
ATOM   137  N N   . ILE A 1 21 ? -7.037  2.849   -10.784 1.00 52.74 ? 83   ILE A N   1 
ATOM   138  C CA  . ILE A 1 21 ? -6.257  2.928   -9.564  1.00 51.41 ? 83   ILE A CA  1 
ATOM   139  C C   . ILE A 1 21 ? -6.430  1.685   -8.659  1.00 50.63 ? 83   ILE A C   1 
ATOM   140  O O   . ILE A 1 21 ? -7.517  1.380   -8.196  1.00 50.89 ? 83   ILE A O   1 
ATOM   141  C CB  . ILE A 1 21 ? -6.542  4.236   -8.811  1.00 51.12 ? 83   ILE A CB  1 
ATOM   142  C CG1 . ILE A 1 21 ? -6.110  5.446   -9.650  1.00 50.16 ? 83   ILE A CG1 1 
ATOM   143  C CG2 . ILE A 1 21 ? -5.764  4.262   -7.469  1.00 51.76 ? 83   ILE A CG2 1 
ATOM   144  C CD1 . ILE A 1 21 ? -6.643  6.795   -9.157  1.00 45.28 ? 83   ILE A CD1 1 
ATOM   145  N N   . ARG A 1 22 ? -5.346  0.970   -8.419  1.00 49.50 ? 84   ARG A N   1 
ATOM   146  C CA  . ARG A 1 22 ? -5.349  -0.099  -7.433  1.00 48.83 ? 84   ARG A CA  1 
ATOM   147  C C   . ARG A 1 22 ? -5.240  0.485   -6.025  1.00 47.77 ? 84   ARG A C   1 
ATOM   148  O O   . ARG A 1 22 ? -4.275  1.173   -5.726  1.00 47.04 ? 84   ARG A O   1 
ATOM   149  C CB  . ARG A 1 22 ? -4.160  -1.024  -7.666  1.00 48.93 ? 84   ARG A CB  1 
ATOM   150  C CG  . ARG A 1 22 ? -4.381  -2.092  -8.695  1.00 50.93 ? 84   ARG A CG  1 
ATOM   151  C CD  . ARG A 1 22 ? -3.170  -3.029  -8.888  1.00 56.93 ? 84   ARG A CD  1 
ATOM   152  N NE  . ARG A 1 22 ? -2.949  -3.969  -7.771  1.00 58.42 ? 84   ARG A NE  1 
ATOM   153  C CZ  . ARG A 1 22 ? -1.781  -4.551  -7.499  1.00 58.97 ? 84   ARG A CZ  1 
ATOM   154  N NH1 . ARG A 1 22 ? -0.711  -4.319  -8.267  1.00 58.69 ? 84   ARG A NH1 1 
ATOM   155  N NH2 . ARG A 1 22 ? -1.681  -5.374  -6.459  1.00 58.48 ? 84   ARG A NH2 1 
ATOM   156  N N   . ILE A 1 23 ? -6.203  0.197   -5.145  1.00 46.87 ? 85   ILE A N   1 
ATOM   157  C CA  . ILE A 1 23 ? -6.122  0.741   -3.785  1.00 45.26 ? 85   ILE A CA  1 
ATOM   158  C C   . ILE A 1 23 ? -5.432  -0.241  -2.884  1.00 44.64 ? 85   ILE A C   1 
ATOM   159  O O   . ILE A 1 23 ? -5.797  -1.385  -2.908  1.00 43.64 ? 85   ILE A O   1 
ATOM   160  C CB  . ILE A 1 23 ? -7.497  1.056   -3.242  1.00 44.97 ? 85   ILE A CB  1 
ATOM   161  C CG1 . ILE A 1 23 ? -8.141  2.157   -4.058  1.00 42.96 ? 85   ILE A CG1 1 
ATOM   162  C CG2 . ILE A 1 23 ? -7.420  1.423   -1.754  1.00 44.44 ? 85   ILE A CG2 1 
ATOM   163  C CD1 . ILE A 1 23 ? -7.604  3.497   -3.771  1.00 42.63 ? 85   ILE A CD1 1 
ATOM   164  N N   . PRO A 1 24 ? -4.439  0.200   -2.103  1.00 45.17 ? 86   PRO A N   1 
ATOM   165  C CA  . PRO A 1 24 ? -3.757  -0.676  -1.146  1.00 46.44 ? 86   PRO A CA  1 
ATOM   166  C C   . PRO A 1 24 ? -4.738  -1.161  -0.094  1.00 47.72 ? 86   PRO A C   1 
ATOM   167  O O   . PRO A 1 24 ? -5.616  -0.407  0.359   1.00 47.04 ? 86   PRO A O   1 
ATOM   168  C CB  . PRO A 1 24 ? -2.738  0.254   -0.492  1.00 45.89 ? 86   PRO A CB  1 
ATOM   169  C CG  . PRO A 1 24 ? -2.543  1.255   -1.468  1.00 44.80 ? 86   PRO A CG  1 
ATOM   170  C CD  . PRO A 1 24 ? -3.884  1.556   -2.029  1.00 44.56 ? 86   PRO A CD  1 
ATOM   171  N N   . SER A 1 25 ? -4.594  -2.428  0.266   1.00 49.19 ? 87   SER A N   1 
ATOM   172  C CA  . SER A 1 25 ? -5.536  -3.070  1.156   1.00 50.73 ? 87   SER A CA  1 
ATOM   173  C C   . SER A 1 25 ? -5.394  -2.505  2.543   1.00 51.21 ? 87   SER A C   1 
ATOM   174  O O   . SER A 1 25 ? -6.379  -2.448  3.291   1.00 50.79 ? 87   SER A O   1 
ATOM   175  C CB  . SER A 1 25 ? -5.369  -4.580  1.138   1.00 51.42 ? 87   SER A CB  1 
ATOM   176  O OG  . SER A 1 25 ? -4.066  -4.942  1.536   1.00 53.96 ? 87   SER A OG  1 
ATOM   177  N N   . ASP A 1 26 ? -4.189  -2.012  2.855   1.00 52.10 ? 88   ASP A N   1 
ATOM   178  C CA  . ASP A 1 26 ? -3.996  -1.177  4.052   1.00 52.52 ? 88   ASP A CA  1 
ATOM   179  C C   . ASP A 1 26 ? -4.964  -0.071  4.158   1.00 52.60 ? 88   ASP A C   1 
ATOM   180  O O   . ASP A 1 26 ? -5.455  0.152   5.219   1.00 54.37 ? 88   ASP A O   1 
ATOM   181  C CB  . ASP A 1 26 ? -2.609  -0.614  4.146   1.00 52.42 ? 88   ASP A CB  1 
ATOM   182  C CG  . ASP A 1 26 ? -1.589  -1.665  3.989   1.00 54.31 ? 88   ASP A CG  1 
ATOM   183  O OD1 . ASP A 1 26 ? -1.249  -1.946  2.816   1.00 58.10 ? 88   ASP A OD1 1 
ATOM   184  O OD2 . ASP A 1 26 ? -1.128  -2.302  4.959   1.00 54.35 ? 88   ASP A OD2 1 
ATOM   185  N N   . ILE A 1 27 ? -5.237  0.633   3.066   1.00 53.49 ? 89   ILE A N   1 
ATOM   186  C CA  . ILE A 1 27 ? -6.225  1.707   3.059   1.00 53.43 ? 89   ILE A CA  1 
ATOM   187  C C   . ILE A 1 27 ? -7.641  1.148   3.173   1.00 54.48 ? 89   ILE A C   1 
ATOM   188  O O   . ILE A 1 27 ? -8.509  1.810   3.710   1.00 55.00 ? 89   ILE A O   1 
ATOM   189  C CB  . ILE A 1 27 ? -6.127  2.557   1.795   1.00 52.79 ? 89   ILE A CB  1 
ATOM   190  C CG1 . ILE A 1 27 ? -4.725  3.123   1.610   1.00 52.31 ? 89   ILE A CG1 1 
ATOM   191  C CG2 . ILE A 1 27 ? -7.104  3.690   1.869   1.00 52.64 ? 89   ILE A CG2 1 
ATOM   192  C CD1 . ILE A 1 27 ? -4.552  3.932   0.325   1.00 48.51 ? 89   ILE A CD1 1 
ATOM   193  N N   . ILE A 1 28 ? -7.897  -0.053  2.659   1.00 55.29 ? 90   ILE A N   1 
ATOM   194  C CA  . ILE A 1 28 ? -9.230  -0.615  2.835   1.00 56.29 ? 90   ILE A CA  1 
ATOM   195  C C   . ILE A 1 28 ? -9.529  -0.743  4.350   1.00 57.16 ? 90   ILE A C   1 
ATOM   196  O O   . ILE A 1 28 ? -10.516 -0.163  4.834   1.00 56.50 ? 90   ILE A O   1 
ATOM   197  C CB  . ILE A 1 28 ? -9.425  -1.967  2.091   1.00 56.00 ? 90   ILE A CB  1 
ATOM   198  C CG1 . ILE A 1 28 ? -9.109  -1.847  0.590   1.00 56.50 ? 90   ILE A CG1 1 
ATOM   199  C CG2 . ILE A 1 28 ? -10.837 -2.468  2.300   1.00 55.65 ? 90   ILE A CG2 1 
ATOM   200  C CD1 . ILE A 1 28 ? -10.109 -1.045  -0.286  1.00 53.33 ? 90   ILE A CD1 1 
ATOM   201  N N   . GLU A 1 29 ? -8.654  -1.474  5.066   1.00 58.02 ? 91   GLU A N   1 
ATOM   202  C CA  . GLU A 1 29 ? -8.680  -1.593  6.525   1.00 58.83 ? 91   GLU A CA  1 
ATOM   203  C C   . GLU A 1 29 ? -9.021  -0.275  7.192   1.00 58.67 ? 91   GLU A C   1 
ATOM   204  O O   . GLU A 1 29 ? -10.091 -0.126  7.774   1.00 58.92 ? 91   GLU A O   1 
ATOM   205  C CB  . GLU A 1 29 ? -7.334  -2.066  7.055   1.00 59.41 ? 91   GLU A CB  1 
ATOM   206  C CG  . GLU A 1 29 ? -7.236  -3.552  7.311   1.00 62.72 ? 91   GLU A CG  1 
ATOM   207  C CD  . GLU A 1 29 ? -6.975  -4.332  6.033   1.00 68.41 ? 91   GLU A CD  1 
ATOM   208  O OE1 . GLU A 1 29 ? -5.777  -4.625  5.746   1.00 69.34 ? 91   GLU A OE1 1 
ATOM   209  O OE2 . GLU A 1 29 ? -7.972  -4.645  5.308   1.00 69.77 ? 91   GLU A OE2 1 
ATOM   210  N N   . ASP A 1 30 ? -8.139  0.704   7.077   1.00 58.38 ? 92   ASP A N   1 
ATOM   211  C CA  . ASP A 1 30 ? -8.335  1.936   7.821   1.00 58.53 ? 92   ASP A CA  1 
ATOM   212  C C   . ASP A 1 30 ? -9.644  2.605   7.425   1.00 58.10 ? 92   ASP A C   1 
ATOM   213  O O   . ASP A 1 30 ? -10.217 3.354   8.188   1.00 59.05 ? 92   ASP A O   1 
ATOM   214  C CB  . ASP A 1 30 ? -7.113  2.854   7.701   1.00 58.51 ? 92   ASP A CB  1 
ATOM   215  C CG  . ASP A 1 30 ? -5.828  2.142   8.092   1.00 60.06 ? 92   ASP A CG  1 
ATOM   216  O OD1 . ASP A 1 30 ? -4.719  2.559   7.724   1.00 61.36 ? 92   ASP A OD1 1 
ATOM   217  O OD2 . ASP A 1 30 ? -5.826  1.097   8.763   1.00 64.05 ? 92   ASP A OD2 1 
ATOM   218  N N   . LEU A 1 31 ? -10.156 2.301   6.255   1.00 57.59 ? 93   LEU A N   1 
ATOM   219  C CA  . LEU A 1 31 ? -11.377 2.953   5.842   1.00 57.68 ? 93   LEU A CA  1 
ATOM   220  C C   . LEU A 1 31 ? -12.616 2.363   6.551   1.00 58.57 ? 93   LEU A C   1 
ATOM   221  O O   . LEU A 1 31 ? -13.435 3.110   7.111   1.00 58.21 ? 93   LEU A O   1 
ATOM   222  C CB  . LEU A 1 31 ? -11.504 2.895   4.330   1.00 57.12 ? 93   LEU A CB  1 
ATOM   223  C CG  . LEU A 1 31 ? -12.850 3.236   3.747   1.00 55.49 ? 93   LEU A CG  1 
ATOM   224  C CD1 . LEU A 1 31 ? -12.838 4.669   3.454   1.00 54.06 ? 93   LEU A CD1 1 
ATOM   225  C CD2 . LEU A 1 31 ? -13.042 2.424   2.507   1.00 53.76 ? 93   LEU A CD2 1 
ATOM   226  N N   . VAL A 1 32 ? -12.753 1.035   6.521   1.00 59.30 ? 94   VAL A N   1 
ATOM   227  C CA  . VAL A 1 32 ? -13.844 0.371   7.236   1.00 60.24 ? 94   VAL A CA  1 
ATOM   228  C C   . VAL A 1 32 ? -13.957 0.813   8.721   1.00 61.20 ? 94   VAL A C   1 
ATOM   229  O O   . VAL A 1 32 ? -15.088 0.954   9.234   1.00 61.16 ? 94   VAL A O   1 
ATOM   230  C CB  . VAL A 1 32 ? -13.810 -1.198  7.124   1.00 60.33 ? 94   VAL A CB  1 
ATOM   231  C CG1 . VAL A 1 32 ? -13.899 -1.664  5.675   1.00 59.22 ? 94   VAL A CG1 1 
ATOM   232  C CG2 . VAL A 1 32 ? -12.603 -1.804  7.822   1.00 59.69 ? 94   VAL A CG2 1 
ATOM   233  N N   . ASN A 1 33 ? -12.802 1.050   9.376   1.00 61.38 ? 95   ASN A N   1 
ATOM   234  C CA  . ASN A 1 33 ? -12.741 1.539   10.762  1.00 62.01 ? 95   ASN A CA  1 
ATOM   235  C C   . ASN A 1 33 ? -13.180 2.999   10.890  1.00 62.71 ? 95   ASN A C   1 
ATOM   236  O O   . ASN A 1 33 ? -13.179 3.570   11.976  1.00 62.88 ? 95   ASN A O   1 
ATOM   237  C CB  . ASN A 1 33 ? -11.320 1.444   11.356  1.00 61.96 ? 95   ASN A CB  1 
ATOM   238  C CG  . ASN A 1 33 ? -10.795 0.010   11.465  1.00 62.15 ? 95   ASN A CG  1 
ATOM   239  O OD1 . ASN A 1 33 ? -11.540 -0.960  11.333  1.00 61.75 ? 95   ASN A OD1 1 
ATOM   240  N ND2 . ASN A 1 33 ? -9.483  -0.119  11.679  1.00 62.36 ? 95   ASN A ND2 1 
ATOM   241  N N   . GLN A 1 34 ? -13.523 3.638   9.794   1.00 63.33 ? 96   GLN A N   1 
ATOM   242  C CA  . GLN A 1 34 ? -13.883 5.028   9.929   1.00 64.00 ? 96   GLN A CA  1 
ATOM   243  C C   . GLN A 1 34 ? -15.404 5.175   9.966   1.00 64.69 ? 96   GLN A C   1 
ATOM   244  O O   . GLN A 1 34 ? -15.923 6.237   10.348  1.00 64.41 ? 96   GLN A O   1 
ATOM   245  C CB  . GLN A 1 34 ? -13.230 5.867   8.829   1.00 63.89 ? 96   GLN A CB  1 
ATOM   246  C CG  . GLN A 1 34 ? -11.711 5.731   8.787   1.00 62.82 ? 96   GLN A CG  1 
ATOM   247  C CD  . GLN A 1 34 ? -10.994 6.510   9.890   1.00 62.55 ? 96   GLN A CD  1 
ATOM   248  O OE1 . GLN A 1 34 ? -11.187 7.738   10.070  1.00 59.38 ? 96   GLN A OE1 1 
ATOM   249  N NE2 . GLN A 1 34 ? -10.144 5.804   10.613  1.00 61.70 ? 96   GLN A NE2 1 
ATOM   250  N N   . ARG A 1 35 ? -16.110 4.115   9.573   1.00 65.28 ? 97   ARG A N   1 
ATOM   251  C CA  . ARG A 1 35 ? -17.570 4.099   9.654   1.00 66.65 ? 97   ARG A CA  1 
ATOM   252  C C   . ARG A 1 35 ? -18.147 5.446   9.204   1.00 67.07 ? 97   ARG A C   1 
ATOM   253  O O   . ARG A 1 35 ? -19.094 5.981   9.808   1.00 67.01 ? 97   ARG A O   1 
ATOM   254  C CB  . ARG A 1 35 ? -18.035 3.763   11.084  1.00 66.87 ? 97   ARG A CB  1 
ATOM   255  C CG  . ARG A 1 35 ? -17.335 2.549   11.746  1.00 68.07 ? 97   ARG A CG  1 
ATOM   256  C CD  . ARG A 1 35 ? -17.817 1.177   11.263  1.00 69.24 ? 97   ARG A CD  1 
ATOM   257  N NE  . ARG A 1 35 ? -19.032 0.717   11.939  1.00 72.78 ? 97   ARG A NE  1 
ATOM   258  C CZ  . ARG A 1 35 ? -20.267 0.775   11.425  1.00 74.14 ? 97   ARG A CZ  1 
ATOM   259  N NH1 . ARG A 1 35 ? -20.482 1.294   10.225  1.00 73.34 ? 97   ARG A NH1 1 
ATOM   260  N NH2 . ARG A 1 35 ? -21.300 0.303   12.123  1.00 76.21 ? 97   ARG A NH2 1 
ATOM   261  N N   . LEU A 1 36 ? -17.528 5.974   8.139   1.00 67.52 ? 98   LEU A N   1 
ATOM   262  C CA  . LEU A 1 36 ? -17.906 7.218   7.480   1.00 67.33 ? 98   LEU A CA  1 
ATOM   263  C C   . LEU A 1 36 ? -19.201 7.070   6.706   1.00 68.37 ? 98   LEU A C   1 
ATOM   264  O O   . LEU A 1 36 ? -19.490 6.007   6.144   1.00 68.03 ? 98   LEU A O   1 
ATOM   265  C CB  . LEU A 1 36 ? -16.784 7.671   6.556   1.00 66.35 ? 98   LEU A CB  1 
ATOM   266  C CG  . LEU A 1 36 ? -15.632 8.319   7.327   1.00 64.89 ? 98   LEU A CG  1 
ATOM   267  C CD1 . LEU A 1 36 ? -14.315 8.217   6.567   1.00 64.50 ? 98   LEU A CD1 1 
ATOM   268  C CD2 . LEU A 1 36 ? -15.959 9.750   7.660   1.00 60.89 ? 98   LEU A CD2 1 
ATOM   269  N N   . GLN A 1 37 ? -19.985 8.143   6.677   1.00 69.95 ? 99   GLN A N   1 
ATOM   270  C CA  . GLN A 1 37 ? -21.369 8.041   6.196   1.00 71.60 ? 99   GLN A CA  1 
ATOM   271  C C   . GLN A 1 37 ? -21.651 8.544   4.781   1.00 71.94 ? 99   GLN A C   1 
ATOM   272  O O   . GLN A 1 37 ? -22.794 8.439   4.304   1.00 72.12 ? 99   GLN A O   1 
ATOM   273  C CB  . GLN A 1 37 ? -22.342 8.731   7.159   1.00 71.69 ? 99   GLN A CB  1 
ATOM   274  C CG  . GLN A 1 37 ? -22.119 8.406   8.611   1.00 74.15 ? 99   GLN A CG  1 
ATOM   275  C CD  . GLN A 1 37 ? -22.301 9.634   9.467   1.00 77.75 ? 99   GLN A CD  1 
ATOM   276  O OE1 . GLN A 1 37 ? -22.314 10.773  8.950   1.00 79.53 ? 99   GLN A OE1 1 
ATOM   277  N NE2 . GLN A 1 37 ? -22.458 9.427   10.779  1.00 78.35 ? 99   GLN A NE2 1 
ATOM   278  N N   . SER A 1 38 ? -20.644 9.089   4.110   1.00 72.12 ? 100  SER A N   1 
ATOM   279  C CA  . SER A 1 38 ? -20.931 9.756   2.853   1.00 72.38 ? 100  SER A CA  1 
ATOM   280  C C   . SER A 1 38 ? -20.416 9.048   1.640   1.00 72.22 ? 100  SER A C   1 
ATOM   281  O O   . SER A 1 38 ? -20.574 7.839   1.486   1.00 72.67 ? 100  SER A O   1 
ATOM   282  C CB  . SER A 1 38 ? -20.336 11.156  2.863   1.00 72.61 ? 100  SER A CB  1 
ATOM   283  O OG  . SER A 1 38 ? -21.298 12.097  3.278   1.00 74.21 ? 100  SER A OG  1 
ATOM   284  N N   . GLU A 1 39 ? -19.826 9.855   0.772   1.00 71.59 ? 101  GLU A N   1 
ATOM   285  C CA  . GLU A 1 39 ? -19.204 9.455   -0.480  1.00 70.94 ? 101  GLU A CA  1 
ATOM   286  C C   . GLU A 1 39 ? -18.103 10.484  -0.600  1.00 70.23 ? 101  GLU A C   1 
ATOM   287  O O   . GLU A 1 39 ? -16.938 10.158  -0.882  1.00 70.25 ? 101  GLU A O   1 
ATOM   288  C CB  . GLU A 1 39 ? -20.165 9.591   -1.669  1.00 70.85 ? 101  GLU A CB  1 
ATOM   289  C CG  . GLU A 1 39 ? -21.018 8.371   -1.941  1.00 71.64 ? 101  GLU A CG  1 
ATOM   290  C CD  . GLU A 1 39 ? -21.456 8.282   -3.399  1.00 75.53 ? 101  GLU A CD  1 
ATOM   291  O OE1 . GLU A 1 39 ? -21.631 9.340   -4.042  1.00 76.98 ? 101  GLU A OE1 1 
ATOM   292  O OE2 . GLU A 1 39 ? -21.625 7.143   -3.911  1.00 76.33 ? 101  GLU A OE2 1 
ATOM   293  N N   . GLN A 1 40 ? -18.490 11.735  -0.347  1.00 68.92 ? 102  GLN A N   1 
ATOM   294  C CA  . GLN A 1 40 ? -17.514 12.807  -0.270  1.00 68.39 ? 102  GLN A CA  1 
ATOM   295  C C   . GLN A 1 40 ? -16.600 12.559  0.920   1.00 67.60 ? 102  GLN A C   1 
ATOM   296  O O   . GLN A 1 40 ? -15.395 12.763  0.826   1.00 67.73 ? 102  GLN A O   1 
ATOM   297  C CB  . GLN A 1 40 ? -18.180 14.189  -0.224  1.00 68.33 ? 102  GLN A CB  1 
ATOM   298  C CG  . GLN A 1 40 ? -17.964 15.030  -1.494  1.00 69.51 ? 102  GLN A CG  1 
ATOM   299  C CD  . GLN A 1 40 ? -16.519 14.996  -1.990  1.00 70.93 ? 102  GLN A CD  1 
ATOM   300  O OE1 . GLN A 1 40 ? -15.683 15.773  -1.532  1.00 71.87 ? 102  GLN A OE1 1 
ATOM   301  N NE2 . GLN A 1 40 ? -16.176 14.115  -2.919  1.00 72.33 ? 102  GLN A NE2 1 
ATOM   302  N N   . GLU A 1 41 ? -17.165 12.081  2.025   1.00 66.80 ? 103  GLU A N   1 
ATOM   303  C CA  . GLU A 1 41 ? -16.381 11.769  3.208   1.00 66.31 ? 103  GLU A CA  1 
ATOM   304  C C   . GLU A 1 41 ? -15.373 10.674  2.887   1.00 65.72 ? 103  GLU A C   1 
ATOM   305  O O   . GLU A 1 41 ? -14.178 10.823  3.185   1.00 65.90 ? 103  GLU A O   1 
ATOM   306  C CB  . GLU A 1 41 ? -17.277 11.299  4.341   1.00 66.48 ? 103  GLU A CB  1 
ATOM   307  C CG  . GLU A 1 41 ? -17.843 12.372  5.274   1.00 67.30 ? 103  GLU A CG  1 
ATOM   308  C CD  . GLU A 1 41 ? -18.881 11.770  6.239   1.00 68.85 ? 103  GLU A CD  1 
ATOM   309  O OE1 . GLU A 1 41 ? -19.865 11.170  5.753   1.00 68.03 ? 103  GLU A OE1 1 
ATOM   310  O OE2 . GLU A 1 41 ? -18.715 11.852  7.480   1.00 68.95 ? 103  GLU A OE2 1 
ATOM   311  N N   . VAL A 1 42 ? -15.861 9.601   2.258   1.00 64.52 ? 104  VAL A N   1 
ATOM   312  C CA  . VAL A 1 42 ? -15.060 8.419   1.946   1.00 63.62 ? 104  VAL A CA  1 
ATOM   313  C C   . VAL A 1 42 ? -13.866 8.784   1.074   1.00 63.30 ? 104  VAL A C   1 
ATOM   314  O O   . VAL A 1 42 ? -12.706 8.471   1.390   1.00 62.86 ? 104  VAL A O   1 
ATOM   315  C CB  . VAL A 1 42 ? -15.908 7.361   1.203   1.00 63.64 ? 104  VAL A CB  1 
ATOM   316  C CG1 . VAL A 1 42 ? -15.041 6.211   0.719   1.00 62.63 ? 104  VAL A CG1 1 
ATOM   317  C CG2 . VAL A 1 42 ? -17.027 6.846   2.100   1.00 63.42 ? 104  VAL A CG2 1 
ATOM   318  N N   . LEU A 1 43 ? -14.176 9.464   -0.024  1.00 63.08 ? 105  LEU A N   1 
ATOM   319  C CA  . LEU A 1 43 ? -13.199 9.785   -1.053  1.00 62.43 ? 105  LEU A CA  1 
ATOM   320  C C   . LEU A 1 43 ? -12.106 10.672  -0.475  1.00 61.94 ? 105  LEU A C   1 
ATOM   321  O O   . LEU A 1 43 ? -10.902 10.377  -0.641  1.00 62.11 ? 105  LEU A O   1 
ATOM   322  C CB  . LEU A 1 43 ? -13.885 10.465  -2.221  1.00 62.38 ? 105  LEU A CB  1 
ATOM   323  C CG  . LEU A 1 43 ? -13.057 10.893  -3.426  1.00 63.15 ? 105  LEU A CG  1 
ATOM   324  C CD1 . LEU A 1 43 ? -13.939 10.873  -4.654  1.00 62.14 ? 105  LEU A CD1 1 
ATOM   325  C CD2 . LEU A 1 43 ? -12.469 12.308  -3.219  1.00 64.30 ? 105  LEU A CD2 1 
ATOM   326  N N   . ASN A 1 44 ? -12.519 11.722  0.232   1.00 60.77 ? 106  ASN A N   1 
ATOM   327  C CA  . ASN A 1 44 ? -11.569 12.604  0.889   1.00 60.17 ? 106  ASN A CA  1 
ATOM   328  C C   . ASN A 1 44 ? -10.676 11.821  1.818   1.00 59.53 ? 106  ASN A C   1 
ATOM   329  O O   . ASN A 1 44 ? -9.503  12.170  1.990   1.00 59.96 ? 106  ASN A O   1 
ATOM   330  C CB  . ASN A 1 44 ? -12.265 13.701  1.674   1.00 60.73 ? 106  ASN A CB  1 
ATOM   331  C CG  . ASN A 1 44 ? -13.159 14.590  0.802   1.00 62.42 ? 106  ASN A CG  1 
ATOM   332  O OD1 . ASN A 1 44 ? -13.587 14.205  -0.302  1.00 65.81 ? 106  ASN A OD1 1 
ATOM   333  N ND2 . ASN A 1 44 ? -13.461 15.778  1.310   1.00 62.26 ? 106  ASN A ND2 1 
ATOM   334  N N   . TYR A 1 45 ? -11.209 10.742  2.391   1.00 57.96 ? 107  TYR A N   1 
ATOM   335  C CA  . TYR A 1 45 ? -10.405 9.930   3.276   1.00 56.50 ? 107  TYR A CA  1 
ATOM   336  C C   . TYR A 1 45 ? -9.419  8.979   2.536   1.00 56.13 ? 107  TYR A C   1 
ATOM   337  O O   . TYR A 1 45 ? -8.207  8.991   2.812   1.00 55.92 ? 107  TYR A O   1 
ATOM   338  C CB  . TYR A 1 45 ? -11.279 9.183   4.278   1.00 56.71 ? 107  TYR A CB  1 
ATOM   339  C CG  . TYR A 1 45 ? -10.461 8.290   5.169   1.00 54.94 ? 107  TYR A CG  1 
ATOM   340  C CD1 . TYR A 1 45 ? -9.876  8.796   6.318   1.00 53.04 ? 107  TYR A CD1 1 
ATOM   341  C CD2 . TYR A 1 45 ? -10.232 6.962   4.821   1.00 52.47 ? 107  TYR A CD2 1 
ATOM   342  C CE1 . TYR A 1 45 ? -9.099  8.001   7.114   1.00 54.91 ? 107  TYR A CE1 1 
ATOM   343  C CE2 . TYR A 1 45 ? -9.443  6.161   5.590   1.00 54.45 ? 107  TYR A CE2 1 
ATOM   344  C CZ  . TYR A 1 45 ? -8.882  6.678   6.747   1.00 55.56 ? 107  TYR A CZ  1 
ATOM   345  O OH  . TYR A 1 45 ? -8.116  5.884   7.553   1.00 54.47 ? 107  TYR A OH  1 
ATOM   346  N N   . ILE A 1 46 ? -9.916  8.140   1.633   1.00 54.96 ? 108  ILE A N   1 
ATOM   347  C CA  . ILE A 1 46 ? -9.007  7.335   0.829   1.00 54.11 ? 108  ILE A CA  1 
ATOM   348  C C   . ILE A 1 46 ? -7.887  8.238   0.308   1.00 54.13 ? 108  ILE A C   1 
ATOM   349  O O   . ILE A 1 46 ? -6.707  7.903   0.427   1.00 54.07 ? 108  ILE A O   1 
ATOM   350  C CB  . ILE A 1 46 ? -9.739  6.675   -0.342  1.00 54.02 ? 108  ILE A CB  1 
ATOM   351  C CG1 . ILE A 1 46 ? -10.774 5.677   0.168   1.00 54.53 ? 108  ILE A CG1 1 
ATOM   352  C CG2 . ILE A 1 46 ? -8.766  5.918   -1.231  1.00 54.16 ? 108  ILE A CG2 1 
ATOM   353  C CD1 . ILE A 1 46 ? -11.905 5.432   -0.822  1.00 54.00 ? 108  ILE A CD1 1 
ATOM   354  N N   . GLU A 1 47 ? -8.265  9.404   -0.231  1.00 53.71 ? 109  GLU A N   1 
ATOM   355  C CA  . GLU A 1 47 ? -7.308  10.326  -0.851  1.00 52.96 ? 109  GLU A CA  1 
ATOM   356  C C   . GLU A 1 47 ? -6.208  10.791  0.087   1.00 52.27 ? 109  GLU A C   1 
ATOM   357  O O   . GLU A 1 47 ? -5.070  10.920  -0.312  1.00 52.23 ? 109  GLU A O   1 
ATOM   358  C CB  . GLU A 1 47 ? -8.021  11.540  -1.462  1.00 53.42 ? 109  GLU A CB  1 
ATOM   359  C CG  . GLU A 1 47 ? -8.533  11.355  -2.896  1.00 53.90 ? 109  GLU A CG  1 
ATOM   360  C CD  . GLU A 1 47 ? -7.420  11.147  -3.899  1.00 55.19 ? 109  GLU A CD  1 
ATOM   361  O OE1 . GLU A 1 47 ? -7.630  10.397  -4.895  1.00 52.62 ? 109  GLU A OE1 1 
ATOM   362  O OE2 . GLU A 1 47 ? -6.320  11.721  -3.654  1.00 57.82 ? 109  GLU A OE2 1 
ATOM   363  N N   . THR A 1 48 ? -6.557  11.044  1.336   1.00 52.16 ? 110  THR A N   1 
ATOM   364  C CA  . THR A 1 48 ? -5.591  11.427  2.359   1.00 51.74 ? 110  THR A CA  1 
ATOM   365  C C   . THR A 1 48 ? -4.635  10.269  2.541   1.00 51.67 ? 110  THR A C   1 
ATOM   366  O O   . THR A 1 48 ? -3.462  10.437  2.915   1.00 51.54 ? 110  THR A O   1 
ATOM   367  C CB  . THR A 1 48 ? -6.344  11.631  3.693   1.00 52.01 ? 110  THR A CB  1 
ATOM   368  O OG1 . THR A 1 48 ? -7.236  12.758  3.603   1.00 50.86 ? 110  THR A OG1 1 
ATOM   369  C CG2 . THR A 1 48 ? -5.370  11.969  4.819   1.00 52.73 ? 110  THR A CG2 1 
ATOM   370  N N   . GLN A 1 49 ? -5.157  9.075   2.278   1.00 51.04 ? 111  GLN A N   1 
ATOM   371  C CA  . GLN A 1 49 ? -4.443  7.865   2.613   1.00 50.74 ? 111  GLN A CA  1 
ATOM   372  C C   . GLN A 1 49 ? -3.490  7.515   1.485   1.00 50.30 ? 111  GLN A C   1 
ATOM   373  O O   . GLN A 1 49 ? -2.364  7.039   1.738   1.00 49.76 ? 111  GLN A O   1 
ATOM   374  C CB  . GLN A 1 49 ? -5.427  6.718   2.927   1.00 50.88 ? 111  GLN A CB  1 
ATOM   375  C CG  . GLN A 1 49 ? -6.023  6.756   4.352   1.00 50.59 ? 111  GLN A CG  1 
ATOM   376  C CD  . GLN A 1 49 ? -4.972  6.941   5.444   1.00 49.06 ? 111  GLN A CD  1 
ATOM   377  O OE1 . GLN A 1 49 ? -4.865  8.020   6.015   1.00 48.36 ? 111  GLN A OE1 1 
ATOM   378  N NE2 . GLN A 1 49 ? -4.198  5.886   5.733   1.00 49.05 ? 111  GLN A NE2 1 
ATOM   379  N N   . ARG A 1 50 ? -3.955  7.761   0.259   1.00 49.16 ? 112  ARG A N   1 
ATOM   380  C CA  . ARG A 1 50 ? -3.121  7.636   -0.912  1.00 49.20 ? 112  ARG A CA  1 
ATOM   381  C C   . ARG A 1 50 ? -1.969  8.622   -0.838  1.00 50.24 ? 112  ARG A C   1 
ATOM   382  O O   . ARG A 1 50 ? -0.810  8.206   -0.999  1.00 49.82 ? 112  ARG A O   1 
ATOM   383  C CB  . ARG A 1 50 ? -3.927  7.813   -2.176  1.00 48.77 ? 112  ARG A CB  1 
ATOM   384  C CG  . ARG A 1 50 ? -5.009  6.734   -2.364  1.00 48.15 ? 112  ARG A CG  1 
ATOM   385  C CD  . ARG A 1 50 ? -5.155  6.274   -3.781  1.00 47.28 ? 112  ARG A CD  1 
ATOM   386  N NE  . ARG A 1 50 ? -5.432  7.453   -4.597  1.00 51.41 ? 112  ARG A NE  1 
ATOM   387  C CZ  . ARG A 1 50 ? -4.922  7.707   -5.800  1.00 49.31 ? 112  ARG A CZ  1 
ATOM   388  N NH1 . ARG A 1 50 ? -4.115  6.851   -6.408  1.00 47.85 ? 112  ARG A NH1 1 
ATOM   389  N NH2 . ARG A 1 50 ? -5.244  8.834   -6.394  1.00 48.95 ? 112  ARG A NH2 1 
ATOM   390  N N   . THR A 1 51 ? -2.271  9.901   -0.550  1.00 51.03 ? 113  THR A N   1 
ATOM   391  C CA  . THR A 1 51 ? -1.228  10.907  -0.291  1.00 52.25 ? 113  THR A CA  1 
ATOM   392  C C   . THR A 1 51 ? -0.221  10.347  0.696   1.00 53.22 ? 113  THR A C   1 
ATOM   393  O O   . THR A 1 51 ? 0.992   10.460  0.499   1.00 53.91 ? 113  THR A O   1 
ATOM   394  C CB  . THR A 1 51 ? -1.807  12.221  0.307   1.00 52.54 ? 113  THR A CB  1 
ATOM   395  O OG1 . THR A 1 51 ? -2.702  12.823  -0.619  1.00 52.52 ? 113  THR A OG1 1 
ATOM   396  C CG2 . THR A 1 51 ? -0.704  13.298  0.476   1.00 51.39 ? 113  THR A CG2 1 
ATOM   397  N N   . TYR A 1 52 ? -0.744  9.740   1.761   1.00 53.76 ? 114  TYR A N   1 
ATOM   398  C CA  . TYR A 1 52 ? 0.081   9.189   2.827   1.00 53.48 ? 114  TYR A CA  1 
ATOM   399  C C   . TYR A 1 52 ? 0.909   8.052   2.295   1.00 52.79 ? 114  TYR A C   1 
ATOM   400  O O   . TYR A 1 52 ? 2.095   7.975   2.550   1.00 53.06 ? 114  TYR A O   1 
ATOM   401  C CB  . TYR A 1 52 ? -0.787  8.725   4.016   1.00 53.46 ? 114  TYR A CB  1 
ATOM   402  C CG  . TYR A 1 52 ? -0.023  7.883   5.007   1.00 54.41 ? 114  TYR A CG  1 
ATOM   403  C CD1 . TYR A 1 52 ? -0.123  6.497   4.985   1.00 55.94 ? 114  TYR A CD1 1 
ATOM   404  C CD2 . TYR A 1 52 ? 0.827   8.470   5.956   1.00 55.89 ? 114  TYR A CD2 1 
ATOM   405  C CE1 . TYR A 1 52 ? 0.589   5.714   5.877   1.00 57.25 ? 114  TYR A CE1 1 
ATOM   406  C CE2 . TYR A 1 52 ? 1.544   7.687   6.866   1.00 55.94 ? 114  TYR A CE2 1 
ATOM   407  C CZ  . TYR A 1 52 ? 1.418   6.308   6.817   1.00 56.54 ? 114  TYR A CZ  1 
ATOM   408  O OH  . TYR A 1 52 ? 2.123   5.498   7.687   1.00 58.29 ? 114  TYR A OH  1 
ATOM   409  N N   . TRP A 1 53 ? 0.288   7.156   1.546   1.00 52.54 ? 115  TRP A N   1 
ATOM   410  C CA  . TRP A 1 53 ? 1.019   5.951   1.181   1.00 52.06 ? 115  TRP A CA  1 
ATOM   411  C C   . TRP A 1 53 ? 2.015   6.239   0.103   1.00 51.79 ? 115  TRP A C   1 
ATOM   412  O O   . TRP A 1 53 ? 3.017   5.583   0.043   1.00 51.96 ? 115  TRP A O   1 
ATOM   413  C CB  . TRP A 1 53 ? 0.104   4.792   0.839   1.00 51.42 ? 115  TRP A CB  1 
ATOM   414  C CG  . TRP A 1 53 ? -0.350  4.086   2.048   1.00 52.51 ? 115  TRP A CG  1 
ATOM   415  C CD1 . TRP A 1 53 ? -1.606  4.138   2.624   1.00 54.60 ? 115  TRP A CD1 1 
ATOM   416  C CD2 . TRP A 1 53 ? 0.431   3.216   2.880   1.00 52.97 ? 115  TRP A CD2 1 
ATOM   417  N NE1 . TRP A 1 53 ? -1.645  3.341   3.751   1.00 54.90 ? 115  TRP A NE1 1 
ATOM   418  C CE2 . TRP A 1 53 ? -0.410  2.763   3.928   1.00 53.67 ? 115  TRP A CE2 1 
ATOM   419  C CE3 . TRP A 1 53 ? 1.752   2.754   2.838   1.00 51.12 ? 115  TRP A CE3 1 
ATOM   420  C CZ2 . TRP A 1 53 ? 0.035   1.883   4.907   1.00 51.56 ? 115  TRP A CZ2 1 
ATOM   421  C CZ3 . TRP A 1 53 ? 2.179   1.887   3.800   1.00 49.68 ? 115  TRP A CZ3 1 
ATOM   422  C CH2 . TRP A 1 53 ? 1.329   1.464   4.827   1.00 50.91 ? 115  TRP A CH2 1 
ATOM   423  N N   . LYS A 1 54 ? 1.746   7.256   -0.715  1.00 52.11 ? 116  LYS A N   1 
ATOM   424  C CA  . LYS A 1 54 ? 2.686   7.748   -1.715  1.00 51.65 ? 116  LYS A CA  1 
ATOM   425  C C   . LYS A 1 54 ? 3.951   8.196   -1.026  1.00 51.34 ? 116  LYS A C   1 
ATOM   426  O O   . LYS A 1 54 ? 5.065   7.837   -1.430  1.00 51.35 ? 116  LYS A O   1 
ATOM   427  C CB  . LYS A 1 54 ? 2.058   8.882   -2.515  1.00 51.95 ? 116  LYS A CB  1 
ATOM   428  C CG  . LYS A 1 54 ? 3.000   10.034  -2.882  1.00 54.38 ? 116  LYS A CG  1 
ATOM   429  C CD  . LYS A 1 54 ? 2.342   11.002  -3.881  1.00 56.22 ? 116  LYS A CD  1 
ATOM   430  C CE  . LYS A 1 54 ? 2.048   12.370  -3.234  1.00 58.41 ? 116  LYS A CE  1 
ATOM   431  N NZ  . LYS A 1 54 ? 0.667   12.883  -3.585  1.00 61.03 ? 116  LYS A NZ  1 
ATOM   432  N N   . LEU A 1 55 ? 3.781   8.935   0.058   1.00 50.95 ? 117  LEU A N   1 
ATOM   433  C CA  . LEU A 1 55 ? 4.930   9.401   0.812   1.00 50.78 ? 117  LEU A CA  1 
ATOM   434  C C   . LEU A 1 55 ? 5.741   8.314   1.499   1.00 50.75 ? 117  LEU A C   1 
ATOM   435  O O   . LEU A 1 55 ? 6.942   8.441   1.583   1.00 50.90 ? 117  LEU A O   1 
ATOM   436  C CB  . LEU A 1 55 ? 4.494   10.439  1.830   1.00 50.85 ? 117  LEU A CB  1 
ATOM   437  C CG  . LEU A 1 55 ? 4.741   11.897  1.451   1.00 50.40 ? 117  LEU A CG  1 
ATOM   438  C CD1 . LEU A 1 55 ? 4.990   12.103  -0.041  1.00 49.72 ? 117  LEU A CD1 1 
ATOM   439  C CD2 . LEU A 1 55 ? 3.572   12.713  1.886   1.00 48.35 ? 117  LEU A CD2 1 
ATOM   440  N N   . GLU A 1 56 ? 5.084   7.257   1.989   1.00 51.08 ? 118  GLU A N   1 
ATOM   441  C CA  . GLU A 1 56 ? 5.752   6.202   2.755   1.00 50.72 ? 118  GLU A CA  1 
ATOM   442  C C   . GLU A 1 56 ? 6.574   5.309   1.842   1.00 50.82 ? 118  GLU A C   1 
ATOM   443  O O   . GLU A 1 56 ? 7.568   4.703   2.251   1.00 50.90 ? 118  GLU A O   1 
ATOM   444  C CB  . GLU A 1 56 ? 4.717   5.370   3.507   1.00 51.04 ? 118  GLU A CB  1 
ATOM   445  C CG  . GLU A 1 56 ? 5.269   4.491   4.626   1.00 50.40 ? 118  GLU A CG  1 
ATOM   446  C CD  . GLU A 1 56 ? 5.729   5.251   5.848   1.00 49.12 ? 118  GLU A CD  1 
ATOM   447  O OE1 . GLU A 1 56 ? 6.523   4.701   6.627   1.00 48.67 ? 118  GLU A OE1 1 
ATOM   448  O OE2 . GLU A 1 56 ? 5.291   6.389   6.057   1.00 52.04 ? 118  GLU A OE2 1 
ATOM   449  N N   . ASN A 1 57 ? 6.148   5.230   0.593   1.00 50.35 ? 119  ASN A N   1 
ATOM   450  C CA  . ASN A 1 57 ? 6.798   4.370   -0.351  1.00 50.39 ? 119  ASN A CA  1 
ATOM   451  C C   . ASN A 1 57 ? 7.989   5.134   -0.927  1.00 51.58 ? 119  ASN A C   1 
ATOM   452  O O   . ASN A 1 57 ? 8.857   4.571   -1.602  1.00 51.26 ? 119  ASN A O   1 
ATOM   453  C CB  . ASN A 1 57 ? 5.794   3.918   -1.429  1.00 50.05 ? 119  ASN A CB  1 
ATOM   454  C CG  . ASN A 1 57 ? 4.889   2.766   -0.964  1.00 47.40 ? 119  ASN A CG  1 
ATOM   455  O OD1 . ASN A 1 57 ? 5.355   1.698   -0.607  1.00 45.71 ? 119  ASN A OD1 1 
ATOM   456  N ND2 . ASN A 1 57 ? 3.598   2.994   -0.969  1.00 45.87 ? 119  ASN A ND2 1 
ATOM   457  N N   . GLN A 1 58 ? 8.026   6.430   -0.623  1.00 52.85 ? 120  GLN A N   1 
ATOM   458  C CA  . GLN A 1 58 ? 9.069   7.340   -1.095  1.00 53.38 ? 120  GLN A CA  1 
ATOM   459  C C   . GLN A 1 58 ? 10.224  7.400   -0.134  1.00 53.44 ? 120  GLN A C   1 
ATOM   460  O O   . GLN A 1 58 ? 11.340  7.656   -0.539  1.00 53.86 ? 120  GLN A O   1 
ATOM   461  C CB  . GLN A 1 58 ? 8.502   8.739   -1.253  1.00 53.84 ? 120  GLN A CB  1 
ATOM   462  C CG  . GLN A 1 58 ? 9.064   9.514   -2.415  1.00 56.64 ? 120  GLN A CG  1 
ATOM   463  C CD  . GLN A 1 58 ? 8.146   10.634  -2.843  1.00 59.42 ? 120  GLN A CD  1 
ATOM   464  O OE1 . GLN A 1 58 ? 7.595   11.368  -2.007  1.00 61.84 ? 120  GLN A OE1 1 
ATOM   465  N NE2 . GLN A 1 58 ? 7.964   10.767  -4.143  1.00 61.17 ? 120  GLN A NE2 1 
ATOM   466  N N   . LYS A 1 59 ? 9.960   7.170   1.149   1.00 53.84 ? 121  LYS A N   1 
ATOM   467  C CA  . LYS A 1 59 ? 11.010  7.211   2.154   1.00 54.23 ? 121  LYS A CA  1 
ATOM   468  C C   . LYS A 1 59 ? 12.236  6.482   1.629   1.00 55.72 ? 121  LYS A C   1 
ATOM   469  O O   . LYS A 1 59 ? 12.117  5.551   0.855   1.00 55.63 ? 121  LYS A O   1 
ATOM   470  C CB  . LYS A 1 59 ? 10.510  6.657   3.491   1.00 53.07 ? 121  LYS A CB  1 
ATOM   471  C CG  . LYS A 1 59 ? 9.240   7.359   3.978   1.00 51.43 ? 121  LYS A CG  1 
ATOM   472  C CD  . LYS A 1 59 ? 9.241   7.776   5.450   1.00 47.26 ? 121  LYS A CD  1 
ATOM   473  C CE  . LYS A 1 59 ? 7.917   8.503   5.791   1.00 47.07 ? 121  LYS A CE  1 
ATOM   474  N NZ  . LYS A 1 59 ? 7.411   8.455   7.224   1.00 46.79 ? 121  LYS A NZ  1 
ATOM   475  N N   . LYS A 1 60 ? 13.423  6.941   2.002   1.00 58.36 ? 122  LYS A N   1 
ATOM   476  C CA  . LYS A 1 60 ? 14.651  6.301   1.526   1.00 60.44 ? 122  LYS A CA  1 
ATOM   477  C C   . LYS A 1 60 ? 15.096  5.324   2.575   1.00 61.19 ? 122  LYS A C   1 
ATOM   478  O O   . LYS A 1 60 ? 15.145  5.685   3.748   1.00 61.34 ? 122  LYS A O   1 
ATOM   479  C CB  . LYS A 1 60 ? 15.758  7.332   1.200   1.00 60.63 ? 122  LYS A CB  1 
ATOM   480  C CG  . LYS A 1 60 ? 17.001  6.750   0.476   1.00 61.81 ? 122  LYS A CG  1 
ATOM   481  C CD  . LYS A 1 60 ? 18.253  7.631   0.682   1.00 65.46 ? 122  LYS A CD  1 
ATOM   482  C CE  . LYS A 1 60 ? 19.303  6.990   1.653   1.00 65.78 ? 122  LYS A CE  1 
ATOM   483  N NZ  . LYS A 1 60 ? 20.738  7.287   1.266   1.00 63.55 ? 122  LYS A NZ  1 
ATOM   484  N N   . LEU A 1 61 ? 15.402  4.094   2.160   1.00 62.97 ? 123  LEU A N   1 
ATOM   485  C CA  . LEU A 1 61 ? 15.812  3.056   3.111   1.00 65.01 ? 123  LEU A CA  1 
ATOM   486  C C   . LEU A 1 61 ? 17.282  3.074   3.493   1.00 67.12 ? 123  LEU A C   1 
ATOM   487  O O   . LEU A 1 61 ? 18.163  3.193   2.637   1.00 67.77 ? 123  LEU A O   1 
ATOM   488  C CB  . LEU A 1 61 ? 15.456  1.651   2.620   1.00 64.30 ? 123  LEU A CB  1 
ATOM   489  C CG  . LEU A 1 61 ? 16.120  0.574   3.501   1.00 63.02 ? 123  LEU A CG  1 
ATOM   490  C CD1 . LEU A 1 61 ? 15.254  0.077   4.666   1.00 59.77 ? 123  LEU A CD1 1 
ATOM   491  C CD2 . LEU A 1 61 ? 16.700  -0.565  2.670   1.00 60.01 ? 123  LEU A CD2 1 
ATOM   492  N N   . TYR A 1 62 ? 17.523  2.877   4.790   1.00 69.71 ? 124  TYR A N   1 
ATOM   493  C CA  . TYR A 1 62 ? 18.861  2.665   5.320   1.00 72.23 ? 124  TYR A CA  1 
ATOM   494  C C   . TYR A 1 62 ? 19.243  1.159   5.371   1.00 73.44 ? 124  TYR A C   1 
ATOM   495  O O   . TYR A 1 62 ? 18.602  0.381   6.101   1.00 74.17 ? 124  TYR A O   1 
ATOM   496  C CB  . TYR A 1 62 ? 18.985  3.264   6.712   1.00 72.02 ? 124  TYR A CB  1 
ATOM   497  C CG  . TYR A 1 62 ? 20.211  2.740   7.402   1.00 75.72 ? 124  TYR A CG  1 
ATOM   498  C CD1 . TYR A 1 62 ? 20.183  2.324   8.745   1.00 77.40 ? 124  TYR A CD1 1 
ATOM   499  C CD2 . TYR A 1 62 ? 21.419  2.624   6.684   1.00 78.37 ? 124  TYR A CD2 1 
ATOM   500  C CE1 . TYR A 1 62 ? 21.345  1.840   9.340   1.00 79.35 ? 124  TYR A CE1 1 
ATOM   501  C CE2 . TYR A 1 62 ? 22.574  2.138   7.265   1.00 80.15 ? 124  TYR A CE2 1 
ATOM   502  C CZ  . TYR A 1 62 ? 22.539  1.750   8.596   1.00 81.43 ? 124  TYR A CZ  1 
ATOM   503  O OH  . TYR A 1 62 ? 23.703  1.271   9.164   1.00 84.45 ? 124  TYR A OH  1 
ATOM   504  N N   . ARG A 1 63 ? 20.325  0.779   4.650   1.00 74.85 ? 125  ARG A N   1 
ATOM   505  C CA  . ARG A 1 63 ? 20.726  -0.636  4.439   1.00 75.56 ? 125  ARG A CA  1 
ATOM   506  C C   . ARG A 1 63 ? 22.168  -1.014  4.856   1.00 76.78 ? 125  ARG A C   1 
ATOM   507  O O   . ARG A 1 63 ? 23.133  -0.287  4.561   1.00 76.78 ? 125  ARG A O   1 
ATOM   508  C CB  . ARG A 1 63 ? 20.512  -1.031  2.942   1.00 75.30 ? 125  ARG A CB  1 
ATOM   509  C CG  . ARG A 1 63 ? 20.391  0.149   1.920   1.00 73.71 ? 125  ARG A CG  1 
ATOM   510  C CD  . ARG A 1 63 ? 20.338  -0.279  0.449   1.00 71.14 ? 125  ARG A CD  1 
ATOM   511  N NE  . ARG A 1 63 ? 19.174  0.269   -0.263  1.00 72.46 ? 125  ARG A NE  1 
ATOM   512  C CZ  . ARG A 1 63 ? 18.965  0.221   -1.591  1.00 72.61 ? 125  ARG A CZ  1 
ATOM   513  N NH1 . ARG A 1 63 ? 19.843  -0.356  -2.408  1.00 73.21 ? 125  ARG A NH1 1 
ATOM   514  N NH2 . ARG A 1 63 ? 17.869  0.758   -2.113  1.00 70.71 ? 125  ARG A NH2 1 
ATOM   515  N N   . GLY A 1 64 ? 22.311  -2.156  5.531   1.00 77.60 ? 126  GLY A N   1 
ATOM   516  C CA  . GLY A 1 64 ? 23.625  -2.763  5.738   1.00 78.80 ? 126  GLY A CA  1 
ATOM   517  C C   . GLY A 1 64 ? 23.950  -3.700  4.562   1.00 79.88 ? 126  GLY A C   1 
ATOM   518  O O   . GLY A 1 64 ? 24.541  -4.777  4.760   1.00 79.90 ? 126  GLY A O   1 
ATOM   519  N N   . SER A 1 65 ? 23.571  -3.261  3.349   1.00 80.47 ? 127  SER A N   1 
ATOM   520  C CA  . SER A 1 65 ? 23.499  -4.095  2.130   1.00 81.07 ? 127  SER A CA  1 
ATOM   521  C C   . SER A 1 65 ? 24.231  -3.482  0.916   1.00 81.71 ? 127  SER A C   1 
ATOM   522  O O   . SER A 1 65 ? 25.451  -3.633  0.781   1.00 81.78 ? 127  SER A O   1 
ATOM   523  C CB  . SER A 1 65 ? 22.028  -4.335  1.738   1.00 80.88 ? 127  SER A CB  1 
ATOM   524  O OG  . SER A 1 65 ? 21.584  -5.629  2.133   1.00 80.45 ? 127  SER A OG  1 
ATOM   525  N N   . LEU A 1 66 ? 23.439  -2.819  0.045   1.00 82.29 ? 128  LEU A N   1 
ATOM   526  C CA  . LEU A 1 66 ? 23.848  -2.133  -1.227  1.00 82.87 ? 128  LEU A CA  1 
ATOM   527  C C   . LEU A 1 66 ? 23.909  -3.061  -2.462  1.00 83.01 ? 128  LEU A C   1 
ATOM   528  O O   . LEU A 1 66 ? 23.062  -2.980  -3.362  1.00 82.93 ? 128  LEU A O   1 
ATOM   529  C CB  . LEU A 1 66 ? 25.167  -1.326  -1.043  1.00 83.16 ? 128  LEU A CB  1 
ATOM   530  C CG  . LEU A 1 66 ? 25.824  -0.435  -2.130  1.00 82.90 ? 128  LEU A CG  1 
ATOM   531  C CD1 . LEU A 1 66 ? 26.123  0.988   -1.610  1.00 80.84 ? 128  LEU A CD1 1 
ATOM   532  C CD2 . LEU A 1 66 ? 27.110  -1.083  -2.694  1.00 83.06 ? 128  LEU A CD2 1 
ATOM   533  N N   . VAL B 1 3  ? 2.481   -13.606 7.978   1.00 78.45 ? 65   VAL B N   1 
ATOM   534  C CA  . VAL B 1 3  ? 2.042   -14.795 7.166   1.00 78.33 ? 65   VAL B CA  1 
ATOM   535  C C   . VAL B 1 3  ? 2.966   -16.009 7.420   1.00 78.21 ? 65   VAL B C   1 
ATOM   536  O O   . VAL B 1 3  ? 3.530   -16.159 8.520   1.00 78.19 ? 65   VAL B O   1 
ATOM   537  C CB  . VAL B 1 3  ? 1.950   -14.446 5.633   1.00 78.54 ? 65   VAL B CB  1 
ATOM   538  C CG1 . VAL B 1 3  ? 1.186   -15.551 4.840   1.00 78.26 ? 65   VAL B CG1 1 
ATOM   539  C CG2 . VAL B 1 3  ? 1.298   -13.056 5.413   1.00 77.92 ? 65   VAL B CG2 1 
ATOM   540  N N   . ASN B 1 4  ? 3.106   -16.877 6.421   1.00 77.85 ? 66   ASN B N   1 
ATOM   541  C CA  . ASN B 1 4  ? 4.121   -17.917 6.496   1.00 77.59 ? 66   ASN B CA  1 
ATOM   542  C C   . ASN B 1 4  ? 5.388   -17.260 5.985   1.00 77.14 ? 66   ASN B C   1 
ATOM   543  O O   . ASN B 1 4  ? 5.652   -17.230 4.771   1.00 77.38 ? 66   ASN B O   1 
ATOM   544  C CB  . ASN B 1 4  ? 3.763   -19.158 5.671   1.00 77.64 ? 66   ASN B CB  1 
ATOM   545  C CG  . ASN B 1 4  ? 4.728   -20.322 5.916   1.00 78.75 ? 66   ASN B CG  1 
ATOM   546  O OD1 . ASN B 1 4  ? 4.335   -21.489 5.814   1.00 81.51 ? 66   ASN B OD1 1 
ATOM   547  N ND2 . ASN B 1 4  ? 5.984   -20.007 6.253   1.00 77.59 ? 66   ASN B ND2 1 
ATOM   548  N N   . LEU B 1 5  ? 6.174   -16.721 6.914   1.00 76.22 ? 67   LEU B N   1 
ATOM   549  C CA  . LEU B 1 5  ? 7.336   -15.950 6.514   1.00 75.32 ? 67   LEU B CA  1 
ATOM   550  C C   . LEU B 1 5  ? 8.679   -16.651 6.638   1.00 74.92 ? 67   LEU B C   1 
ATOM   551  O O   . LEU B 1 5  ? 8.993   -17.369 7.601   1.00 74.78 ? 67   LEU B O   1 
ATOM   552  C CB  . LEU B 1 5  ? 7.357   -14.580 7.207   1.00 75.22 ? 67   LEU B CB  1 
ATOM   553  C CG  . LEU B 1 5  ? 7.940   -13.439 6.374   1.00 74.02 ? 67   LEU B CG  1 
ATOM   554  C CD1 . LEU B 1 5  ? 7.063   -13.097 5.179   1.00 72.29 ? 67   LEU B CD1 1 
ATOM   555  C CD2 . LEU B 1 5  ? 8.112   -12.238 7.267   1.00 74.11 ? 67   LEU B CD2 1 
ATOM   556  N N   . SER B 1 6  ? 9.433   -16.377 5.601   1.00 74.43 ? 68   SER B N   1 
ATOM   557  C CA  . SER B 1 6  ? 10.756  -16.859 5.362   1.00 74.40 ? 68   SER B CA  1 
ATOM   558  C C   . SER B 1 6  ? 11.760  -16.325 6.367   1.00 74.30 ? 68   SER B C   1 
ATOM   559  O O   . SER B 1 6  ? 11.394  -15.743 7.390   1.00 74.98 ? 68   SER B O   1 
ATOM   560  C CB  . SER B 1 6  ? 11.130  -16.475 3.930   1.00 74.40 ? 68   SER B CB  1 
ATOM   561  O OG  . SER B 1 6  ? 12.532  -16.620 3.692   1.00 75.27 ? 68   SER B OG  1 
ATOM   562  N N   . ALA B 1 7  ? 13.037  -16.557 6.074   1.00 74.22 ? 69   ALA B N   1 
ATOM   563  C CA  . ALA B 1 7  ? 14.111  -16.390 7.048   1.00 73.92 ? 69   ALA B CA  1 
ATOM   564  C C   . ALA B 1 7  ? 14.978  -15.192 6.772   1.00 73.66 ? 69   ALA B C   1 
ATOM   565  O O   . ALA B 1 7  ? 15.399  -14.524 7.716   1.00 74.03 ? 69   ALA B O   1 
ATOM   566  C CB  . ALA B 1 7  ? 14.972  -17.654 7.128   1.00 73.84 ? 69   ALA B CB  1 
ATOM   567  N N   . CYS B 1 8  ? 15.269  -14.904 5.514   1.00 73.15 ? 70   CYS B N   1 
ATOM   568  C CA  . CYS B 1 8  ? 16.039  -13.690 5.221   1.00 73.34 ? 70   CYS B CA  1 
ATOM   569  C C   . CYS B 1 8  ? 15.114  -12.518 4.938   1.00 72.17 ? 70   CYS B C   1 
ATOM   570  O O   . CYS B 1 8  ? 15.358  -11.408 5.398   1.00 73.22 ? 70   CYS B O   1 
ATOM   571  C CB  . CYS B 1 8  ? 17.018  -13.872 4.062   1.00 73.67 ? 70   CYS B CB  1 
ATOM   572  S SG  . CYS B 1 8  ? 16.634  -15.266 2.997   1.00 77.53 ? 70   CYS B SG  1 
ATOM   573  N N   . GLU B 1 9  ? 14.055  -12.772 4.173   1.00 70.60 ? 71   GLU B N   1 
ATOM   574  C CA  . GLU B 1 9  ? 12.922  -11.855 4.099   1.00 68.93 ? 71   GLU B CA  1 
ATOM   575  C C   . GLU B 1 9  ? 12.740  -11.132 5.443   1.00 68.01 ? 71   GLU B C   1 
ATOM   576  O O   . GLU B 1 9  ? 12.868  -9.910  5.524   1.00 67.98 ? 71   GLU B O   1 
ATOM   577  C CB  . GLU B 1 9  ? 11.648  -12.620 3.707   1.00 68.58 ? 71   GLU B CB  1 
ATOM   578  C CG  . GLU B 1 9  ? 11.714  -13.213 2.316   1.00 69.14 ? 71   GLU B CG  1 
ATOM   579  C CD  . GLU B 1 9  ? 10.461  -13.986 1.910   1.00 71.25 ? 71   GLU B CD  1 
ATOM   580  O OE1 . GLU B 1 9  ? 10.251  -14.185 0.677   1.00 69.69 ? 71   GLU B OE1 1 
ATOM   581  O OE2 . GLU B 1 9  ? 9.691   -14.391 2.821   1.00 70.91 ? 71   GLU B OE2 1 
ATOM   582  N N   . VAL B 1 10 ? 12.486  -11.890 6.499   1.00 66.98 ? 72   VAL B N   1 
ATOM   583  C CA  . VAL B 1 10 ? 12.313  -11.347 7.846   1.00 66.52 ? 72   VAL B CA  1 
ATOM   584  C C   . VAL B 1 10 ? 13.391  -10.323 8.278   1.00 66.51 ? 72   VAL B C   1 
ATOM   585  O O   . VAL B 1 10 ? 13.097  -9.384  9.034   1.00 67.22 ? 72   VAL B O   1 
ATOM   586  C CB  . VAL B 1 10 ? 12.278  -12.483 8.877   1.00 66.72 ? 72   VAL B CB  1 
ATOM   587  C CG1 . VAL B 1 10 ? 12.706  -11.987 10.271  1.00 66.21 ? 72   VAL B CG1 1 
ATOM   588  C CG2 . VAL B 1 10 ? 10.902  -13.108 8.920   1.00 65.94 ? 72   VAL B CG2 1 
ATOM   589  N N   . ALA B 1 11 ? 14.623  -10.518 7.808   1.00 65.36 ? 73   ALA B N   1 
ATOM   590  C CA  . ALA B 1 11 ? 15.720  -9.616  8.106   1.00 64.56 ? 73   ALA B CA  1 
ATOM   591  C C   . ALA B 1 11 ? 15.609  -8.324  7.286   1.00 64.49 ? 73   ALA B C   1 
ATOM   592  O O   . ALA B 1 11 ? 15.891  -7.230  7.801   1.00 64.48 ? 73   ALA B O   1 
ATOM   593  C CB  . ALA B 1 11 ? 17.073  -10.322 7.867   1.00 64.45 ? 73   ALA B CB  1 
ATOM   594  N N   . VAL B 1 12 ? 15.212  -8.429  6.011   1.00 63.71 ? 74   VAL B N   1 
ATOM   595  C CA  . VAL B 1 12 ? 15.001  -7.212  5.218   1.00 63.15 ? 74   VAL B CA  1 
ATOM   596  C C   . VAL B 1 12 ? 13.803  -6.464  5.814   1.00 63.01 ? 74   VAL B C   1 
ATOM   597  O O   . VAL B 1 12 ? 13.857  -5.262  6.024   1.00 63.48 ? 74   VAL B O   1 
ATOM   598  C CB  . VAL B 1 12 ? 14.859  -7.480  3.677   1.00 63.38 ? 74   VAL B CB  1 
ATOM   599  C CG1 . VAL B 1 12 ? 14.478  -6.206  2.909   1.00 63.32 ? 74   VAL B CG1 1 
ATOM   600  C CG2 . VAL B 1 12 ? 16.157  -8.058  3.079   1.00 62.68 ? 74   VAL B CG2 1 
ATOM   601  N N   . LEU B 1 13 ? 12.736  -7.176  6.148   1.00 62.45 ? 75   LEU B N   1 
ATOM   602  C CA  . LEU B 1 13 ? 11.625  -6.520  6.803   1.00 62.23 ? 75   LEU B CA  1 
ATOM   603  C C   . LEU B 1 13 ? 12.054  -5.785  8.063   1.00 62.56 ? 75   LEU B C   1 
ATOM   604  O O   . LEU B 1 13 ? 11.493  -4.731  8.379   1.00 62.59 ? 75   LEU B O   1 
ATOM   605  C CB  . LEU B 1 13 ? 10.492  -7.495  7.094   1.00 61.48 ? 75   LEU B CB  1 
ATOM   606  C CG  . LEU B 1 13 ? 9.671   -7.749  5.833   1.00 60.86 ? 75   LEU B CG  1 
ATOM   607  C CD1 . LEU B 1 13 ? 8.385   -8.420  6.183   1.00 61.46 ? 75   LEU B CD1 1 
ATOM   608  C CD2 . LEU B 1 13 ? 9.400   -6.488  5.034   1.00 59.40 ? 75   LEU B CD2 1 
ATOM   609  N N   . ASP B 1 14 ? 13.038  -6.337  8.774   1.00 62.63 ? 76   ASP B N   1 
ATOM   610  C CA  . ASP B 1 14 ? 13.506  -5.722  10.018  1.00 63.32 ? 76   ASP B CA  1 
ATOM   611  C C   . ASP B 1 14 ? 14.267  -4.413  9.805   1.00 62.91 ? 76   ASP B C   1 
ATOM   612  O O   . ASP B 1 14 ? 14.110  -3.483  10.602  1.00 62.61 ? 76   ASP B O   1 
ATOM   613  C CB  . ASP B 1 14 ? 14.277  -6.715  10.901  1.00 63.93 ? 76   ASP B CB  1 
ATOM   614  C CG  . ASP B 1 14 ? 13.339  -7.604  11.741  1.00 65.86 ? 76   ASP B CG  1 
ATOM   615  O OD1 . ASP B 1 14 ? 13.796  -8.677  12.197  1.00 65.26 ? 76   ASP B OD1 1 
ATOM   616  O OD2 . ASP B 1 14 ? 12.126  -7.307  11.990  1.00 68.68 ? 76   ASP B OD2 1 
ATOM   617  N N   . LEU B 1 15 ? 15.039  -4.346  8.708   1.00 62.53 ? 77   LEU B N   1 
ATOM   618  C CA  . LEU B 1 15 ? 15.668  -3.115  8.203   1.00 62.08 ? 77   LEU B CA  1 
ATOM   619  C C   . LEU B 1 15 ? 14.709  -1.919  7.948   1.00 61.93 ? 77   LEU B C   1 
ATOM   620  O O   . LEU B 1 15 ? 15.020  -0.773  8.316   1.00 62.09 ? 77   LEU B O   1 
ATOM   621  C CB  . LEU B 1 15 ? 16.410  -3.413  6.903   1.00 62.04 ? 77   LEU B CB  1 
ATOM   622  C CG  . LEU B 1 15 ? 17.861  -3.888  6.908   1.00 62.82 ? 77   LEU B CG  1 
ATOM   623  C CD1 . LEU B 1 15 ? 18.354  -3.981  5.472   1.00 63.84 ? 77   LEU B CD1 1 
ATOM   624  C CD2 . LEU B 1 15 ? 18.779  -2.988  7.712   1.00 64.91 ? 77   LEU B CD2 1 
ATOM   625  N N   . TYR B 1 16 ? 13.588  -2.186  7.278   1.00 61.17 ? 78   TYR B N   1 
ATOM   626  C CA  . TYR B 1 16 ? 12.595  -1.170  6.970   1.00 60.95 ? 78   TYR B CA  1 
ATOM   627  C C   . TYR B 1 16 ? 11.985  -0.710  8.278   1.00 61.59 ? 78   TYR B C   1 
ATOM   628  O O   . TYR B 1 16 ? 11.711  0.481   8.472   1.00 61.71 ? 78   TYR B O   1 
ATOM   629  C CB  . TYR B 1 16 ? 11.488  -1.724  6.050   1.00 60.48 ? 78   TYR B CB  1 
ATOM   630  C CG  . TYR B 1 16 ? 11.879  -1.845  4.599   1.00 58.93 ? 78   TYR B CG  1 
ATOM   631  C CD1 . TYR B 1 16 ? 11.813  -0.746  3.734   1.00 58.03 ? 78   TYR B CD1 1 
ATOM   632  C CD2 . TYR B 1 16 ? 12.319  -3.059  4.077   1.00 59.37 ? 78   TYR B CD2 1 
ATOM   633  C CE1 . TYR B 1 16 ? 12.170  -0.853  2.379   1.00 57.32 ? 78   TYR B CE1 1 
ATOM   634  C CE2 . TYR B 1 16 ? 12.688  -3.180  2.716   1.00 59.14 ? 78   TYR B CE2 1 
ATOM   635  C CZ  . TYR B 1 16 ? 12.606  -2.074  1.876   1.00 58.08 ? 78   TYR B CZ  1 
ATOM   636  O OH  . TYR B 1 16 ? 12.971  -2.200  0.552   1.00 56.68 ? 78   TYR B OH  1 
ATOM   637  N N   . GLU B 1 17 ? 11.784  -1.656  9.188   1.00 62.10 ? 79   GLU B N   1 
ATOM   638  C CA  . GLU B 1 17 ? 11.201  -1.330  10.485  1.00 63.11 ? 79   GLU B CA  1 
ATOM   639  C C   . GLU B 1 17 ? 12.163  -0.435  11.258  1.00 62.71 ? 79   GLU B C   1 
ATOM   640  O O   . GLU B 1 17 ? 11.739  0.442   11.991  1.00 62.38 ? 79   GLU B O   1 
ATOM   641  C CB  . GLU B 1 17 ? 10.883  -2.602  11.275  1.00 63.53 ? 79   GLU B CB  1 
ATOM   642  C CG  . GLU B 1 17 ? 9.828   -2.453  12.360  1.00 65.04 ? 79   GLU B CG  1 
ATOM   643  C CD  . GLU B 1 17 ? 10.050  -3.450  13.499  1.00 69.45 ? 79   GLU B CD  1 
ATOM   644  O OE1 . GLU B 1 17 ? 9.628   -4.623  13.383  1.00 71.34 ? 79   GLU B OE1 1 
ATOM   645  O OE2 . GLU B 1 17 ? 10.671  -3.075  14.517  1.00 71.51 ? 79   GLU B OE2 1 
ATOM   646  N N   . GLN B 1 18 ? 13.458  -0.671  11.047  1.00 62.63 ? 80   GLN B N   1 
ATOM   647  C CA  . GLN B 1 18 ? 14.552  0.118   11.612  1.00 62.48 ? 80   GLN B CA  1 
ATOM   648  C C   . GLN B 1 18 ? 14.774  1.477   10.921  1.00 61.60 ? 80   GLN B C   1 
ATOM   649  O O   . GLN B 1 18 ? 15.502  2.330   11.435  1.00 61.29 ? 80   GLN B O   1 
ATOM   650  C CB  . GLN B 1 18 ? 15.842  -0.682  11.524  1.00 63.24 ? 80   GLN B CB  1 
ATOM   651  C CG  . GLN B 1 18 ? 16.149  -1.550  12.741  1.00 65.90 ? 80   GLN B CG  1 
ATOM   652  C CD  . GLN B 1 18 ? 17.480  -2.261  12.588  1.00 70.42 ? 80   GLN B CD  1 
ATOM   653  O OE1 . GLN B 1 18 ? 18.454  -1.687  12.060  1.00 71.19 ? 80   GLN B OE1 1 
ATOM   654  N NE2 . GLN B 1 18 ? 17.590  -3.521  13.019  1.00 72.88 ? 80   GLN B NE2 1 
ATOM   655  N N   . SER B 1 19 ? 14.164  1.671   9.754   1.00 60.66 ? 81   SER B N   1 
ATOM   656  C CA  . SER B 1 19 ? 14.236  2.955   9.051   1.00 59.55 ? 81   SER B CA  1 
ATOM   657  C C   . SER B 1 19 ? 12.880  3.651   9.048   1.00 58.56 ? 81   SER B C   1 
ATOM   658  O O   . SER B 1 19 ? 12.577  4.467   8.173   1.00 58.53 ? 81   SER B O   1 
ATOM   659  C CB  . SER B 1 19 ? 14.773  2.776   7.638   1.00 59.05 ? 81   SER B CB  1 
ATOM   660  O OG  . SER B 1 19 ? 16.182  2.674   7.705   1.00 61.08 ? 81   SER B OG  1 
ATOM   661  N N   . ASN B 1 20 ? 12.080  3.324   10.055  1.00 57.14 ? 82   ASN B N   1 
ATOM   662  C CA  . ASN B 1 20 ? 10.688  3.742   10.130  1.00 55.69 ? 82   ASN B CA  1 
ATOM   663  C C   . ASN B 1 20 ? 9.912   3.788   8.803   1.00 54.98 ? 82   ASN B C   1 
ATOM   664  O O   . ASN B 1 20 ? 9.120   4.715   8.557   1.00 55.27 ? 82   ASN B O   1 
ATOM   665  C CB  . ASN B 1 20 ? 10.569  5.020   10.925  1.00 55.33 ? 82   ASN B CB  1 
ATOM   666  C CG  . ASN B 1 20 ? 10.658  4.772   12.412  1.00 56.03 ? 82   ASN B CG  1 
ATOM   667  O OD1 . ASN B 1 20 ? 9.705   4.282   13.009  1.00 56.94 ? 82   ASN B OD1 1 
ATOM   668  N ND2 . ASN B 1 20 ? 11.802  5.105   13.025  1.00 54.72 ? 82   ASN B ND2 1 
ATOM   669  N N   . ILE B 1 21 ? 10.133  2.771   7.961   1.00 53.42 ? 83   ILE B N   1 
ATOM   670  C CA  . ILE B 1 21 ? 9.299   2.576   6.785   1.00 52.11 ? 83   ILE B CA  1 
ATOM   671  C C   . ILE B 1 21 ? 8.213   1.516   7.027   1.00 51.24 ? 83   ILE B C   1 
ATOM   672  O O   . ILE B 1 21 ? 8.517   0.360   7.284   1.00 51.28 ? 83   ILE B O   1 
ATOM   673  C CB  . ILE B 1 21 ? 10.147  2.225   5.564   1.00 51.70 ? 83   ILE B CB  1 
ATOM   674  C CG1 . ILE B 1 21 ? 11.049  3.396   5.196   1.00 51.29 ? 83   ILE B CG1 1 
ATOM   675  C CG2 . ILE B 1 21 ? 9.252   1.873   4.357   1.00 52.14 ? 83   ILE B CG2 1 
ATOM   676  C CD1 . ILE B 1 21 ? 12.246  3.018   4.295   1.00 47.26 ? 83   ILE B CD1 1 
ATOM   677  N N   . ARG B 1 22 ? 6.952   1.921   6.946   1.00 49.85 ? 84   ARG B N   1 
ATOM   678  C CA  . ARG B 1 22 ? 5.852   0.976   6.989   1.00 49.22 ? 84   ARG B CA  1 
ATOM   679  C C   . ARG B 1 22 ? 5.703   0.308   5.624   1.00 48.28 ? 84   ARG B C   1 
ATOM   680  O O   . ARG B 1 22 ? 5.520   1.004   4.633   1.00 47.75 ? 84   ARG B O   1 
ATOM   681  C CB  . ARG B 1 22 ? 4.557   1.708   7.317   1.00 49.34 ? 84   ARG B CB  1 
ATOM   682  C CG  . ARG B 1 22 ? 4.284   1.894   8.780   1.00 50.86 ? 84   ARG B CG  1 
ATOM   683  C CD  . ARG B 1 22 ? 2.970   2.626   9.068   1.00 56.35 ? 84   ARG B CD  1 
ATOM   684  N NE  . ARG B 1 22 ? 1.762   1.819   8.821   1.00 57.94 ? 84   ARG B NE  1 
ATOM   685  C CZ  . ARG B 1 22 ? 0.545   2.328   8.610   1.00 59.22 ? 84   ARG B CZ  1 
ATOM   686  N NH1 . ARG B 1 22 ? 0.340   3.649   8.623   1.00 59.01 ? 84   ARG B NH1 1 
ATOM   687  N NH2 . ARG B 1 22 ? -0.484  1.512   8.394   1.00 59.70 ? 84   ARG B NH2 1 
ATOM   688  N N   . ILE B 1 23 ? 5.768   -1.029  5.556   1.00 47.07 ? 85   ILE B N   1 
ATOM   689  C CA  . ILE B 1 23 ? 5.624   -1.699  4.262   1.00 45.67 ? 85   ILE B CA  1 
ATOM   690  C C   . ILE B 1 23 ? 4.189   -2.093  4.039   1.00 45.24 ? 85   ILE B C   1 
ATOM   691  O O   . ILE B 1 23 ? 3.627   -2.707  4.906   1.00 44.29 ? 85   ILE B O   1 
ATOM   692  C CB  . ILE B 1 23 ? 6.495   -2.933  4.194   1.00 45.87 ? 85   ILE B CB  1 
ATOM   693  C CG1 . ILE B 1 23 ? 7.971   -2.560  4.255   1.00 44.01 ? 85   ILE B CG1 1 
ATOM   694  C CG2 . ILE B 1 23 ? 6.156   -3.775  2.928   1.00 45.77 ? 85   ILE B CG2 1 
ATOM   695  C CD1 . ILE B 1 23 ? 8.516   -2.020  2.969   1.00 42.51 ? 85   ILE B CD1 1 
ATOM   696  N N   . PRO B 1 24 ? 3.600   -1.738  2.890   1.00 45.88 ? 86   PRO B N   1 
ATOM   697  C CA  . PRO B 1 24 ? 2.214   -2.120  2.579   1.00 46.82 ? 86   PRO B CA  1 
ATOM   698  C C   . PRO B 1 24 ? 2.090   -3.636  2.549   1.00 48.26 ? 86   PRO B C   1 
ATOM   699  O O   . PRO B 1 24 ? 2.995   -4.354  2.082   1.00 47.73 ? 86   PRO B O   1 
ATOM   700  C CB  . PRO B 1 24 ? 2.007   -1.586  1.165   1.00 46.18 ? 86   PRO B CB  1 
ATOM   701  C CG  . PRO B 1 24 ? 2.985   -0.540  1.049   1.00 45.35 ? 86   PRO B CG  1 
ATOM   702  C CD  . PRO B 1 24 ? 4.196   -0.982  1.774   1.00 45.12 ? 86   PRO B CD  1 
ATOM   703  N N   . SER B 1 25 ? 0.973   -4.124  3.062   1.00 49.60 ? 87   SER B N   1 
ATOM   704  C CA  . SER B 1 25 ? 0.810   -5.545  3.200   1.00 51.11 ? 87   SER B CA  1 
ATOM   705  C C   . SER B 1 25 ? 0.636   -6.177  1.841   1.00 51.61 ? 87   SER B C   1 
ATOM   706  O O   . SER B 1 25 ? 1.002   -7.339  1.662   1.00 51.64 ? 87   SER B O   1 
ATOM   707  C CB  . SER B 1 25 ? -0.343  -5.878  4.130   1.00 51.42 ? 87   SER B CB  1 
ATOM   708  O OG  . SER B 1 25 ? -1.549  -5.426  3.574   1.00 54.23 ? 87   SER B OG  1 
ATOM   709  N N   . ASP B 1 26 ? 0.130   -5.401  0.874   1.00 52.40 ? 88   ASP B N   1 
ATOM   710  C CA  . ASP B 1 26 ? 0.152   -5.826  -0.537  1.00 52.80 ? 88   ASP B CA  1 
ATOM   711  C C   . ASP B 1 26 ? 1.498   -6.274  -0.975  1.00 52.85 ? 88   ASP B C   1 
ATOM   712  O O   . ASP B 1 26 ? 1.601   -7.275  -1.634  1.00 53.93 ? 88   ASP B O   1 
ATOM   713  C CB  . ASP B 1 26 ? -0.322  -4.743  -1.477  1.00 52.61 ? 88   ASP B CB  1 
ATOM   714  C CG  . ASP B 1 26 ? -1.625  -4.179  -1.052  1.00 54.87 ? 88   ASP B CG  1 
ATOM   715  O OD1 . ASP B 1 26 ? -1.601  -3.229  -0.234  1.00 57.89 ? 88   ASP B OD1 1 
ATOM   716  O OD2 . ASP B 1 26 ? -2.715  -4.658  -1.431  1.00 56.25 ? 88   ASP B OD2 1 
ATOM   717  N N   . ILE B 1 27 ? 2.538   -5.533  -0.617  1.00 53.76 ? 89   ILE B N   1 
ATOM   718  C CA  . ILE B 1 27 ? 3.905   -5.933  -0.934  1.00 53.60 ? 89   ILE B CA  1 
ATOM   719  C C   . ILE B 1 27 ? 4.313   -7.164  -0.142  1.00 54.34 ? 89   ILE B C   1 
ATOM   720  O O   . ILE B 1 27 ? 5.083   -7.962  -0.627  1.00 55.28 ? 89   ILE B O   1 
ATOM   721  C CB  . ILE B 1 27 ? 4.904   -4.810  -0.685  1.00 52.90 ? 89   ILE B CB  1 
ATOM   722  C CG1 . ILE B 1 27 ? 4.501   -3.543  -1.426  1.00 51.79 ? 89   ILE B CG1 1 
ATOM   723  C CG2 . ILE B 1 27 ? 6.269   -5.246  -1.141  1.00 52.53 ? 89   ILE B CG2 1 
ATOM   724  C CD1 . ILE B 1 27 ? 5.452   -2.391  -1.191  1.00 49.30 ? 89   ILE B CD1 1 
ATOM   725  N N   . ILE B 1 28 ? 3.816   -7.341  1.074   1.00 55.02 ? 90   ILE B N   1 
ATOM   726  C CA  . ILE B 1 28 ? 4.157   -8.570  1.781   1.00 56.04 ? 90   ILE B CA  1 
ATOM   727  C C   . ILE B 1 28 ? 3.703   -9.801  0.956   1.00 56.73 ? 90   ILE B C   1 
ATOM   728  O O   . ILE B 1 28 ? 4.548   -10.636 0.589   1.00 56.32 ? 90   ILE B O   1 
ATOM   729  C CB  . ILE B 1 28 ? 3.616   -8.614  3.237   1.00 55.97 ? 90   ILE B CB  1 
ATOM   730  C CG1 . ILE B 1 28 ? 4.033   -7.368  4.047   1.00 56.29 ? 90   ILE B CG1 1 
ATOM   731  C CG2 . ILE B 1 28 ? 4.102   -9.884  3.926   1.00 55.64 ? 90   ILE B CG2 1 
ATOM   732  C CD1 . ILE B 1 28 ? 5.546   -7.210  4.343   1.00 53.27 ? 90   ILE B CD1 1 
ATOM   733  N N   . GLU B 1 29 ? 2.393   -9.872  0.662   1.00 57.46 ? 91   GLU B N   1 
ATOM   734  C CA  . GLU B 1 29 ? 1.791   -10.843 -0.264  1.00 58.33 ? 91   GLU B CA  1 
ATOM   735  C C   . GLU B 1 29 ? 2.678   -11.164 -1.456  1.00 58.41 ? 91   GLU B C   1 
ATOM   736  O O   . GLU B 1 29 ? 3.192   -12.273 -1.579  1.00 58.75 ? 91   GLU B O   1 
ATOM   737  C CB  . GLU B 1 29 ? 0.468   -10.323 -0.801  1.00 58.79 ? 91   GLU B CB  1 
ATOM   738  C CG  . GLU B 1 29 ? -0.760  -10.835 -0.090  1.00 61.86 ? 91   GLU B CG  1 
ATOM   739  C CD  . GLU B 1 29 ? -1.001  -10.091 1.210   1.00 67.89 ? 91   GLU B CD  1 
ATOM   740  O OE1 . GLU B 1 29 ? -1.777  -9.092  1.182   1.00 68.91 ? 91   GLU B OE1 1 
ATOM   741  O OE2 . GLU B 1 29 ? -0.405  -10.501 2.258   1.00 69.86 ? 91   GLU B OE2 1 
ATOM   742  N N   . ASP B 1 30 ? 2.888   -10.189 -2.325  1.00 58.21 ? 92   ASP B N   1 
ATOM   743  C CA  . ASP B 1 30 ? 3.644   -10.446 -3.531  1.00 58.36 ? 92   ASP B CA  1 
ATOM   744  C C   . ASP B 1 30 ? 5.051   -10.934 -3.214  1.00 58.02 ? 92   ASP B C   1 
ATOM   745  O O   . ASP B 1 30 ? 5.661   -11.647 -4.000  1.00 58.45 ? 92   ASP B O   1 
ATOM   746  C CB  . ASP B 1 30 ? 3.624   -9.221  -4.443  1.00 58.37 ? 92   ASP B CB  1 
ATOM   747  C CG  . ASP B 1 30 ? 2.219   -8.813  -4.789  1.00 60.15 ? 92   ASP B CG  1 
ATOM   748  O OD1 . ASP B 1 30 ? 1.947   -7.667  -5.190  1.00 62.19 ? 92   ASP B OD1 1 
ATOM   749  O OD2 . ASP B 1 30 ? 1.273   -9.599  -4.639  1.00 64.47 ? 92   ASP B OD2 1 
ATOM   750  N N   . LEU B 1 31 ? 5.559   -10.601 -2.047  1.00 57.53 ? 93   LEU B N   1 
ATOM   751  C CA  . LEU B 1 31 ? 6.915   -11.009 -1.746  1.00 57.89 ? 93   LEU B CA  1 
ATOM   752  C C   . LEU B 1 31 ? 7.004   -12.509 -1.408  1.00 58.64 ? 93   LEU B C   1 
ATOM   753  O O   . LEU B 1 31 ? 7.818   -13.236 -1.980  1.00 58.60 ? 93   LEU B O   1 
ATOM   754  C CB  . LEU B 1 31 ? 7.486   -10.149 -0.629  1.00 57.28 ? 93   LEU B CB  1 
ATOM   755  C CG  . LEU B 1 31 ? 8.777   -10.649 -0.028  1.00 55.60 ? 93   LEU B CG  1 
ATOM   756  C CD1 . LEU B 1 31 ? 9.905   -10.015 -0.764  1.00 53.87 ? 93   LEU B CD1 1 
ATOM   757  C CD2 . LEU B 1 31 ? 8.769   -10.273 1.413   1.00 53.80 ? 93   LEU B CD2 1 
ATOM   758  N N   . VAL B 1 32 ? 6.175   -12.965 -0.476  1.00 59.51 ? 94   VAL B N   1 
ATOM   759  C CA  . VAL B 1 32 ? 6.128   -14.387 -0.157  1.00 60.62 ? 94   VAL B CA  1 
ATOM   760  C C   . VAL B 1 32 ? 5.971   -15.292 -1.414  1.00 61.54 ? 94   VAL B C   1 
ATOM   761  O O   . VAL B 1 32 ? 6.579   -16.380 -1.462  1.00 61.62 ? 94   VAL B O   1 
ATOM   762  C CB  . VAL B 1 32 ? 5.054   -14.740 0.928   1.00 60.73 ? 94   VAL B CB  1 
ATOM   763  C CG1 . VAL B 1 32 ? 5.287   -13.944 2.208   1.00 60.06 ? 94   VAL B CG1 1 
ATOM   764  C CG2 . VAL B 1 32 ? 3.629   -14.562 0.419   1.00 59.76 ? 94   VAL B CG2 1 
ATOM   765  N N   . ASN B 1 33 ? 5.186   -14.828 -2.406  1.00 61.68 ? 95   ASN B N   1 
ATOM   766  C CA  . ASN B 1 33 ? 4.996   -15.530 -3.685  1.00 62.13 ? 95   ASN B CA  1 
ATOM   767  C C   . ASN B 1 33 ? 6.238   -15.486 -4.567  1.00 62.53 ? 95   ASN B C   1 
ATOM   768  O O   . ASN B 1 33 ? 6.240   -16.003 -5.675  1.00 62.83 ? 95   ASN B O   1 
ATOM   769  C CB  . ASN B 1 33 ? 3.830   -14.942 -4.509  1.00 62.02 ? 95   ASN B CB  1 
ATOM   770  C CG  . ASN B 1 33 ? 2.484   -15.054 -3.816  1.00 62.20 ? 95   ASN B CG  1 
ATOM   771  O OD1 . ASN B 1 33 ? 2.315   -15.823 -2.869  1.00 62.00 ? 95   ASN B OD1 1 
ATOM   772  N ND2 . ASN B 1 33 ? 1.512   -14.258 -4.277  1.00 62.96 ? 95   ASN B ND2 1 
ATOM   773  N N   . GLN B 1 34 ? 7.296   -14.855 -4.112  1.00 63.03 ? 96   GLN B N   1 
ATOM   774  C CA  . GLN B 1 34 ? 8.454   -14.807 -4.970  1.00 63.60 ? 96   GLN B CA  1 
ATOM   775  C C   . GLN B 1 34 ? 9.462   -15.871 -4.563  1.00 64.16 ? 96   GLN B C   1 
ATOM   776  O O   . GLN B 1 34 ? 10.376  -16.189 -5.337  1.00 64.10 ? 96   GLN B O   1 
ATOM   777  C CB  . GLN B 1 34 ? 9.051   -13.401 -5.008  1.00 63.34 ? 96   GLN B CB  1 
ATOM   778  C CG  . GLN B 1 34 ? 8.062   -12.340 -5.471  1.00 62.62 ? 96   GLN B CG  1 
ATOM   779  C CD  . GLN B 1 34 ? 7.800   -12.348 -6.980  1.00 62.14 ? 96   GLN B CD  1 
ATOM   780  O OE1 . GLN B 1 34 ? 8.722   -12.185 -7.803  1.00 59.46 ? 96   GLN B OE1 1 
ATOM   781  N NE2 . GLN B 1 34 ? 6.539   -12.510 -7.340  1.00 61.32 ? 96   GLN B NE2 1 
ATOM   782  N N   . ARG B 1 35 ? 9.291   -16.421 -3.359  1.00 64.75 ? 97   ARG B N   1 
ATOM   783  C CA  . ARG B 1 35 ? 10.135  -17.524 -2.887  1.00 66.13 ? 97   ARG B CA  1 
ATOM   784  C C   . ARG B 1 35 ? 11.615  -17.276 -3.215  1.00 66.58 ? 97   ARG B C   1 
ATOM   785  O O   . ARG B 1 35 ? 12.358  -18.199 -3.598  1.00 66.62 ? 97   ARG B O   1 
ATOM   786  C CB  . ARG B 1 35 ? 9.664   -18.862 -3.490  1.00 66.37 ? 97   ARG B CB  1 
ATOM   787  C CG  . ARG B 1 35 ? 8.150   -19.135 -3.403  1.00 67.06 ? 97   ARG B CG  1 
ATOM   788  C CD  . ARG B 1 35 ? 7.646   -19.565 -2.028  1.00 68.26 ? 97   ARG B CD  1 
ATOM   789  N NE  . ARG B 1 35 ? 7.814   -20.993 -1.762  1.00 71.79 ? 97   ARG B NE  1 
ATOM   790  C CZ  . ARG B 1 35 ? 8.795   -21.528 -1.027  1.00 73.16 ? 97   ARG B CZ  1 
ATOM   791  N NH1 . ARG B 1 35 ? 9.730   -20.762 -0.479  1.00 72.60 ? 97   ARG B NH1 1 
ATOM   792  N NH2 . ARG B 1 35 ? 8.832   -22.845 -0.832  1.00 75.06 ? 97   ARG B NH2 1 
ATOM   793  N N   . LEU B 1 36 ? 11.996  -16.001 -3.078  1.00 67.02 ? 98   LEU B N   1 
ATOM   794  C CA  . LEU B 1 36 ? 13.329  -15.483 -3.341  1.00 66.81 ? 98   LEU B CA  1 
ATOM   795  C C   . LEU B 1 36 ? 14.303  -15.894 -2.259  1.00 67.72 ? 98   LEU B C   1 
ATOM   796  O O   . LEU B 1 36 ? 13.944  -16.000 -1.087  1.00 67.03 ? 98   LEU B O   1 
ATOM   797  C CB  . LEU B 1 36 ? 13.274  -13.962 -3.457  1.00 66.15 ? 98   LEU B CB  1 
ATOM   798  C CG  . LEU B 1 36 ? 12.775  -13.468 -4.815  1.00 64.38 ? 98   LEU B CG  1 
ATOM   799  C CD1 . LEU B 1 36 ? 12.196  -12.080 -4.705  1.00 64.26 ? 98   LEU B CD1 1 
ATOM   800  C CD2 . LEU B 1 36 ? 13.883  -13.494 -5.832  1.00 61.89 ? 98   LEU B CD2 1 
ATOM   801  N N   . GLN B 1 37 ? 15.547  -16.127 -2.661  1.00 69.53 ? 99   GLN B N   1 
ATOM   802  C CA  . GLN B 1 37 ? 16.495  -16.833 -1.791  1.00 71.45 ? 99   GLN B CA  1 
ATOM   803  C C   . GLN B 1 37 ? 17.511  -15.976 -1.049  1.00 71.78 ? 99   GLN B C   1 
ATOM   804  O O   . GLN B 1 37 ? 18.260  -16.497 -0.209  1.00 72.23 ? 99   GLN B O   1 
ATOM   805  C CB  . GLN B 1 37 ? 17.246  -17.926 -2.558  1.00 71.51 ? 99   GLN B CB  1 
ATOM   806  C CG  . GLN B 1 37 ? 16.358  -18.807 -3.390  1.00 74.31 ? 99   GLN B CG  1 
ATOM   807  C CD  . GLN B 1 37 ? 17.030  -19.171 -4.686  1.00 77.83 ? 99   GLN B CD  1 
ATOM   808  O OE1 . GLN B 1 37 ? 17.988  -18.497 -5.112  1.00 79.23 ? 99   GLN B OE1 1 
ATOM   809  N NE2 . GLN B 1 37 ? 16.544  -20.241 -5.326  1.00 79.42 ? 99   GLN B NE2 1 
ATOM   810  N N   . SER B 1 38 ? 17.554  -14.686 -1.350  1.00 72.09 ? 100  SER B N   1 
ATOM   811  C CA  . SER B 1 38 ? 18.647  -13.884 -0.833  1.00 72.58 ? 100  SER B CA  1 
ATOM   812  C C   . SER B 1 38 ? 18.279  -12.946 0.281   1.00 72.49 ? 100  SER B C   1 
ATOM   813  O O   . SER B 1 38 ? 17.521  -13.277 1.196   1.00 73.01 ? 100  SER B O   1 
ATOM   814  C CB  . SER B 1 38 ? 19.248  -13.056 -1.962  1.00 72.75 ? 100  SER B CB  1 
ATOM   815  O OG  . SER B 1 38 ? 20.318  -13.750 -2.573  1.00 74.76 ? 100  SER B OG  1 
ATOM   816  N N   . GLU B 1 39 ? 18.882  -11.773 0.193   1.00 71.95 ? 101  GLU B N   1 
ATOM   817  C CA  . GLU B 1 39 ? 18.617  -10.633 1.051   1.00 71.13 ? 101  GLU B CA  1 
ATOM   818  C C   . GLU B 1 39 ? 18.659  -9.493  0.059   1.00 70.39 ? 101  GLU B C   1 
ATOM   819  O O   . GLU B 1 39 ? 17.754  -8.645  0.019   1.00 70.36 ? 101  GLU B O   1 
ATOM   820  C CB  . GLU B 1 39 ? 19.698  -10.460 2.114   1.00 70.97 ? 101  GLU B CB  1 
ATOM   821  C CG  . GLU B 1 39 ? 19.430  -11.223 3.393   1.00 71.72 ? 101  GLU B CG  1 
ATOM   822  C CD  . GLU B 1 39 ? 20.195  -10.657 4.577   1.00 74.95 ? 101  GLU B CD  1 
ATOM   823  O OE1 . GLU B 1 39 ? 21.296  -10.106 4.376   1.00 76.50 ? 101  GLU B OE1 1 
ATOM   824  O OE2 . GLU B 1 39 ? 19.696  -10.759 5.721   1.00 76.05 ? 101  GLU B OE2 1 
ATOM   825  N N   . GLN B 1 40 ? 19.701  -9.526  -0.775  1.00 69.05 ? 102  GLN B N   1 
ATOM   826  C CA  . GLN B 1 40 ? 19.807  -8.587  -1.877  1.00 68.68 ? 102  GLN B CA  1 
ATOM   827  C C   . GLN B 1 40 ? 18.629  -8.781  -2.826  1.00 68.02 ? 102  GLN B C   1 
ATOM   828  O O   . GLN B 1 40 ? 18.032  -7.808  -3.284  1.00 68.37 ? 102  GLN B O   1 
ATOM   829  C CB  . GLN B 1 40 ? 21.160  -8.691  -2.592  1.00 68.71 ? 102  GLN B CB  1 
ATOM   830  C CG  . GLN B 1 40 ? 22.116  -7.524  -2.296  1.00 70.01 ? 102  GLN B CG  1 
ATOM   831  C CD  . GLN B 1 40 ? 21.446  -6.164  -2.459  1.00 71.65 ? 102  GLN B CD  1 
ATOM   832  O OE1 . GLN B 1 40 ? 21.378  -5.627  -3.563  1.00 73.09 ? 102  GLN B OE1 1 
ATOM   833  N NE2 . GLN B 1 40 ? 20.931  -5.567  -1.396  1.00 73.60 ? 102  GLN B NE2 1 
ATOM   834  N N   . GLU B 1 41 ? 18.263  -10.035 -3.080  1.00 67.19 ? 103  GLU B N   1 
ATOM   835  C CA  . GLU B 1 41 ? 17.132  -10.348 -3.946  1.00 66.53 ? 103  GLU B CA  1 
ATOM   836  C C   . GLU B 1 41 ? 15.838  -9.758  -3.382  1.00 65.80 ? 103  GLU B C   1 
ATOM   837  O O   . GLU B 1 41 ? 15.078  -9.105  -4.110  1.00 65.84 ? 103  GLU B O   1 
ATOM   838  C CB  . GLU B 1 41 ? 16.970  -11.853 -4.097  1.00 66.66 ? 103  GLU B CB  1 
ATOM   839  C CG  . GLU B 1 41 ? 17.721  -12.528 -5.243  1.00 66.95 ? 103  GLU B CG  1 
ATOM   840  C CD  . GLU B 1 41 ? 17.643  -14.054 -5.116  1.00 68.33 ? 103  GLU B CD  1 
ATOM   841  O OE1 . GLU B 1 41 ? 18.042  -14.580 -4.057  1.00 67.68 ? 103  GLU B OE1 1 
ATOM   842  O OE2 . GLU B 1 41 ? 17.154  -14.742 -6.043  1.00 68.91 ? 103  GLU B OE2 1 
ATOM   843  N N   . VAL B 1 42 ? 15.622  -9.975  -2.085  1.00 64.64 ? 104  VAL B N   1 
ATOM   844  C CA  . VAL B 1 42 ? 14.418  -9.547  -1.387  1.00 63.69 ? 104  VAL B CA  1 
ATOM   845  C C   . VAL B 1 42 ? 14.278  -8.036  -1.445  1.00 63.38 ? 104  VAL B C   1 
ATOM   846  O O   . VAL B 1 42 ? 13.252  -7.501  -1.879  1.00 63.12 ? 104  VAL B O   1 
ATOM   847  C CB  . VAL B 1 42 ? 14.476  -9.995  0.087   1.00 63.77 ? 104  VAL B CB  1 
ATOM   848  C CG1 . VAL B 1 42 ? 13.360  -9.373  0.900   1.00 62.92 ? 104  VAL B CG1 1 
ATOM   849  C CG2 . VAL B 1 42 ? 14.404  -11.520 0.168   1.00 64.08 ? 104  VAL B CG2 1 
ATOM   850  N N   . LEU B 1 43 ? 15.343  -7.358  -1.029  1.00 63.22 ? 105  LEU B N   1 
ATOM   851  C CA  . LEU B 1 43 ? 15.355  -5.908  -0.910  1.00 62.40 ? 105  LEU B CA  1 
ATOM   852  C C   . LEU B 1 43 ? 15.109  -5.257  -2.257  1.00 61.86 ? 105  LEU B C   1 
ATOM   853  O O   . LEU B 1 43 ? 14.265  -4.351  -2.370  1.00 61.99 ? 105  LEU B O   1 
ATOM   854  C CB  . LEU B 1 43 ? 16.676  -5.442  -0.333  1.00 62.44 ? 105  LEU B CB  1 
ATOM   855  C CG  . LEU B 1 43 ? 16.844  -3.947  -0.066  1.00 62.82 ? 105  LEU B CG  1 
ATOM   856  C CD1 . LEU B 1 43 ? 17.746  -3.771  1.119   1.00 61.57 ? 105  LEU B CD1 1 
ATOM   857  C CD2 . LEU B 1 43 ? 17.438  -3.217  -1.300  1.00 63.78 ? 105  LEU B CD2 1 
ATOM   858  N N   . ASN B 1 44 ? 15.818  -5.740  -3.276  1.00 60.93 ? 106  ASN B N   1 
ATOM   859  C CA  . ASN B 1 44 ? 15.635  -5.228  -4.626  1.00 60.21 ? 106  ASN B CA  1 
ATOM   860  C C   . ASN B 1 44 ? 14.212  -5.428  -5.064  1.00 59.57 ? 106  ASN B C   1 
ATOM   861  O O   . ASN B 1 44 ? 13.678  -4.604  -5.813  1.00 60.33 ? 106  ASN B O   1 
ATOM   862  C CB  . ASN B 1 44 ? 16.553  -5.915  -5.615  1.00 60.75 ? 106  ASN B CB  1 
ATOM   863  C CG  . ASN B 1 44 ? 18.036  -5.649  -5.347  1.00 61.90 ? 106  ASN B CG  1 
ATOM   864  O OD1 . ASN B 1 44 ? 18.451  -5.242  -4.240  1.00 64.67 ? 106  ASN B OD1 1 
ATOM   865  N ND2 . ASN B 1 44 ? 18.848  -5.905  -6.359  1.00 62.10 ? 106  ASN B ND2 1 
ATOM   866  N N   . TYR B 1 45 ? 13.580  -6.495  -4.571  1.00 57.93 ? 107  TYR B N   1 
ATOM   867  C CA  . TYR B 1 45 ? 12.189  -6.736  -4.904  1.00 56.60 ? 107  TYR B CA  1 
ATOM   868  C C   . TYR B 1 45 ? 11.185  -5.812  -4.167  1.00 56.18 ? 107  TYR B C   1 
ATOM   869  O O   . TYR B 1 45 ? 10.353  -5.146  -4.811  1.00 56.09 ? 107  TYR B O   1 
ATOM   870  C CB  . TYR B 1 45 ? 11.818  -8.206  -4.717  1.00 56.62 ? 107  TYR B CB  1 
ATOM   871  C CG  . TYR B 1 45 ? 10.374  -8.455  -5.055  1.00 55.09 ? 107  TYR B CG  1 
ATOM   872  C CD1 . TYR B 1 45 ? 9.983   -8.688  -6.372  1.00 53.58 ? 107  TYR B CD1 1 
ATOM   873  C CD2 . TYR B 1 45 ? 9.395   -8.383  -4.069  1.00 52.95 ? 107  TYR B CD2 1 
ATOM   874  C CE1 . TYR B 1 45 ? 8.662   -8.877  -6.687  1.00 54.39 ? 107  TYR B CE1 1 
ATOM   875  C CE2 . TYR B 1 45 ? 8.074   -8.558  -4.367  1.00 53.80 ? 107  TYR B CE2 1 
ATOM   876  C CZ  . TYR B 1 45 ? 7.707   -8.811  -5.679  1.00 55.06 ? 107  TYR B CZ  1 
ATOM   877  O OH  . TYR B 1 45 ? 6.387   -9.018  -5.995  1.00 54.28 ? 107  TYR B OH  1 
ATOM   878  N N   . ILE B 1 46 ? 11.238  -5.784  -2.841  1.00 54.99 ? 108  ILE B N   1 
ATOM   879  C CA  . ILE B 1 46 ? 10.408  -4.845  -2.103  1.00 54.28 ? 108  ILE B CA  1 
ATOM   880  C C   . ILE B 1 46 ? 10.547  -3.458  -2.748  1.00 54.35 ? 108  ILE B C   1 
ATOM   881  O O   . ILE B 1 46 ? 9.541   -2.798  -3.065  1.00 54.04 ? 108  ILE B O   1 
ATOM   882  C CB  . ILE B 1 46 ? 10.809  -4.814  -0.628  1.00 54.19 ? 108  ILE B CB  1 
ATOM   883  C CG1 . ILE B 1 46 ? 10.561  -6.176  0.014   1.00 55.14 ? 108  ILE B CG1 1 
ATOM   884  C CG2 . ILE B 1 46 ? 10.008  -3.778  0.139   1.00 54.38 ? 108  ILE B CG2 1 
ATOM   885  C CD1 . ILE B 1 46 ? 11.408  -6.431  1.243   1.00 55.67 ? 108  ILE B CD1 1 
ATOM   886  N N   . GLU B 1 47 ? 11.794  -3.044  -2.998  1.00 53.81 ? 109  GLU B N   1 
ATOM   887  C CA  . GLU B 1 47 ? 12.054  -1.698  -3.517  1.00 53.25 ? 109  GLU B CA  1 
ATOM   888  C C   . GLU B 1 47 ? 11.354  -1.403  -4.837  1.00 52.62 ? 109  GLU B C   1 
ATOM   889  O O   . GLU B 1 47 ? 10.839  -0.319  -5.037  1.00 52.04 ? 109  GLU B O   1 
ATOM   890  C CB  . GLU B 1 47 ? 13.551  -1.420  -3.630  1.00 53.39 ? 109  GLU B CB  1 
ATOM   891  C CG  . GLU B 1 47 ? 14.196  -0.934  -2.333  1.00 54.40 ? 109  GLU B CG  1 
ATOM   892  C CD  . GLU B 1 47 ? 13.718  0.443   -1.935  1.00 56.37 ? 109  GLU B CD  1 
ATOM   893  O OE1 . GLU B 1 47 ? 13.690  0.760   -0.705  1.00 54.45 ? 109  GLU B OE1 1 
ATOM   894  O OE2 . GLU B 1 47 ? 13.343  1.196   -2.875  1.00 57.76 ? 109  GLU B OE2 1 
ATOM   895  N N   . THR B 1 48 ? 11.339  -2.378  -5.730  1.00 52.62 ? 110  THR B N   1 
ATOM   896  C CA  . THR B 1 48 ? 10.652  -2.243  -7.007  1.00 52.19 ? 110  THR B CA  1 
ATOM   897  C C   . THR B 1 48 ? 9.191   -2.029  -6.703  1.00 52.04 ? 110  THR B C   1 
ATOM   898  O O   . THR B 1 48 ? 8.463   -1.359  -7.453  1.00 51.88 ? 110  THR B O   1 
ATOM   899  C CB  . THR B 1 48 ? 10.788  -3.567  -7.788  1.00 52.78 ? 110  THR B CB  1 
ATOM   900  O OG1 . THR B 1 48 ? 12.163  -3.816  -8.138  1.00 50.64 ? 110  THR B OG1 1 
ATOM   901  C CG2 . THR B 1 48 ? 10.028  -3.497  -9.114  1.00 53.36 ? 110  THR B CG2 1 
ATOM   902  N N   . GLN B 1 49 ? 8.760   -2.617  -5.586  1.00 51.45 ? 111  GLN B N   1 
ATOM   903  C CA  . GLN B 1 49 ? 7.342   -2.641  -5.250  1.00 51.00 ? 111  GLN B CA  1 
ATOM   904  C C   . GLN B 1 49 ? 6.926   -1.318  -4.615  1.00 50.48 ? 111  GLN B C   1 
ATOM   905  O O   . GLN B 1 49 ? 5.844   -0.801  -4.904  1.00 50.26 ? 111  GLN B O   1 
ATOM   906  C CB  . GLN B 1 49 ? 6.999   -3.856  -4.357  1.00 50.87 ? 111  GLN B CB  1 
ATOM   907  C CG  . GLN B 1 49 ? 6.828   -5.213  -5.102  1.00 50.24 ? 111  GLN B CG  1 
ATOM   908  C CD  . GLN B 1 49 ? 5.937   -5.133  -6.344  1.00 48.73 ? 111  GLN B CD  1 
ATOM   909  O OE1 . GLN B 1 49 ? 6.438   -5.126  -7.467  1.00 49.00 ? 111  GLN B OE1 1 
ATOM   910  N NE2 . GLN B 1 49 ? 4.619   -5.063  -6.140  1.00 48.24 ? 111  GLN B NE2 1 
ATOM   911  N N   . ARG B 1 50 ? 7.803   -0.788  -3.765  1.00 49.55 ? 112  ARG B N   1 
ATOM   912  C CA  . ARG B 1 50 ? 7.628   0.530   -3.212  1.00 49.50 ? 112  ARG B CA  1 
ATOM   913  C C   . ARG B 1 50 ? 7.584   1.582   -4.305  1.00 50.41 ? 112  ARG B C   1 
ATOM   914  O O   . ARG B 1 50 ? 6.650   2.391   -4.320  1.00 50.25 ? 112  ARG B O   1 
ATOM   915  C CB  . ARG B 1 50 ? 8.699   0.829   -2.190  1.00 49.00 ? 112  ARG B CB  1 
ATOM   916  C CG  . ARG B 1 50 ? 8.636   -0.106  -0.972  1.00 48.89 ? 112  ARG B CG  1 
ATOM   917  C CD  . ARG B 1 50 ? 8.889   0.577   0.343   1.00 48.06 ? 112  ARG B CD  1 
ATOM   918  N NE  . ARG B 1 50 ? 10.207  1.199   0.264   1.00 52.29 ? 112  ARG B NE  1 
ATOM   919  C CZ  . ARG B 1 50 ? 10.526  2.411   0.716   1.00 50.45 ? 112  ARG B CZ  1 
ATOM   920  N NH1 . ARG B 1 50 ? 9.649   3.179   1.352   1.00 47.73 ? 112  ARG B NH1 1 
ATOM   921  N NH2 . ARG B 1 50 ? 11.758  2.836   0.532   1.00 50.80 ? 112  ARG B NH2 1 
ATOM   922  N N   . THR B 1 51 ? 8.559   1.560   -5.230  1.00 51.34 ? 113  THR B N   1 
ATOM   923  C CA  . THR B 1 51 ? 8.527   2.429   -6.417  1.00 52.39 ? 113  THR B CA  1 
ATOM   924  C C   . THR B 1 51 ? 7.155   2.344   -7.070  1.00 53.32 ? 113  THR B C   1 
ATOM   925  O O   . THR B 1 51 ? 6.545   3.358   -7.409  1.00 53.75 ? 113  THR B O   1 
ATOM   926  C CB  . THR B 1 51 ? 9.578   2.017   -7.466  1.00 52.46 ? 113  THR B CB  1 
ATOM   927  O OG1 . THR B 1 51 ? 10.881  2.144   -6.912  1.00 53.07 ? 113  THR B OG1 1 
ATOM   928  C CG2 . THR B 1 51 ? 9.599   3.001   -8.649  1.00 51.47 ? 113  THR B CG2 1 
ATOM   929  N N   . TYR B 1 52 ? 6.679   1.112   -7.235  1.00 53.85 ? 114  TYR B N   1 
ATOM   930  C CA  . TYR B 1 52 ? 5.408   0.855   -7.897  1.00 53.43 ? 114  TYR B CA  1 
ATOM   931  C C   . TYR B 1 52 ? 4.287   1.442   -7.094  1.00 52.64 ? 114  TYR B C   1 
ATOM   932  O O   . TYR B 1 52 ? 3.404   2.079   -7.633  1.00 52.80 ? 114  TYR B O   1 
ATOM   933  C CB  . TYR B 1 52 ? 5.185   -0.657  -8.090  1.00 53.52 ? 114  TYR B CB  1 
ATOM   934  C CG  . TYR B 1 52 ? 3.773   -0.996  -8.477  1.00 54.29 ? 114  TYR B CG  1 
ATOM   935  C CD1 . TYR B 1 52 ? 2.886   -1.513  -7.543  1.00 55.57 ? 114  TYR B CD1 1 
ATOM   936  C CD2 . TYR B 1 52 ? 3.309   -0.778  -9.781  1.00 55.74 ? 114  TYR B CD2 1 
ATOM   937  C CE1 . TYR B 1 52 ? 1.575   -1.805  -7.895  1.00 57.06 ? 114  TYR B CE1 1 
ATOM   938  C CE2 . TYR B 1 52 ? 1.994   -1.085  -10.143 1.00 55.58 ? 114  TYR B CE2 1 
ATOM   939  C CZ  . TYR B 1 52 ? 1.136   -1.592  -9.198  1.00 56.03 ? 114  TYR B CZ  1 
ATOM   940  O OH  . TYR B 1 52 ? -0.172  -1.885  -9.533  1.00 58.00 ? 114  TYR B OH  1 
ATOM   941  N N   . TRP B 1 53 ? 4.308   1.224   -5.789  1.00 52.52 ? 115  TRP B N   1 
ATOM   942  C CA  . TRP B 1 53 ? 3.150   1.637   -5.014  1.00 52.32 ? 115  TRP B CA  1 
ATOM   943  C C   . TRP B 1 53 ? 3.123   3.135   -4.849  1.00 52.09 ? 115  TRP B C   1 
ATOM   944  O O   . TRP B 1 53 ? 2.060   3.703   -4.792  1.00 52.02 ? 115  TRP B O   1 
ATOM   945  C CB  . TRP B 1 53 ? 3.027   0.885   -3.704  1.00 51.83 ? 115  TRP B CB  1 
ATOM   946  C CG  . TRP B 1 53 ? 2.350   -0.426  -3.894  1.00 52.92 ? 115  TRP B CG  1 
ATOM   947  C CD1 . TRP B 1 53 ? 2.934   -1.678  -3.873  1.00 54.10 ? 115  TRP B CD1 1 
ATOM   948  C CD2 . TRP B 1 53 ? 0.955   -0.648  -4.165  1.00 53.11 ? 115  TRP B CD2 1 
ATOM   949  N NE1 . TRP B 1 53 ? 1.984   -2.649  -4.100  1.00 53.82 ? 115  TRP B NE1 1 
ATOM   950  C CE2 . TRP B 1 53 ? 0.762   -2.048  -4.275  1.00 52.80 ? 115  TRP B CE2 1 
ATOM   951  C CE3 . TRP B 1 53 ? -0.160  0.195   -4.315  1.00 50.61 ? 115  TRP B CE3 1 
ATOM   952  C CZ2 . TRP B 1 53 ? -0.489  -2.608  -4.524  1.00 50.98 ? 115  TRP B CZ2 1 
ATOM   953  C CZ3 . TRP B 1 53 ? -1.390  -0.367  -4.549  1.00 48.33 ? 115  TRP B CZ3 1 
ATOM   954  C CH2 . TRP B 1 53 ? -1.548  -1.752  -4.660  1.00 49.16 ? 115  TRP B CH2 1 
ATOM   955  N N   . LYS B 1 54 ? 4.304   3.759   -4.817  1.00 52.29 ? 116  LYS B N   1 
ATOM   956  C CA  . LYS B 1 54 ? 4.449   5.208   -4.790  1.00 51.84 ? 116  LYS B CA  1 
ATOM   957  C C   . LYS B 1 54 ? 3.772   5.797   -5.999  1.00 51.40 ? 116  LYS B C   1 
ATOM   958  O O   . LYS B 1 54 ? 3.015   6.775   -5.904  1.00 51.44 ? 116  LYS B O   1 
ATOM   959  C CB  . LYS B 1 54 ? 5.928   5.587   -4.759  1.00 52.53 ? 116  LYS B CB  1 
ATOM   960  C CG  . LYS B 1 54 ? 6.309   6.830   -5.575  1.00 54.59 ? 116  LYS B CG  1 
ATOM   961  C CD  . LYS B 1 54 ? 7.748   7.246   -5.306  1.00 56.18 ? 116  LYS B CD  1 
ATOM   962  C CE  . LYS B 1 54 ? 8.641   7.010   -6.542  1.00 58.16 ? 116  LYS B CE  1 
ATOM   963  N NZ  . LYS B 1 54 ? 9.997   6.458   -6.180  1.00 59.52 ? 116  LYS B NZ  1 
ATOM   964  N N   . LEU B 1 55 ? 4.005   5.167   -7.139  1.00 50.83 ? 117  LEU B N   1 
ATOM   965  C CA  . LEU B 1 55 ? 3.368   5.592   -8.366  1.00 50.77 ? 117  LEU B CA  1 
ATOM   966  C C   . LEU B 1 55 ? 1.848   5.429   -8.415  1.00 50.78 ? 117  LEU B C   1 
ATOM   967  O O   . LEU B 1 55 ? 1.188   6.286   -8.955  1.00 50.82 ? 117  LEU B O   1 
ATOM   968  C CB  . LEU B 1 55 ? 4.014   4.892   -9.550  1.00 50.63 ? 117  LEU B CB  1 
ATOM   969  C CG  . LEU B 1 55 ? 5.012   5.724   -10.351 1.00 50.85 ? 117  LEU B CG  1 
ATOM   970  C CD1 . LEU B 1 55 ? 5.516   6.961   -9.600  1.00 50.67 ? 117  LEU B CD1 1 
ATOM   971  C CD2 . LEU B 1 55 ? 6.161   4.868   -10.726 1.00 49.48 ? 117  LEU B CD2 1 
ATOM   972  N N   . GLU B 1 56 ? 1.309   4.331   -7.862  1.00 51.22 ? 118  GLU B N   1 
ATOM   973  C CA  . GLU B 1 56 ? -0.126  4.017   -7.924  1.00 50.78 ? 118  GLU B CA  1 
ATOM   974  C C   . GLU B 1 56 ? -0.925  4.942   -7.022  1.00 51.14 ? 118  GLU B C   1 
ATOM   975  O O   . GLU B 1 56 ? -2.089  5.245   -7.290  1.00 51.37 ? 118  GLU B O   1 
ATOM   976  C CB  . GLU B 1 56 ? -0.353  2.566   -7.504  1.00 51.27 ? 118  GLU B CB  1 
ATOM   977  C CG  . GLU B 1 56 ? -1.703  1.948   -7.868  1.00 49.96 ? 118  GLU B CG  1 
ATOM   978  C CD  . GLU B 1 56 ? -1.890  1.703   -9.347  1.00 48.92 ? 118  GLU B CD  1 
ATOM   979  O OE1 . GLU B 1 56 ? -3.052  1.618   -9.793  1.00 48.34 ? 118  GLU B OE1 1 
ATOM   980  O OE2 . GLU B 1 56 ? -0.892  1.592   -10.080 1.00 50.94 ? 118  GLU B OE2 1 
ATOM   981  N N   . ASN B 1 57 ? -0.290  5.396   -5.950  1.00 50.84 ? 119  ASN B N   1 
ATOM   982  C CA  . ASN B 1 57 ? -0.946  6.249   -4.994  1.00 50.75 ? 119  ASN B CA  1 
ATOM   983  C C   . ASN B 1 57 ? -0.913  7.687   -5.532  1.00 51.67 ? 119  ASN B C   1 
ATOM   984  O O   . ASN B 1 57 ? -1.568  8.602   -5.005  1.00 51.13 ? 119  ASN B O   1 
ATOM   985  C CB  . ASN B 1 57 ? -0.266  6.115   -3.615  1.00 50.31 ? 119  ASN B CB  1 
ATOM   986  C CG  . ASN B 1 57 ? -0.687  4.843   -2.846  1.00 48.40 ? 119  ASN B CG  1 
ATOM   987  O OD1 . ASN B 1 57 ? -1.853  4.618   -2.563  1.00 45.99 ? 119  ASN B OD1 1 
ATOM   988  N ND2 . ASN B 1 57 ? 0.280   4.024   -2.505  1.00 47.70 ? 119  ASN B ND2 1 
ATOM   989  N N   . GLN B 1 58 ? -0.139  7.876   -6.596  1.00 52.78 ? 120  GLN B N   1 
ATOM   990  C CA  . GLN B 1 58 ? 0.031   9.193   -7.218  1.00 53.48 ? 120  GLN B CA  1 
ATOM   991  C C   . GLN B 1 58 ? -0.977  9.415   -8.306  1.00 53.53 ? 120  GLN B C   1 
ATOM   992  O O   . GLN B 1 58 ? -1.356  10.536  -8.563  1.00 54.03 ? 120  GLN B O   1 
ATOM   993  C CB  . GLN B 1 58 ? 1.413   9.312   -7.823  1.00 53.86 ? 120  GLN B CB  1 
ATOM   994  C CG  . GLN B 1 58 ? 2.043   10.660  -7.705  1.00 56.27 ? 120  GLN B CG  1 
ATOM   995  C CD  . GLN B 1 58 ? 3.543   10.583  -7.852  1.00 58.62 ? 120  GLN B CD  1 
ATOM   996  O OE1 . GLN B 1 58 ? 4.060   9.825   -8.683  1.00 61.20 ? 120  GLN B OE1 1 
ATOM   997  N NE2 . GLN B 1 58 ? 4.250   11.350  -7.039  1.00 60.10 ? 120  GLN B NE2 1 
ATOM   998  N N   . LYS B 1 59 ? -1.419  8.338   -8.950  1.00 53.95 ? 121  LYS B N   1 
ATOM   999  C CA  . LYS B 1 59 ? -2.377  8.447   -10.030 1.00 54.23 ? 121  LYS B CA  1 
ATOM   1000 C C   . LYS B 1 59 ? -3.479  9.415   -9.638  1.00 55.61 ? 121  LYS B C   1 
ATOM   1001 O O   . LYS B 1 59 ? -3.811  9.535   -8.476  1.00 55.62 ? 121  LYS B O   1 
ATOM   1002 C CB  . LYS B 1 59 ? -2.897  7.070   -10.418 1.00 53.28 ? 121  LYS B CB  1 
ATOM   1003 C CG  . LYS B 1 59 ? -1.768  6.124   -10.798 1.00 51.47 ? 121  LYS B CG  1 
ATOM   1004 C CD  . LYS B 1 59 ? -2.028  5.281   -12.038 1.00 48.06 ? 121  LYS B CD  1 
ATOM   1005 C CE  . LYS B 1 59 ? -0.879  4.264   -12.250 1.00 47.19 ? 121  LYS B CE  1 
ATOM   1006 N NZ  . LYS B 1 59 ? -1.213  2.957   -12.955 1.00 45.85 ? 121  LYS B NZ  1 
ATOM   1007 N N   . LYS B 1 60 ? -4.006  10.158  -10.601 1.00 58.13 ? 122  LYS B N   1 
ATOM   1008 C CA  . LYS B 1 60 ? -5.039  11.150  -10.302 1.00 60.22 ? 122  LYS B CA  1 
ATOM   1009 C C   . LYS B 1 60 ? -6.375  10.494  -10.511 1.00 60.92 ? 122  LYS B C   1 
ATOM   1010 O O   . LYS B 1 60 ? -6.593  9.901   -11.559 1.00 61.02 ? 122  LYS B O   1 
ATOM   1011 C CB  . LYS B 1 60 ? -4.891  12.427  -11.167 1.00 60.30 ? 122  LYS B CB  1 
ATOM   1012 C CG  . LYS B 1 60 ? -5.819  13.611  -10.776 1.00 61.74 ? 122  LYS B CG  1 
ATOM   1013 C CD  . LYS B 1 60 ? -6.002  14.632  -11.935 1.00 65.15 ? 122  LYS B CD  1 
ATOM   1014 C CE  . LYS B 1 60 ? -7.419  14.565  -12.600 1.00 66.78 ? 122  LYS B CE  1 
ATOM   1015 N NZ  . LYS B 1 60 ? -7.993  15.908  -13.025 1.00 65.04 ? 122  LYS B NZ  1 
ATOM   1016 N N   . LEU B 1 61 ? -7.257  10.593  -9.517  1.00 62.73 ? 123  LEU B N   1 
ATOM   1017 C CA  . LEU B 1 61 ? -8.594  10.016  -9.631  1.00 64.92 ? 123  LEU B CA  1 
ATOM   1018 C C   . LEU B 1 61 ? -9.574  10.824  -10.461 1.00 66.86 ? 123  LEU B C   1 
ATOM   1019 O O   . LEU B 1 61 ? -9.653  12.049  -10.329 1.00 67.55 ? 123  LEU B O   1 
ATOM   1020 C CB  . LEU B 1 61 ? -9.222  9.776   -8.255  1.00 64.40 ? 123  LEU B CB  1 
ATOM   1021 C CG  . LEU B 1 61 ? -10.691 9.361   -8.420  1.00 62.89 ? 123  LEU B CG  1 
ATOM   1022 C CD1 . LEU B 1 61 ? -10.901 7.846   -8.556  1.00 60.11 ? 123  LEU B CD1 1 
ATOM   1023 C CD2 . LEU B 1 61 ? -11.539 9.967   -7.334  1.00 60.52 ? 123  LEU B CD2 1 
ATOM   1024 N N   . TYR B 1 62 ? -10.358 10.105  -11.269 1.00 69.41 ? 124  TYR B N   1 
ATOM   1025 C CA  . TYR B 1 62 ? -11.507 10.669  -11.976 1.00 72.06 ? 124  TYR B CA  1 
ATOM   1026 C C   . TYR B 1 62 ? -12.838 10.465  -11.191 1.00 73.13 ? 124  TYR B C   1 
ATOM   1027 O O   . TYR B 1 62 ? -13.259 9.317   -10.963 1.00 73.94 ? 124  TYR B O   1 
ATOM   1028 C CB  . TYR B 1 62 ? -11.636 10.064  -13.372 1.00 71.99 ? 124  TYR B CB  1 
ATOM   1029 C CG  . TYR B 1 62 ? -13.016 10.294  -13.939 1.00 75.40 ? 124  TYR B CG  1 
ATOM   1030 C CD1 . TYR B 1 62 ? -13.722 9.276   -14.607 1.00 77.02 ? 124  TYR B CD1 1 
ATOM   1031 C CD2 . TYR B 1 62 ? -13.637 11.549  -13.775 1.00 78.19 ? 124  TYR B CD2 1 
ATOM   1032 C CE1 . TYR B 1 62 ? -14.997 9.538   -15.108 1.00 79.34 ? 124  TYR B CE1 1 
ATOM   1033 C CE2 . TYR B 1 62 ? -14.902 11.814  -14.260 1.00 79.86 ? 124  TYR B CE2 1 
ATOM   1034 C CZ  . TYR B 1 62 ? -15.581 10.807  -14.932 1.00 81.47 ? 124  TYR B CZ  1 
ATOM   1035 O OH  . TYR B 1 62 ? -16.842 11.085  -15.421 1.00 85.29 ? 124  TYR B OH  1 
ATOM   1036 N N   . ARG B 1 63 ? -13.514 11.581  -10.836 1.00 74.40 ? 125  ARG B N   1 
ATOM   1037 C CA  . ARG B 1 63 ? -14.686 11.584  -9.928  1.00 75.10 ? 125  ARG B CA  1 
ATOM   1038 C C   . ARG B 1 63 ? -15.974 12.243  -10.483 1.00 76.18 ? 125  ARG B C   1 
ATOM   1039 O O   . ARG B 1 63 ? -15.919 13.303  -11.124 1.00 76.13 ? 125  ARG B O   1 
ATOM   1040 C CB  . ARG B 1 63 ? -14.302 12.276  -8.583  1.00 75.03 ? 125  ARG B CB  1 
ATOM   1041 C CG  . ARG B 1 63 ? -13.023 13.183  -8.602  1.00 73.48 ? 125  ARG B CG  1 
ATOM   1042 C CD  . ARG B 1 63 ? -12.784 13.977  -7.317  1.00 71.33 ? 125  ARG B CD  1 
ATOM   1043 N NE  . ARG B 1 63 ? -11.436 13.760  -6.766  1.00 72.75 ? 125  ARG B NE  1 
ATOM   1044 C CZ  . ARG B 1 63 ? -10.872 14.461  -5.769  1.00 72.59 ? 125  ARG B CZ  1 
ATOM   1045 N NH1 . ARG B 1 63 ? -11.524 15.459  -5.179  1.00 73.36 ? 125  ARG B NH1 1 
ATOM   1046 N NH2 . ARG B 1 63 ? -9.640  14.174  -5.366  1.00 70.77 ? 125  ARG B NH2 1 
ATOM   1047 N N   . GLY B 1 64 ? -17.122 11.614  -10.228 1.00 76.99 ? 126  GLY B N   1 
ATOM   1048 C CA  . GLY B 1 64 ? -18.422 12.254  -10.432 1.00 78.09 ? 126  GLY B CA  1 
ATOM   1049 C C   . GLY B 1 64 ? -18.850 12.920  -9.116  1.00 79.15 ? 126  GLY B C   1 
ATOM   1050 O O   . GLY B 1 64 ? -20.019 12.833  -8.705  1.00 79.27 ? 126  GLY B O   1 
ATOM   1051 N N   . SER B 1 65 ? -17.880 13.594  -8.479  1.00 79.72 ? 127  SER B N   1 
ATOM   1052 C CA  . SER B 1 65 ? -17.958 14.063  -7.088  1.00 80.31 ? 127  SER B CA  1 
ATOM   1053 C C   . SER B 1 65 ? -17.538 15.539  -6.930  1.00 80.91 ? 127  SER B C   1 
ATOM   1054 O O   . SER B 1 65 ? -18.322 16.449  -7.220  1.00 81.11 ? 127  SER B O   1 
ATOM   1055 C CB  . SER B 1 65 ? -17.065 13.189  -6.181  1.00 80.13 ? 127  SER B CB  1 
ATOM   1056 O OG  . SER B 1 65 ? -17.815 12.190  -5.498  1.00 79.47 ? 127  SER B OG  1 
ATOM   1057 N N   . LEU B 1 66 ? -16.296 15.731  -6.443  1.00 81.49 ? 128  LEU B N   1 
ATOM   1058 C CA  . LEU B 1 66 ? -15.611 17.036  -6.170  1.00 81.99 ? 128  LEU B CA  1 
ATOM   1059 C C   . LEU B 1 66 ? -15.954 17.628  -4.786  1.00 82.06 ? 128  LEU B C   1 
ATOM   1060 O O   . LEU B 1 66 ? -15.083 17.740  -3.916  1.00 82.10 ? 128  LEU B O   1 
ATOM   1061 C CB  . LEU B 1 66 ? -15.845 18.063  -7.318  1.00 82.22 ? 128  LEU B CB  1 
ATOM   1062 C CG  . LEU B 1 66 ? -15.253 19.495  -7.364  1.00 82.04 ? 128  LEU B CG  1 
ATOM   1063 C CD1 . LEU B 1 66 ? -14.746 19.861  -8.781  1.00 80.24 ? 128  LEU B CD1 1 
ATOM   1064 C CD2 . LEU B 1 66 ? -16.261 20.563  -6.856  1.00 81.97 ? 128  LEU B CD2 1 
HETATM 1065 O O   . HOH C 2 .  ? -19.788 -5.673  1.728   1.00 64.37 ? 2001 HOH A O   1 
HETATM 1066 O O   . HOH C 2 .  ? -20.458 0.048   -9.457  1.00 68.50 ? 2002 HOH A O   1 
HETATM 1067 O O   . HOH C 2 .  ? -14.855 -3.014  -5.307  1.00 74.63 ? 2003 HOH A O   1 
HETATM 1068 O O   . HOH C 2 .  ? -5.365  -1.177  -12.902 1.00 42.48 ? 2004 HOH A O   1 
HETATM 1069 O O   . HOH C 2 .  ? -3.940  3.457   -4.711  1.00 44.76 ? 2005 HOH A O   1 
HETATM 1070 O O   . HOH C 2 .  ? -5.751  -4.178  -6.388  1.00 72.20 ? 2006 HOH A O   1 
HETATM 1071 O O   . HOH C 2 .  ? -4.894  -4.220  -3.927  1.00 46.87 ? 2007 HOH A O   1 
HETATM 1072 O O   . HOH C 2 .  ? -17.516 -6.997  -0.954  1.00 55.04 ? 2008 HOH A O   1 
HETATM 1073 O O   . HOH C 2 .  ? -3.610  0.161   8.498   1.00 64.75 ? 2009 HOH A O   1 
HETATM 1074 O O   . HOH C 2 .  ? -23.263 10.828  -5.095  1.00 64.75 ? 2010 HOH A O   1 
HETATM 1075 O O   . HOH C 2 .  ? -13.609 14.267  4.388   1.00 64.92 ? 2011 HOH A O   1 
HETATM 1076 O O   . HOH C 2 .  ? -1.948  12.093  4.140   1.00 52.78 ? 2012 HOH A O   1 
HETATM 1077 O O   . HOH C 2 .  ? -2.420  7.443   7.942   1.00 38.36 ? 2013 HOH A O   1 
HETATM 1078 O O   . HOH D 2 .  ? 7.246   -16.713 9.722   1.00 66.40 ? 2001 HOH B O   1 
HETATM 1079 O O   . HOH D 2 .  ? 15.893  -8.368  13.575  1.00 69.73 ? 2002 HOH B O   1 
HETATM 1080 O O   . HOH D 2 .  ? 9.234   -8.042  11.009  1.00 82.91 ? 2003 HOH B O   1 
HETATM 1081 O O   . HOH D 2 .  ? 7.012   4.077   11.242  1.00 42.78 ? 2004 HOH B O   1 
HETATM 1082 O O   . HOH D 2 .  ? 2.712   -1.004  9.094   1.00 71.61 ? 2005 HOH B O   1 
HETATM 1083 O O   . HOH D 2 .  ? 6.461   1.442   2.315   1.00 49.99 ? 2006 HOH B O   1 
HETATM 1084 O O   . HOH D 2 .  ? 1.331   -2.009  7.284   1.00 50.69 ? 2007 HOH B O   1 
HETATM 1085 O O   . HOH D 2 .  ? 6.038   -13.748 11.282  1.00 59.75 ? 2008 HOH B O   1 
HETATM 1086 O O   . HOH D 2 .  ? -0.643  -8.011  -4.570  1.00 65.69 ? 2009 HOH B O   1 
HETATM 1087 O O   . HOH D 2 .  ? 23.766  -10.072 4.717   1.00 62.31 ? 2010 HOH B O   1 
HETATM 1088 O O   . HOH D 2 .  ? 16.814  -8.533  -7.177  1.00 57.91 ? 2011 HOH B O   1 
HETATM 1089 O O   . HOH D 2 .  ? 7.988   -0.848  -9.999  1.00 51.44 ? 2012 HOH B O   1 
HETATM 1090 O O   . HOH D 2 .  ? 3.865   -4.713  -9.210  1.00 49.21 ? 2013 HOH B O   1 
HETATM 1091 O O   . HOH D 2 .  ? -2.656  11.393  -4.921  1.00 65.21 ? 2014 HOH B O   1 
# 
